data_3B8J
# 
_entry.id   3B8J 
# 
_audit_conform.dict_name       mmcif_pdbx.dic 
_audit_conform.dict_version    5.387 
_audit_conform.dict_location   http://mmcif.pdb.org/dictionaries/ascii/mmcif_pdbx.dic 
# 
loop_
_database_2.database_id 
_database_2.database_code 
_database_2.pdbx_database_accession 
_database_2.pdbx_DOI 
PDB   3B8J         pdb_00003b8j 10.2210/pdb3b8j/pdb 
RCSB  RCSB045212   ?            ?                   
WWPDB D_1000045212 ?            ?                   
# 
loop_
_pdbx_audit_revision_history.ordinal 
_pdbx_audit_revision_history.data_content_type 
_pdbx_audit_revision_history.major_revision 
_pdbx_audit_revision_history.minor_revision 
_pdbx_audit_revision_history.revision_date 
1 'Structure model' 1 0 2008-09-16 
2 'Structure model' 1 1 2011-07-13 
3 'Structure model' 1 2 2017-10-25 
4 'Structure model' 1 3 2021-10-20 
5 'Structure model' 1 4 2024-02-21 
# 
_pdbx_audit_revision_details.ordinal             1 
_pdbx_audit_revision_details.revision_ordinal    1 
_pdbx_audit_revision_details.data_content_type   'Structure model' 
_pdbx_audit_revision_details.provider            repository 
_pdbx_audit_revision_details.type                'Initial release' 
_pdbx_audit_revision_details.description         ? 
_pdbx_audit_revision_details.details             ? 
# 
loop_
_pdbx_audit_revision_group.ordinal 
_pdbx_audit_revision_group.revision_ordinal 
_pdbx_audit_revision_group.data_content_type 
_pdbx_audit_revision_group.group 
1 2 'Structure model' 'Version format compliance' 
2 3 'Structure model' 'Refinement description'    
3 4 'Structure model' 'Database references'       
4 5 'Structure model' 'Data collection'           
# 
loop_
_pdbx_audit_revision_category.ordinal 
_pdbx_audit_revision_category.revision_ordinal 
_pdbx_audit_revision_category.data_content_type 
_pdbx_audit_revision_category.category 
1 3 'Structure model' software           
2 4 'Structure model' database_2         
3 4 'Structure model' struct_ref_seq_dif 
4 5 'Structure model' chem_comp_atom     
5 5 'Structure model' chem_comp_bond     
# 
loop_
_pdbx_audit_revision_item.ordinal 
_pdbx_audit_revision_item.revision_ordinal 
_pdbx_audit_revision_item.data_content_type 
_pdbx_audit_revision_item.item 
1 4 'Structure model' '_database_2.pdbx_DOI'                
2 4 'Structure model' '_database_2.pdbx_database_accession' 
3 4 'Structure model' '_struct_ref_seq_dif.details'         
# 
_pdbx_database_status.entry_id                        3B8J 
_pdbx_database_status.deposit_site                    RCSB 
_pdbx_database_status.process_site                    RCSB 
_pdbx_database_status.recvd_initial_deposition_date   2007-11-01 
_pdbx_database_status.status_code                     REL 
_pdbx_database_status.status_code_sf                  REL 
_pdbx_database_status.status_code_mr                  ? 
_pdbx_database_status.SG_entry                        ? 
_pdbx_database_status.pdb_format_compatible           Y 
_pdbx_database_status.status_code_cs                  ? 
_pdbx_database_status.methods_development_category    ? 
_pdbx_database_status.status_code_nmr_data            ? 
# 
loop_
_pdbx_database_related.db_name 
_pdbx_database_related.db_id 
_pdbx_database_related.details 
_pdbx_database_related.content_type 
PDB 2qF0 'DegS-deltaPDZ crystal form 1' unspecified 
PDB 2QF3 'DegS-deltaPDZ crystal form2'  unspecified 
PDB 2QGR 'DegS-deltaPDZ R178A mutant'   unspecified 
# 
loop_
_audit_author.name 
_audit_author.pdbx_ordinal 
'Grant, R.A.' 1 
'Sohn, J.'    2 
'Sauer, R.T.' 3 
# 
_citation.id                        primary 
_citation.title                     'biochemical characterization of DegS-deltaPDZ q191A mutant' 
_citation.journal_abbrev            'To be Published' 
_citation.journal_volume            ? 
_citation.page_first                ? 
_citation.page_last                 ? 
_citation.year                      ? 
_citation.journal_id_ASTM           ? 
_citation.country                   ? 
_citation.journal_id_ISSN           ? 
_citation.journal_id_CSD            0353 
_citation.book_publisher            ? 
_citation.pdbx_database_id_PubMed   ? 
_citation.pdbx_database_id_DOI      ? 
# 
loop_
_citation_author.citation_id 
_citation_author.name 
_citation_author.ordinal 
_citation_author.identifier_ORCID 
primary 'Sohn, J.'    1 ? 
primary 'Grant, R.A.' 2 ? 
primary 'Sauer, R.T.' 3 ? 
# 
_entity.id                         1 
_entity.type                       polymer 
_entity.src_method                 man 
_entity.pdbx_description           'Protease degS' 
_entity.formula_weight             26077.398 
_entity.pdbx_number_of_molecules   1 
_entity.pdbx_ec                    3.4.21.- 
_entity.pdbx_mutation              Q191A 
_entity.pdbx_fragment              'RESIDUES 27-256' 
_entity.details                    ? 
# 
_entity_poly.entity_id                      1 
_entity_poly.type                           'polypeptide(L)' 
_entity_poly.nstd_linkage                   no 
_entity_poly.nstd_monomer                   no 
_entity_poly.pdbx_seq_one_letter_code       
;MRGSHHHHHHGRSRSLNPLSTPQFDSTDETPASYNLAVRRAAPAVVNVYNRGLNTNSHNQLEIRTLGSGVIMDQRGYIIT
NKHVINDADQIIVALQDGRVFEALLVGSDSLTDLAVLKINATGGLPTIPINARRVPHIGDVVLAIGNPYNLGQTITQGII
SATGRIGLNPTGRQNFLATDASINHGNSGGALVNSLGELMGINTLSFDKSNDGETPEGIGFAIPFQLATKIMDKLIRDGR
VIR
;
_entity_poly.pdbx_seq_one_letter_code_can   
;MRGSHHHHHHGRSRSLNPLSTPQFDSTDETPASYNLAVRRAAPAVVNVYNRGLNTNSHNQLEIRTLGSGVIMDQRGYIIT
NKHVINDADQIIVALQDGRVFEALLVGSDSLTDLAVLKINATGGLPTIPINARRVPHIGDVVLAIGNPYNLGQTITQGII
SATGRIGLNPTGRQNFLATDASINHGNSGGALVNSLGELMGINTLSFDKSNDGETPEGIGFAIPFQLATKIMDKLIRDGR
VIR
;
_entity_poly.pdbx_strand_id                 A 
_entity_poly.pdbx_target_identifier         ? 
# 
loop_
_entity_poly_seq.entity_id 
_entity_poly_seq.num 
_entity_poly_seq.mon_id 
_entity_poly_seq.hetero 
1 1   MET n 
1 2   ARG n 
1 3   GLY n 
1 4   SER n 
1 5   HIS n 
1 6   HIS n 
1 7   HIS n 
1 8   HIS n 
1 9   HIS n 
1 10  HIS n 
1 11  GLY n 
1 12  ARG n 
1 13  SER n 
1 14  ARG n 
1 15  SER n 
1 16  LEU n 
1 17  ASN n 
1 18  PRO n 
1 19  LEU n 
1 20  SER n 
1 21  THR n 
1 22  PRO n 
1 23  GLN n 
1 24  PHE n 
1 25  ASP n 
1 26  SER n 
1 27  THR n 
1 28  ASP n 
1 29  GLU n 
1 30  THR n 
1 31  PRO n 
1 32  ALA n 
1 33  SER n 
1 34  TYR n 
1 35  ASN n 
1 36  LEU n 
1 37  ALA n 
1 38  VAL n 
1 39  ARG n 
1 40  ARG n 
1 41  ALA n 
1 42  ALA n 
1 43  PRO n 
1 44  ALA n 
1 45  VAL n 
1 46  VAL n 
1 47  ASN n 
1 48  VAL n 
1 49  TYR n 
1 50  ASN n 
1 51  ARG n 
1 52  GLY n 
1 53  LEU n 
1 54  ASN n 
1 55  THR n 
1 56  ASN n 
1 57  SER n 
1 58  HIS n 
1 59  ASN n 
1 60  GLN n 
1 61  LEU n 
1 62  GLU n 
1 63  ILE n 
1 64  ARG n 
1 65  THR n 
1 66  LEU n 
1 67  GLY n 
1 68  SER n 
1 69  GLY n 
1 70  VAL n 
1 71  ILE n 
1 72  MET n 
1 73  ASP n 
1 74  GLN n 
1 75  ARG n 
1 76  GLY n 
1 77  TYR n 
1 78  ILE n 
1 79  ILE n 
1 80  THR n 
1 81  ASN n 
1 82  LYS n 
1 83  HIS n 
1 84  VAL n 
1 85  ILE n 
1 86  ASN n 
1 87  ASP n 
1 88  ALA n 
1 89  ASP n 
1 90  GLN n 
1 91  ILE n 
1 92  ILE n 
1 93  VAL n 
1 94  ALA n 
1 95  LEU n 
1 96  GLN n 
1 97  ASP n 
1 98  GLY n 
1 99  ARG n 
1 100 VAL n 
1 101 PHE n 
1 102 GLU n 
1 103 ALA n 
1 104 LEU n 
1 105 LEU n 
1 106 VAL n 
1 107 GLY n 
1 108 SER n 
1 109 ASP n 
1 110 SER n 
1 111 LEU n 
1 112 THR n 
1 113 ASP n 
1 114 LEU n 
1 115 ALA n 
1 116 VAL n 
1 117 LEU n 
1 118 LYS n 
1 119 ILE n 
1 120 ASN n 
1 121 ALA n 
1 122 THR n 
1 123 GLY n 
1 124 GLY n 
1 125 LEU n 
1 126 PRO n 
1 127 THR n 
1 128 ILE n 
1 129 PRO n 
1 130 ILE n 
1 131 ASN n 
1 132 ALA n 
1 133 ARG n 
1 134 ARG n 
1 135 VAL n 
1 136 PRO n 
1 137 HIS n 
1 138 ILE n 
1 139 GLY n 
1 140 ASP n 
1 141 VAL n 
1 142 VAL n 
1 143 LEU n 
1 144 ALA n 
1 145 ILE n 
1 146 GLY n 
1 147 ASN n 
1 148 PRO n 
1 149 TYR n 
1 150 ASN n 
1 151 LEU n 
1 152 GLY n 
1 153 GLN n 
1 154 THR n 
1 155 ILE n 
1 156 THR n 
1 157 GLN n 
1 158 GLY n 
1 159 ILE n 
1 160 ILE n 
1 161 SER n 
1 162 ALA n 
1 163 THR n 
1 164 GLY n 
1 165 ARG n 
1 166 ILE n 
1 167 GLY n 
1 168 LEU n 
1 169 ASN n 
1 170 PRO n 
1 171 THR n 
1 172 GLY n 
1 173 ARG n 
1 174 GLN n 
1 175 ASN n 
1 176 PHE n 
1 177 LEU n 
1 178 ALA n 
1 179 THR n 
1 180 ASP n 
1 181 ALA n 
1 182 SER n 
1 183 ILE n 
1 184 ASN n 
1 185 HIS n 
1 186 GLY n 
1 187 ASN n 
1 188 SER n 
1 189 GLY n 
1 190 GLY n 
1 191 ALA n 
1 192 LEU n 
1 193 VAL n 
1 194 ASN n 
1 195 SER n 
1 196 LEU n 
1 197 GLY n 
1 198 GLU n 
1 199 LEU n 
1 200 MET n 
1 201 GLY n 
1 202 ILE n 
1 203 ASN n 
1 204 THR n 
1 205 LEU n 
1 206 SER n 
1 207 PHE n 
1 208 ASP n 
1 209 LYS n 
1 210 SER n 
1 211 ASN n 
1 212 ASP n 
1 213 GLY n 
1 214 GLU n 
1 215 THR n 
1 216 PRO n 
1 217 GLU n 
1 218 GLY n 
1 219 ILE n 
1 220 GLY n 
1 221 PHE n 
1 222 ALA n 
1 223 ILE n 
1 224 PRO n 
1 225 PHE n 
1 226 GLN n 
1 227 LEU n 
1 228 ALA n 
1 229 THR n 
1 230 LYS n 
1 231 ILE n 
1 232 MET n 
1 233 ASP n 
1 234 LYS n 
1 235 LEU n 
1 236 ILE n 
1 237 ARG n 
1 238 ASP n 
1 239 GLY n 
1 240 ARG n 
1 241 VAL n 
1 242 ILE n 
1 243 ARG n 
# 
_entity_src_gen.entity_id                          1 
_entity_src_gen.pdbx_src_id                        1 
_entity_src_gen.pdbx_alt_source_flag               sample 
_entity_src_gen.pdbx_seq_type                      ? 
_entity_src_gen.pdbx_beg_seq_num                   ? 
_entity_src_gen.pdbx_end_seq_num                   ? 
_entity_src_gen.gene_src_common_name               ? 
_entity_src_gen.gene_src_genus                     ? 
_entity_src_gen.pdbx_gene_src_gene                 'degS, hhoB, htrH' 
_entity_src_gen.gene_src_species                   ? 
_entity_src_gen.gene_src_strain                    K12 
_entity_src_gen.gene_src_tissue                    ? 
_entity_src_gen.gene_src_tissue_fraction           ? 
_entity_src_gen.gene_src_details                   ? 
_entity_src_gen.pdbx_gene_src_fragment             ? 
_entity_src_gen.pdbx_gene_src_scientific_name      'Escherichia coli' 
_entity_src_gen.pdbx_gene_src_ncbi_taxonomy_id     ? 
_entity_src_gen.pdbx_gene_src_variant              ? 
_entity_src_gen.pdbx_gene_src_cell_line            ? 
_entity_src_gen.pdbx_gene_src_atcc                 ? 
_entity_src_gen.pdbx_gene_src_organ                ? 
_entity_src_gen.pdbx_gene_src_organelle            ? 
_entity_src_gen.pdbx_gene_src_cell                 ? 
_entity_src_gen.pdbx_gene_src_cellular_location    ? 
_entity_src_gen.host_org_common_name               ? 
_entity_src_gen.pdbx_host_org_scientific_name      'Escherichia coli' 
_entity_src_gen.pdbx_host_org_ncbi_taxonomy_id     ? 
_entity_src_gen.host_org_genus                     ? 
_entity_src_gen.pdbx_host_org_gene                 ? 
_entity_src_gen.pdbx_host_org_organ                ? 
_entity_src_gen.host_org_species                   ? 
_entity_src_gen.pdbx_host_org_tissue               ? 
_entity_src_gen.pdbx_host_org_tissue_fraction      ? 
_entity_src_gen.pdbx_host_org_strain               'X90(DE3)' 
_entity_src_gen.pdbx_host_org_variant              ? 
_entity_src_gen.pdbx_host_org_cell_line            ? 
_entity_src_gen.pdbx_host_org_atcc                 ? 
_entity_src_gen.pdbx_host_org_culture_collection   ? 
_entity_src_gen.pdbx_host_org_cell                 ? 
_entity_src_gen.pdbx_host_org_organelle            ? 
_entity_src_gen.pdbx_host_org_cellular_location    ? 
_entity_src_gen.pdbx_host_org_vector_type          Plasmid 
_entity_src_gen.pdbx_host_org_vector               ? 
_entity_src_gen.host_org_details                   ? 
_entity_src_gen.expression_system_id               ? 
_entity_src_gen.plasmid_name                       PET21B 
_entity_src_gen.plasmid_details                    ? 
_entity_src_gen.pdbx_description                   ? 
# 
loop_
_chem_comp.id 
_chem_comp.type 
_chem_comp.mon_nstd_flag 
_chem_comp.name 
_chem_comp.pdbx_synonyms 
_chem_comp.formula 
_chem_comp.formula_weight 
ALA 'L-peptide linking' y ALANINE         ? 'C3 H7 N O2'     89.093  
ARG 'L-peptide linking' y ARGININE        ? 'C6 H15 N4 O2 1' 175.209 
ASN 'L-peptide linking' y ASPARAGINE      ? 'C4 H8 N2 O3'    132.118 
ASP 'L-peptide linking' y 'ASPARTIC ACID' ? 'C4 H7 N O4'     133.103 
GLN 'L-peptide linking' y GLUTAMINE       ? 'C5 H10 N2 O3'   146.144 
GLU 'L-peptide linking' y 'GLUTAMIC ACID' ? 'C5 H9 N O4'     147.129 
GLY 'peptide linking'   y GLYCINE         ? 'C2 H5 N O2'     75.067  
HIS 'L-peptide linking' y HISTIDINE       ? 'C6 H10 N3 O2 1' 156.162 
ILE 'L-peptide linking' y ISOLEUCINE      ? 'C6 H13 N O2'    131.173 
LEU 'L-peptide linking' y LEUCINE         ? 'C6 H13 N O2'    131.173 
LYS 'L-peptide linking' y LYSINE          ? 'C6 H15 N2 O2 1' 147.195 
MET 'L-peptide linking' y METHIONINE      ? 'C5 H11 N O2 S'  149.211 
PHE 'L-peptide linking' y PHENYLALANINE   ? 'C9 H11 N O2'    165.189 
PRO 'L-peptide linking' y PROLINE         ? 'C5 H9 N O2'     115.130 
SER 'L-peptide linking' y SERINE          ? 'C3 H7 N O3'     105.093 
THR 'L-peptide linking' y THREONINE       ? 'C4 H9 N O3'     119.119 
TYR 'L-peptide linking' y TYROSINE        ? 'C9 H11 N O3'    181.189 
VAL 'L-peptide linking' y VALINE          ? 'C5 H11 N O2'    117.146 
# 
loop_
_pdbx_poly_seq_scheme.asym_id 
_pdbx_poly_seq_scheme.entity_id 
_pdbx_poly_seq_scheme.seq_id 
_pdbx_poly_seq_scheme.mon_id 
_pdbx_poly_seq_scheme.ndb_seq_num 
_pdbx_poly_seq_scheme.pdb_seq_num 
_pdbx_poly_seq_scheme.auth_seq_num 
_pdbx_poly_seq_scheme.pdb_mon_id 
_pdbx_poly_seq_scheme.auth_mon_id 
_pdbx_poly_seq_scheme.pdb_strand_id 
_pdbx_poly_seq_scheme.pdb_ins_code 
_pdbx_poly_seq_scheme.hetero 
A 1 1   MET 1   14  ?   ?   ?   A . n 
A 1 2   ARG 2   15  ?   ?   ?   A . n 
A 1 3   GLY 3   16  ?   ?   ?   A . n 
A 1 4   SER 4   17  ?   ?   ?   A . n 
A 1 5   HIS 5   18  ?   ?   ?   A . n 
A 1 6   HIS 6   19  ?   ?   ?   A . n 
A 1 7   HIS 7   20  ?   ?   ?   A . n 
A 1 8   HIS 8   21  ?   ?   ?   A . n 
A 1 9   HIS 9   22  ?   ?   ?   A . n 
A 1 10  HIS 10  23  ?   ?   ?   A . n 
A 1 11  GLY 11  24  ?   ?   ?   A . n 
A 1 12  ARG 12  25  ?   ?   ?   A . n 
A 1 13  SER 13  26  ?   ?   ?   A . n 
A 1 14  ARG 14  27  ?   ?   ?   A . n 
A 1 15  SER 15  28  ?   ?   ?   A . n 
A 1 16  LEU 16  29  ?   ?   ?   A . n 
A 1 17  ASN 17  30  ?   ?   ?   A . n 
A 1 18  PRO 18  31  ?   ?   ?   A . n 
A 1 19  LEU 19  32  ?   ?   ?   A . n 
A 1 20  SER 20  33  ?   ?   ?   A . n 
A 1 21  THR 21  34  ?   ?   ?   A . n 
A 1 22  PRO 22  35  ?   ?   ?   A . n 
A 1 23  GLN 23  36  ?   ?   ?   A . n 
A 1 24  PHE 24  37  ?   ?   ?   A . n 
A 1 25  ASP 25  38  ?   ?   ?   A . n 
A 1 26  SER 26  39  ?   ?   ?   A . n 
A 1 27  THR 27  40  ?   ?   ?   A . n 
A 1 28  ASP 28  41  41  ASP ASP A . n 
A 1 29  GLU 29  42  42  GLU GLU A . n 
A 1 30  THR 30  43  43  THR THR A . n 
A 1 31  PRO 31  44  44  PRO PRO A . n 
A 1 32  ALA 32  45  45  ALA ALA A . n 
A 1 33  SER 33  46  46  SER SER A . n 
A 1 34  TYR 34  47  47  TYR TYR A . n 
A 1 35  ASN 35  48  48  ASN ASN A . n 
A 1 36  LEU 36  49  49  LEU LEU A . n 
A 1 37  ALA 37  50  50  ALA ALA A . n 
A 1 38  VAL 38  51  51  VAL VAL A . n 
A 1 39  ARG 39  52  52  ARG ARG A . n 
A 1 40  ARG 40  53  53  ARG ARG A . n 
A 1 41  ALA 41  54  54  ALA ALA A . n 
A 1 42  ALA 42  55  55  ALA ALA A . n 
A 1 43  PRO 43  56  56  PRO PRO A . n 
A 1 44  ALA 44  57  57  ALA ALA A . n 
A 1 45  VAL 45  58  58  VAL VAL A . n 
A 1 46  VAL 46  59  59  VAL VAL A . n 
A 1 47  ASN 47  60  60  ASN ASN A . n 
A 1 48  VAL 48  61  61  VAL VAL A . n 
A 1 49  TYR 49  62  62  TYR TYR A . n 
A 1 50  ASN 50  63  63  ASN ASN A . n 
A 1 51  ARG 51  64  64  ARG ARG A . n 
A 1 52  GLY 52  65  65  GLY GLY A . n 
A 1 53  LEU 53  66  66  LEU LEU A . n 
A 1 54  ASN 54  67  ?   ?   ?   A . n 
A 1 55  THR 55  68  ?   ?   ?   A . n 
A 1 56  ASN 56  69  ?   ?   ?   A . n 
A 1 57  SER 57  70  ?   ?   ?   A . n 
A 1 58  HIS 58  71  ?   ?   ?   A . n 
A 1 59  ASN 59  72  ?   ?   ?   A . n 
A 1 60  GLN 60  73  ?   ?   ?   A . n 
A 1 61  LEU 61  74  ?   ?   ?   A . n 
A 1 62  GLU 62  75  ?   ?   ?   A . n 
A 1 63  ILE 63  76  ?   ?   ?   A . n 
A 1 64  ARG 64  77  ?   ?   ?   A . n 
A 1 65  THR 65  78  ?   ?   ?   A . n 
A 1 66  LEU 66  79  79  LEU LEU A . n 
A 1 67  GLY 67  80  80  GLY GLY A . n 
A 1 68  SER 68  81  81  SER SER A . n 
A 1 69  GLY 69  82  82  GLY GLY A . n 
A 1 70  VAL 70  83  83  VAL VAL A . n 
A 1 71  ILE 71  84  84  ILE ILE A . n 
A 1 72  MET 72  85  85  MET MET A . n 
A 1 73  ASP 73  86  86  ASP ASP A . n 
A 1 74  GLN 74  87  87  GLN GLN A . n 
A 1 75  ARG 75  88  88  ARG ARG A . n 
A 1 76  GLY 76  89  89  GLY GLY A . n 
A 1 77  TYR 77  90  90  TYR TYR A . n 
A 1 78  ILE 78  91  91  ILE ILE A . n 
A 1 79  ILE 79  92  92  ILE ILE A . n 
A 1 80  THR 80  93  93  THR THR A . n 
A 1 81  ASN 81  94  94  ASN ASN A . n 
A 1 82  LYS 82  95  95  LYS LYS A . n 
A 1 83  HIS 83  96  96  HIS HIS A . n 
A 1 84  VAL 84  97  97  VAL VAL A . n 
A 1 85  ILE 85  98  98  ILE ILE A . n 
A 1 86  ASN 86  99  99  ASN ASN A . n 
A 1 87  ASP 87  100 100 ASP ASP A . n 
A 1 88  ALA 88  101 101 ALA ALA A . n 
A 1 89  ASP 89  102 102 ASP ASP A . n 
A 1 90  GLN 90  103 103 GLN GLN A . n 
A 1 91  ILE 91  104 104 ILE ILE A . n 
A 1 92  ILE 92  105 105 ILE ILE A . n 
A 1 93  VAL 93  106 106 VAL VAL A . n 
A 1 94  ALA 94  107 107 ALA ALA A . n 
A 1 95  LEU 95  108 108 LEU LEU A . n 
A 1 96  GLN 96  109 109 GLN GLN A . n 
A 1 97  ASP 97  110 110 ASP ASP A . n 
A 1 98  GLY 98  111 111 GLY GLY A . n 
A 1 99  ARG 99  112 112 ARG ARG A . n 
A 1 100 VAL 100 113 113 VAL VAL A . n 
A 1 101 PHE 101 114 114 PHE PHE A . n 
A 1 102 GLU 102 115 115 GLU GLU A . n 
A 1 103 ALA 103 116 116 ALA ALA A . n 
A 1 104 LEU 104 117 117 LEU LEU A . n 
A 1 105 LEU 105 118 118 LEU LEU A . n 
A 1 106 VAL 106 119 119 VAL VAL A . n 
A 1 107 GLY 107 120 120 GLY GLY A . n 
A 1 108 SER 108 121 121 SER SER A . n 
A 1 109 ASP 109 122 122 ASP ASP A . n 
A 1 110 SER 110 123 123 SER SER A . n 
A 1 111 LEU 111 124 124 LEU LEU A . n 
A 1 112 THR 112 125 125 THR THR A . n 
A 1 113 ASP 113 126 126 ASP ASP A . n 
A 1 114 LEU 114 127 127 LEU LEU A . n 
A 1 115 ALA 115 128 128 ALA ALA A . n 
A 1 116 VAL 116 129 129 VAL VAL A . n 
A 1 117 LEU 117 130 130 LEU LEU A . n 
A 1 118 LYS 118 131 131 LYS LYS A . n 
A 1 119 ILE 119 132 132 ILE ILE A . n 
A 1 120 ASN 120 133 133 ASN ASN A . n 
A 1 121 ALA 121 134 134 ALA ALA A . n 
A 1 122 THR 122 135 135 THR THR A . n 
A 1 123 GLY 123 136 136 GLY GLY A . n 
A 1 124 GLY 124 137 137 GLY GLY A . n 
A 1 125 LEU 125 138 138 LEU LEU A . n 
A 1 126 PRO 126 139 139 PRO PRO A . n 
A 1 127 THR 127 140 140 THR THR A . n 
A 1 128 ILE 128 141 141 ILE ILE A . n 
A 1 129 PRO 129 142 142 PRO PRO A . n 
A 1 130 ILE 130 143 143 ILE ILE A . n 
A 1 131 ASN 131 144 144 ASN ASN A . n 
A 1 132 ALA 132 145 145 ALA ALA A . n 
A 1 133 ARG 133 146 146 ARG ARG A . n 
A 1 134 ARG 134 147 147 ARG ARG A . n 
A 1 135 VAL 135 148 148 VAL VAL A . n 
A 1 136 PRO 136 149 149 PRO PRO A . n 
A 1 137 HIS 137 150 150 HIS HIS A . n 
A 1 138 ILE 138 151 151 ILE ILE A . n 
A 1 139 GLY 139 152 152 GLY GLY A . n 
A 1 140 ASP 140 153 153 ASP ASP A . n 
A 1 141 VAL 141 154 154 VAL VAL A . n 
A 1 142 VAL 142 155 155 VAL VAL A . n 
A 1 143 LEU 143 156 156 LEU LEU A . n 
A 1 144 ALA 144 157 157 ALA ALA A . n 
A 1 145 ILE 145 158 158 ILE ILE A . n 
A 1 146 GLY 146 159 159 GLY GLY A . n 
A 1 147 ASN 147 160 160 ASN ASN A . n 
A 1 148 PRO 148 161 161 PRO PRO A . n 
A 1 149 TYR 149 162 162 TYR TYR A . n 
A 1 150 ASN 150 163 163 ASN ASN A . n 
A 1 151 LEU 151 164 164 LEU LEU A . n 
A 1 152 GLY 152 165 165 GLY GLY A . n 
A 1 153 GLN 153 166 166 GLN GLN A . n 
A 1 154 THR 154 167 167 THR THR A . n 
A 1 155 ILE 155 168 168 ILE ILE A . n 
A 1 156 THR 156 169 169 THR THR A . n 
A 1 157 GLN 157 170 170 GLN GLN A . n 
A 1 158 GLY 158 171 171 GLY GLY A . n 
A 1 159 ILE 159 172 172 ILE ILE A . n 
A 1 160 ILE 160 173 173 ILE ILE A . n 
A 1 161 SER 161 174 174 SER SER A . n 
A 1 162 ALA 162 175 175 ALA ALA A . n 
A 1 163 THR 163 176 176 THR THR A . n 
A 1 164 GLY 164 177 177 GLY GLY A . n 
A 1 165 ARG 165 178 178 ARG ARG A . n 
A 1 166 ILE 166 179 179 ILE ALA A . n 
A 1 167 GLY 167 180 180 GLY GLY A . n 
A 1 168 LEU 168 181 181 LEU LEU A . n 
A 1 169 ASN 169 182 182 ASN ASN A . n 
A 1 170 PRO 170 183 ?   ?   ?   A . n 
A 1 171 THR 171 184 ?   ?   ?   A . n 
A 1 172 GLY 172 185 ?   ?   ?   A . n 
A 1 173 ARG 173 186 ?   ?   ?   A . n 
A 1 174 GLN 174 187 ?   ?   ?   A . n 
A 1 175 ASN 175 188 188 ASN ASN A . n 
A 1 176 PHE 176 189 189 PHE PHE A . n 
A 1 177 LEU 177 190 190 LEU LEU A . n 
A 1 178 ALA 178 191 191 ALA ALA A . n 
A 1 179 THR 179 192 192 THR THR A . n 
A 1 180 ASP 180 193 193 ASP ASP A . n 
A 1 181 ALA 181 194 194 ALA ALA A . n 
A 1 182 SER 182 195 195 SER SER A . n 
A 1 183 ILE 183 196 196 ILE ILE A . n 
A 1 184 ASN 184 197 197 ASN ASN A . n 
A 1 185 HIS 185 198 198 HIS HIS A . n 
A 1 186 GLY 186 199 199 GLY GLY A . n 
A 1 187 ASN 187 200 200 ASN ASN A . n 
A 1 188 SER 188 201 201 SER SER A . n 
A 1 189 GLY 189 202 202 GLY GLY A . n 
A 1 190 GLY 190 203 203 GLY GLY A . n 
A 1 191 ALA 191 204 204 ALA ALA A . n 
A 1 192 LEU 192 205 205 LEU LEU A . n 
A 1 193 VAL 193 206 206 VAL VAL A . n 
A 1 194 ASN 194 207 207 ASN ASN A . n 
A 1 195 SER 195 208 208 SER SER A . n 
A 1 196 LEU 196 209 209 LEU LEU A . n 
A 1 197 GLY 197 210 210 GLY GLY A . n 
A 1 198 GLU 198 211 211 GLU GLU A . n 
A 1 199 LEU 199 212 212 LEU LEU A . n 
A 1 200 MET 200 213 213 MET MET A . n 
A 1 201 GLY 201 214 214 GLY GLY A . n 
A 1 202 ILE 202 215 215 ILE ILE A . n 
A 1 203 ASN 203 216 216 ASN ASN A . n 
A 1 204 THR 204 217 217 THR THR A . n 
A 1 205 LEU 205 218 218 LEU LEU A . n 
A 1 206 SER 206 219 219 SER SER A . n 
A 1 207 PHE 207 220 ?   ?   ?   A . n 
A 1 208 ASP 208 221 ?   ?   ?   A . n 
A 1 209 LYS 209 222 ?   ?   ?   A . n 
A 1 210 SER 210 223 ?   ?   ?   A . n 
A 1 211 ASN 211 224 ?   ?   ?   A . n 
A 1 212 ASP 212 225 ?   ?   ?   A . n 
A 1 213 GLY 213 226 ?   ?   ?   A . n 
A 1 214 GLU 214 227 ?   ?   ?   A . n 
A 1 215 THR 215 228 ?   ?   ?   A . n 
A 1 216 PRO 216 229 ?   ?   ?   A . n 
A 1 217 GLU 217 230 ?   ?   ?   A . n 
A 1 218 GLY 218 231 231 GLY GLY A . n 
A 1 219 ILE 219 232 232 ILE ILE A . n 
A 1 220 GLY 220 233 233 GLY GLY A . n 
A 1 221 PHE 221 234 234 PHE PHE A . n 
A 1 222 ALA 222 235 235 ALA ALA A . n 
A 1 223 ILE 223 236 236 ILE ILE A . n 
A 1 224 PRO 224 237 237 PRO PRO A . n 
A 1 225 PHE 225 238 238 PHE PHE A . n 
A 1 226 GLN 226 239 239 GLN GLN A . n 
A 1 227 LEU 227 240 240 LEU LEU A . n 
A 1 228 ALA 228 241 241 ALA ALA A . n 
A 1 229 THR 229 242 242 THR THR A . n 
A 1 230 LYS 230 243 243 LYS LYS A . n 
A 1 231 ILE 231 244 244 ILE ILE A . n 
A 1 232 MET 232 245 245 MET MET A . n 
A 1 233 ASP 233 246 246 ASP ASP A . n 
A 1 234 LYS 234 247 247 LYS LYS A . n 
A 1 235 LEU 235 248 248 LEU LEU A . n 
A 1 236 ILE 236 249 249 ILE ILE A . n 
A 1 237 ARG 237 250 250 ARG ARG A . n 
A 1 238 ASP 238 251 251 ASP ASP A . n 
A 1 239 GLY 239 252 252 GLY GLY A . n 
A 1 240 ARG 240 253 ?   ?   ?   A . n 
A 1 241 VAL 241 254 ?   ?   ?   A . n 
A 1 242 ILE 242 255 ?   ?   ?   A . n 
A 1 243 ARG 243 256 ?   ?   ?   A . n 
# 
loop_
_pdbx_unobs_or_zero_occ_atoms.id 
_pdbx_unobs_or_zero_occ_atoms.PDB_model_num 
_pdbx_unobs_or_zero_occ_atoms.polymer_flag 
_pdbx_unobs_or_zero_occ_atoms.occupancy_flag 
_pdbx_unobs_or_zero_occ_atoms.auth_asym_id 
_pdbx_unobs_or_zero_occ_atoms.auth_comp_id 
_pdbx_unobs_or_zero_occ_atoms.auth_seq_id 
_pdbx_unobs_or_zero_occ_atoms.PDB_ins_code 
_pdbx_unobs_or_zero_occ_atoms.auth_atom_id 
_pdbx_unobs_or_zero_occ_atoms.label_alt_id 
_pdbx_unobs_or_zero_occ_atoms.label_asym_id 
_pdbx_unobs_or_zero_occ_atoms.label_comp_id 
_pdbx_unobs_or_zero_occ_atoms.label_seq_id 
_pdbx_unobs_or_zero_occ_atoms.label_atom_id 
1 1 Y 1 A ILE 179 ? CG1 ? A ILE 166 CG1 
2 1 Y 1 A ILE 179 ? CG2 ? A ILE 166 CG2 
3 1 Y 1 A ILE 179 ? CD1 ? A ILE 166 CD1 
# 
loop_
_software.name 
_software.version 
_software.date 
_software.type 
_software.contact_author 
_software.contact_author_email 
_software.classification 
_software.location 
_software.language 
_software.citation_id 
_software.pdbx_ordinal 
DENZO       .     ?                    package 'Zbyszek Otwinowski' zbyszek@mix.swmed.edu    'data reduction'  
http://www.lnls.br/infra/linhasluz/denzo-hkl.htm ?          ? 1 
SCALEPACK   .     ?                    package 'Zbyszek Otwinowski' zbyszek@mix.swmed.edu    'data scaling'    
http://www.lnls.br/infra/linhasluz/denzo-hkl.htm ?          ? 2 
AMoRE       .     ?                    program 'Jorge Navaza'       ccp4@dl.ac.uk            phasing           
http://www.ccp4.ac.uk/main.html                  Fortran_77 ? 3 
PHENIX      .     ?                    package 'P.D. Adams'         PDAdams@lbl.gov          refinement        
http://www.phenix-online.org/                    C++        ? 4 
PDB_EXTRACT 3.004 'September 10, 2007' package PDB                  sw-help@rcsb.rutgers.edu 'data extraction' 
http://pdb.rutgers.edu/software/                 C++        ? 5 
HKL-2000    .     ?                    ?       ?                    ?                        'data collection' ? ?          ? 6 
# 
_cell.length_a           70.892 
_cell.length_b           70.892 
_cell.length_c           120.837 
_cell.angle_alpha        90.000 
_cell.angle_beta         90.000 
_cell.angle_gamma        120.000 
_cell.entry_id           3B8J 
_cell.pdbx_unique_axis   ? 
_cell.Z_PDB              9 
_cell.length_a_esd       ? 
_cell.length_b_esd       ? 
_cell.length_c_esd       ? 
_cell.angle_alpha_esd    ? 
_cell.angle_beta_esd     ? 
_cell.angle_gamma_esd    ? 
# 
_symmetry.space_group_name_H-M             'H 3' 
_symmetry.entry_id                         3B8J 
_symmetry.Int_Tables_number                146 
_symmetry.pdbx_full_space_group_name_H-M   ? 
_symmetry.cell_setting                     ? 
_symmetry.space_group_name_Hall            ? 
# 
_exptl.crystals_number   1 
_exptl.entry_id          3B8J 
_exptl.method            'X-RAY DIFFRACTION' 
# 
_exptl_crystal.id                    1 
_exptl_crystal.density_Matthews      2.24 
_exptl_crystal.density_meas          ? 
_exptl_crystal.density_percent_sol   45.11 
_exptl_crystal.description           ? 
_exptl_crystal.F_000                 ? 
_exptl_crystal.preparation           ? 
# 
_exptl_crystal_grow.crystal_id      1 
_exptl_crystal_grow.method          'VAPOR DIFFUSION, HANGING DROP' 
_exptl_crystal_grow.pH              6.5 
_exptl_crystal_grow.temp            293 
_exptl_crystal_grow.temp_details    ? 
_exptl_crystal_grow.pdbx_details    
'50 mM Na Cacodylate, 150 mM NaCitrate, 18% isopropanol, pH 6.5, VAPOR DIFFUSION, HANGING DROP, temperature 293K' 
_exptl_crystal_grow.pdbx_pH_range   . 
# 
_diffrn.id                     1 
_diffrn.ambient_temp           100 
_diffrn.ambient_temp_details   ? 
_diffrn.crystal_id             1 
# 
_diffrn_detector.diffrn_id              1 
_diffrn_detector.detector               CCD 
_diffrn_detector.type                   'ADSC QUANTUM 315' 
_diffrn_detector.pdbx_collection_date   2007-08-06 
_diffrn_detector.details                ? 
# 
_diffrn_radiation.diffrn_id                        1 
_diffrn_radiation.wavelength_id                    1 
_diffrn_radiation.pdbx_diffrn_protocol             'SINGLE WAVELENGTH' 
_diffrn_radiation.monochromator                    ? 
_diffrn_radiation.pdbx_monochromatic_or_laue_m_l   M 
_diffrn_radiation.pdbx_scattering_type             x-ray 
# 
_diffrn_radiation_wavelength.id           1 
_diffrn_radiation_wavelength.wavelength   . 
_diffrn_radiation_wavelength.wt           1.0 
# 
_diffrn_source.diffrn_id                   1 
_diffrn_source.source                      SYNCHROTRON 
_diffrn_source.type                        'APS BEAMLINE 24-ID-C' 
_diffrn_source.pdbx_wavelength             ? 
_diffrn_source.pdbx_wavelength_list        ? 
_diffrn_source.pdbx_synchrotron_site       APS 
_diffrn_source.pdbx_synchrotron_beamline   24-ID-C 
# 
_reflns.entry_id                     3B8J 
_reflns.d_resolution_high            2.500 
_reflns.d_resolution_low             50.000 
_reflns.number_obs                   6682 
_reflns.pdbx_Rmerge_I_obs            0.058 
_reflns.pdbx_netI_over_sigmaI        13.300 
_reflns.pdbx_chi_squared             1.695 
_reflns.pdbx_redundancy              7.100 
_reflns.percent_possible_obs         85.900 
_reflns.observed_criterion_sigma_F   ? 
_reflns.observed_criterion_sigma_I   ? 
_reflns.number_all                   ? 
_reflns.pdbx_Rsym_value              ? 
_reflns.B_iso_Wilson_estimate        ? 
_reflns.R_free_details               ? 
_reflns.limit_h_max                  ? 
_reflns.limit_h_min                  ? 
_reflns.limit_k_max                  ? 
_reflns.limit_k_min                  ? 
_reflns.limit_l_max                  ? 
_reflns.limit_l_min                  ? 
_reflns.observed_criterion_F_max     ? 
_reflns.observed_criterion_F_min     ? 
_reflns.pdbx_scaling_rejects         ? 
_reflns.pdbx_diffrn_id               1 
_reflns.pdbx_ordinal                 1 
# 
_reflns_shell.d_res_high             2.50 
_reflns_shell.d_res_low              2.59 
_reflns_shell.number_measured_obs    ? 
_reflns_shell.number_measured_all    ? 
_reflns_shell.number_unique_obs      ? 
_reflns_shell.Rmerge_I_obs           0.163 
_reflns_shell.meanI_over_sigI_obs    ? 
_reflns_shell.pdbx_Rsym_value        ? 
_reflns_shell.pdbx_chi_squared       0.573 
_reflns_shell.pdbx_redundancy        5.50 
_reflns_shell.percent_possible_obs   ? 
_reflns_shell.number_unique_all      419 
_reflns_shell.percent_possible_all   54.00 
_reflns_shell.pdbx_diffrn_id         ? 
_reflns_shell.pdbx_ordinal           1 
# 
_refine.entry_id                                 3B8J 
_refine.ls_d_res_high                            2.507 
_refine.ls_d_res_low                             27.367 
_refine.ls_percent_reflns_obs                    42.720 
_refine.ls_number_reflns_obs                     6637 
_refine.ls_R_factor_R_work                       0.234 
_refine.ls_R_factor_R_free                       0.273 
_refine.ls_percent_reflns_R_free                 9.690 
_refine.ls_number_reflns_R_free                  643 
_refine.B_iso_mean                               78.440 
_refine.solvent_model_param_bsol                 54.682 
_refine.solvent_model_param_ksol                 0.302 
_refine.aniso_B[1][1]                            -32.357 
_refine.aniso_B[2][2]                            -32.357 
_refine.aniso_B[3][3]                            64.714 
_refine.aniso_B[1][2]                            0.000 
_refine.aniso_B[1][3]                            0.000 
_refine.aniso_B[2][3]                            0.000 
_refine.pdbx_method_to_determine_struct          'MOLECULAR REPLACEMENT' 
_refine.pdbx_stereochemistry_target_values       ml 
_refine.overall_FOM_work_R_set                   0.645 
_refine.B_iso_max                                140.910 
_refine.B_iso_min                                49.490 
_refine.pdbx_ls_sigma_F                          ? 
_refine.pdbx_ls_sigma_I                          ? 
_refine.ls_number_reflns_all                     ? 
_refine.ls_R_factor_all                          ? 
_refine.ls_R_factor_obs                          ? 
_refine.ls_redundancy_reflns_obs                 ? 
_refine.pdbx_data_cutoff_high_absF               ? 
_refine.pdbx_data_cutoff_low_absF                ? 
_refine.ls_number_parameters                     ? 
_refine.ls_number_restraints                     ? 
_refine.ls_R_factor_R_free_error                 ? 
_refine.ls_R_factor_R_free_error_details         ? 
_refine.pdbx_starting_model                      ? 
_refine.pdbx_ls_cross_valid_method               ? 
_refine.pdbx_R_Free_selection_details            ? 
_refine.pdbx_stereochem_target_val_spec_case     ? 
_refine.solvent_model_details                    ? 
_refine.occupancy_max                            ? 
_refine.occupancy_min                            ? 
_refine.pdbx_isotropic_thermal_model             ? 
_refine.details                                  ? 
_refine.correlation_coeff_Fo_to_Fc               ? 
_refine.correlation_coeff_Fo_to_Fc_free          ? 
_refine.pdbx_solvent_vdw_probe_radii             ? 
_refine.pdbx_solvent_ion_probe_radii             ? 
_refine.pdbx_solvent_shrinkage_radii             ? 
_refine.overall_SU_R_Cruickshank_DPI             ? 
_refine.overall_SU_R_free                        ? 
_refine.overall_SU_ML                            ? 
_refine.overall_SU_B                             ? 
_refine.pdbx_overall_ESU_R_Free                  ? 
_refine.pdbx_data_cutoff_high_rms_absF           ? 
_refine.pdbx_overall_ESU_R                       ? 
_refine.ls_wR_factor_R_free                      ? 
_refine.ls_wR_factor_R_work                      ? 
_refine.overall_FOM_free_R_set                   ? 
_refine.pdbx_refine_id                           'X-RAY DIFFRACTION' 
_refine.pdbx_diffrn_id                           1 
_refine.pdbx_TLS_residual_ADP_flag               ? 
_refine.pdbx_overall_phase_error                 ? 
_refine.pdbx_overall_SU_R_free_Cruickshank_DPI   ? 
_refine.pdbx_overall_SU_R_Blow_DPI               ? 
_refine.pdbx_overall_SU_R_free_Blow_DPI          ? 
# 
_refine_hist.pdbx_refine_id                   'X-RAY DIFFRACTION' 
_refine_hist.cycle_id                         LAST 
_refine_hist.pdbx_number_atoms_protein        1351 
_refine_hist.pdbx_number_atoms_nucleic_acid   0 
_refine_hist.pdbx_number_atoms_ligand         0 
_refine_hist.number_atoms_solvent             0 
_refine_hist.number_atoms_total               1351 
_refine_hist.d_res_high                       2.507 
_refine_hist.d_res_low                        27.367 
# 
loop_
_refine_ls_restr.type 
_refine_ls_restr.number 
_refine_ls_restr.dev_ideal 
_refine_ls_restr.dev_ideal_target 
_refine_ls_restr.weight 
_refine_ls_restr.pdbx_refine_id 
_refine_ls_restr.pdbx_restraint_function 
f_angle_d          ? 0.720  ? 1.000 'X-RAY DIFFRACTION' ? 
f_bond_d           ? 0.003  ? 1.000 'X-RAY DIFFRACTION' ? 
f_chiral_restr     ? 0.046  ? 1.000 'X-RAY DIFFRACTION' ? 
f_dihedral_angle_d ? 15.716 ? 1.000 'X-RAY DIFFRACTION' ? 
f_plane_restr      ? 0.003  ? 1.000 'X-RAY DIFFRACTION' ? 
f_nbd_refined      ? 4.117  ? 1.000 'X-RAY DIFFRACTION' ? 
# 
loop_
_refine_ls_shell.d_res_high 
_refine_ls_shell.d_res_low 
_refine_ls_shell.pdbx_total_number_of_bins_used 
_refine_ls_shell.percent_reflns_obs 
_refine_ls_shell.number_reflns_R_work 
_refine_ls_shell.R_factor_all 
_refine_ls_shell.R_factor_R_work 
_refine_ls_shell.R_factor_R_free 
_refine_ls_shell.percent_reflns_R_free 
_refine_ls_shell.number_reflns_R_free 
_refine_ls_shell.R_factor_R_free_error 
_refine_ls_shell.number_reflns_all 
_refine_ls_shell.number_reflns_obs 
_refine_ls_shell.redundancy_reflns_obs 
_refine_ls_shell.pdbx_refine_id 
2.507 2.580  12 25.000 309 . 0.314 . . . . . . . 'X-RAY DIFFRACTION' 
2.580 2.664  12 27.000 344 . 0.287 . . . . . . . 'X-RAY DIFFRACTION' 
2.664 2.759  12 32.000 415 . 0.310 . . . . . . . 'X-RAY DIFFRACTION' 
2.759 2.869  12 34.000 439 . 0.286 . . . . . . . 'X-RAY DIFFRACTION' 
2.869 2.999  12 37.000 488 . 0.276 . . . . . . . 'X-RAY DIFFRACTION' 
2.999 3.157  12 41.000 526 . 0.265 . . . . . . . 'X-RAY DIFFRACTION' 
3.157 3.355  12 45.000 600 . 0.250 . . . . . . . 'X-RAY DIFFRACTION' 
3.355 3.613  12 44.000 570 . 0.248 . . . . . . . 'X-RAY DIFFRACTION' 
3.613 3.976  12 43.000 552 . 0.235 . . . . . . . 'X-RAY DIFFRACTION' 
3.976 4.549  12 45.000 584 . 0.187 . . . . . . . 'X-RAY DIFFRACTION' 
4.549 5.722  12 45.000 587 . 0.206 . . . . . . . 'X-RAY DIFFRACTION' 
5.722 27.369 12 44.000 580 . 0.213 . . . . . . . 'X-RAY DIFFRACTION' 
# 
_struct.entry_id                  3B8J 
_struct.title                     'Q191A mutant of DegS-deltaPDZ' 
_struct.pdbx_model_details        ? 
_struct.pdbx_CASP_flag            ? 
_struct.pdbx_model_type_details   ? 
# 
_struct_keywords.entry_id        3B8J 
_struct_keywords.pdbx_keywords   HYDROLASE 
_struct_keywords.text            
'DegS, protease, periplasmic stress sensor, HTRA, allosteric activation, Hydrolase, Serine protease' 
# 
_struct_asym.id                            A 
_struct_asym.pdbx_blank_PDB_chainid_flag   N 
_struct_asym.pdbx_modified                 N 
_struct_asym.entity_id                     1 
_struct_asym.details                       ? 
# 
_struct_ref.id                         1 
_struct_ref.db_name                    UNP 
_struct_ref.db_code                    DEGS_ECOLI 
_struct_ref.pdbx_db_accession          P0AEE3 
_struct_ref.entity_id                  1 
_struct_ref.pdbx_seq_one_letter_code   
;RSLNPLSTPQFDSTDETPASYNLAVRRAAPAVVNVYNRGLNTNSHNQLEIRTLGSGVIMDQRGYIITNKHVINDADQIIV
ALQDGRVFEALLVGSDSLTDLAVLKINATGGLPTIPINARRVPHIGDVVLAIGNPYNLGQTITQGIISATGRIGLNPTGR
QNFLQTDASINHGNSGGALVNSLGELMGINTLSFDKSNDGETPEGIGFAIPFQLATKIMDKLIRDGRVIR
;
_struct_ref.pdbx_align_begin           27 
_struct_ref.pdbx_db_isoform            ? 
# 
_struct_ref_seq.align_id                      1 
_struct_ref_seq.ref_id                        1 
_struct_ref_seq.pdbx_PDB_id_code              3B8J 
_struct_ref_seq.pdbx_strand_id                A 
_struct_ref_seq.seq_align_beg                 14 
_struct_ref_seq.pdbx_seq_align_beg_ins_code   ? 
_struct_ref_seq.seq_align_end                 243 
_struct_ref_seq.pdbx_seq_align_end_ins_code   ? 
_struct_ref_seq.pdbx_db_accession             P0AEE3 
_struct_ref_seq.db_align_beg                  27 
_struct_ref_seq.pdbx_db_align_beg_ins_code    ? 
_struct_ref_seq.db_align_end                  256 
_struct_ref_seq.pdbx_db_align_end_ins_code    ? 
_struct_ref_seq.pdbx_auth_seq_align_beg       27 
_struct_ref_seq.pdbx_auth_seq_align_end       256 
# 
loop_
_struct_ref_seq_dif.align_id 
_struct_ref_seq_dif.pdbx_pdb_id_code 
_struct_ref_seq_dif.mon_id 
_struct_ref_seq_dif.pdbx_pdb_strand_id 
_struct_ref_seq_dif.seq_num 
_struct_ref_seq_dif.pdbx_pdb_ins_code 
_struct_ref_seq_dif.pdbx_seq_db_name 
_struct_ref_seq_dif.pdbx_seq_db_accession_code 
_struct_ref_seq_dif.db_mon_id 
_struct_ref_seq_dif.pdbx_seq_db_seq_num 
_struct_ref_seq_dif.details 
_struct_ref_seq_dif.pdbx_auth_seq_num 
_struct_ref_seq_dif.pdbx_ordinal 
1 3B8J MET A 1   ? UNP P0AEE3 ?   ?   'expression tag'      14  1  
1 3B8J ARG A 2   ? UNP P0AEE3 ?   ?   'expression tag'      15  2  
1 3B8J GLY A 3   ? UNP P0AEE3 ?   ?   'expression tag'      16  3  
1 3B8J SER A 4   ? UNP P0AEE3 ?   ?   'expression tag'      17  4  
1 3B8J HIS A 5   ? UNP P0AEE3 ?   ?   'expression tag'      18  5  
1 3B8J HIS A 6   ? UNP P0AEE3 ?   ?   'expression tag'      19  6  
1 3B8J HIS A 7   ? UNP P0AEE3 ?   ?   'expression tag'      20  7  
1 3B8J HIS A 8   ? UNP P0AEE3 ?   ?   'expression tag'      21  8  
1 3B8J HIS A 9   ? UNP P0AEE3 ?   ?   'expression tag'      22  9  
1 3B8J HIS A 10  ? UNP P0AEE3 ?   ?   'expression tag'      23  10 
1 3B8J GLY A 11  ? UNP P0AEE3 ?   ?   'expression tag'      24  11 
1 3B8J ARG A 12  ? UNP P0AEE3 ?   ?   'expression tag'      25  12 
1 3B8J SER A 13  ? UNP P0AEE3 ?   ?   'expression tag'      26  13 
1 3B8J ALA A 178 ? UNP P0AEE3 GLN 191 'engineered mutation' 191 14 
# 
_pdbx_struct_assembly.id                   1 
_pdbx_struct_assembly.details              author_and_software_defined_assembly 
_pdbx_struct_assembly.method_details       PISA 
_pdbx_struct_assembly.oligomeric_details   trimeric 
_pdbx_struct_assembly.oligomeric_count     3 
# 
_pdbx_struct_assembly_prop.biol_id   1 
_pdbx_struct_assembly_prop.type      'ABSA (A^2)' 
_pdbx_struct_assembly_prop.value     4370 
_pdbx_struct_assembly_prop.details   ? 
# 
_pdbx_struct_assembly_gen.assembly_id       1 
_pdbx_struct_assembly_gen.oper_expression   1,2,3 
_pdbx_struct_assembly_gen.asym_id_list      A 
# 
loop_
_pdbx_struct_oper_list.id 
_pdbx_struct_oper_list.type 
_pdbx_struct_oper_list.name 
_pdbx_struct_oper_list.symmetry_operation 
_pdbx_struct_oper_list.matrix[1][1] 
_pdbx_struct_oper_list.matrix[1][2] 
_pdbx_struct_oper_list.matrix[1][3] 
_pdbx_struct_oper_list.vector[1] 
_pdbx_struct_oper_list.matrix[2][1] 
_pdbx_struct_oper_list.matrix[2][2] 
_pdbx_struct_oper_list.matrix[2][3] 
_pdbx_struct_oper_list.vector[2] 
_pdbx_struct_oper_list.matrix[3][1] 
_pdbx_struct_oper_list.matrix[3][2] 
_pdbx_struct_oper_list.matrix[3][3] 
_pdbx_struct_oper_list.vector[3] 
1 'identity operation'         1_555 x,y,z        1.0000000000  0.0000000000  0.0000000000 0.0000000000   0.0000000000  1.0000000000  0.0000000000  0.0000000000   0.0000000000 0.0000000000  1.0000000000 0.0000000000  
2 'crystal symmetry operation' 3_565 -x+y,-x+1,z  -0.3236653968 0.6489617623  0.6885414599 -7.4793291576  -0.9151437895 -0.3995476918 -0.0536049108 -33.2648576395 0.2403176137 -0.6474644955 0.7232130886 -6.6929185914 
3 'crystal symmetry operation' 2_665 -y+1,x-y+1,z -0.3236653968 -0.9151437895 0.2403176137 -31.2545016922 0.6489617623  -0.3995476918 -0.6474644955 -12.7705256179 0.6885414599 -0.0536049108 0.7232130886 8.2070748178 
# 
_struct_biol.id        1 
_struct_biol.details   ? 
# 
loop_
_struct_conf.conf_type_id 
_struct_conf.id 
_struct_conf.pdbx_PDB_helix_id 
_struct_conf.beg_label_comp_id 
_struct_conf.beg_label_asym_id 
_struct_conf.beg_label_seq_id 
_struct_conf.pdbx_beg_PDB_ins_code 
_struct_conf.end_label_comp_id 
_struct_conf.end_label_asym_id 
_struct_conf.end_label_seq_id 
_struct_conf.pdbx_end_PDB_ins_code 
_struct_conf.beg_auth_comp_id 
_struct_conf.beg_auth_asym_id 
_struct_conf.beg_auth_seq_id 
_struct_conf.end_auth_comp_id 
_struct_conf.end_auth_asym_id 
_struct_conf.end_auth_seq_id 
_struct_conf.pdbx_PDB_helix_class 
_struct_conf.details 
_struct_conf.pdbx_PDB_helix_length 
HELX_P HELX_P1 1 TYR A 34  ? ALA A 42  ? TYR A 47  ALA A 55  1 ? 9  
HELX_P HELX_P2 2 LYS A 82  ? ASN A 86  ? LYS A 95  ASN A 99  1 ? 5  
HELX_P HELX_P3 3 PHE A 225 ? ILE A 236 ? PHE A 238 ILE A 249 1 ? 12 
# 
_struct_conf_type.id          HELX_P 
_struct_conf_type.criteria    ? 
_struct_conf_type.reference   ? 
# 
loop_
_struct_sheet.id 
_struct_sheet.type 
_struct_sheet.number_strands 
_struct_sheet.details 
A ? 7 ? 
B ? 7 ? 
# 
loop_
_struct_sheet_order.sheet_id 
_struct_sheet_order.range_id_1 
_struct_sheet_order.range_id_2 
_struct_sheet_order.offset 
_struct_sheet_order.sense 
A 1 2 ? anti-parallel 
A 2 3 ? anti-parallel 
A 3 4 ? anti-parallel 
A 4 5 ? anti-parallel 
A 5 6 ? anti-parallel 
A 6 7 ? anti-parallel 
B 1 2 ? anti-parallel 
B 2 3 ? anti-parallel 
B 3 4 ? anti-parallel 
B 4 5 ? anti-parallel 
B 5 6 ? anti-parallel 
B 6 7 ? anti-parallel 
# 
loop_
_struct_sheet_range.sheet_id 
_struct_sheet_range.id 
_struct_sheet_range.beg_label_comp_id 
_struct_sheet_range.beg_label_asym_id 
_struct_sheet_range.beg_label_seq_id 
_struct_sheet_range.pdbx_beg_PDB_ins_code 
_struct_sheet_range.end_label_comp_id 
_struct_sheet_range.end_label_asym_id 
_struct_sheet_range.end_label_seq_id 
_struct_sheet_range.pdbx_end_PDB_ins_code 
_struct_sheet_range.beg_auth_comp_id 
_struct_sheet_range.beg_auth_asym_id 
_struct_sheet_range.beg_auth_seq_id 
_struct_sheet_range.end_auth_comp_id 
_struct_sheet_range.end_auth_asym_id 
_struct_sheet_range.end_auth_seq_id 
A 1 VAL A 45  ? TYR A 49  ? VAL A 58  TYR A 62  
A 2 GLY A 67  ? ILE A 71  ? GLY A 80  ILE A 84  
A 3 TYR A 77  ? ASN A 81  ? TYR A 90  ASN A 94  
A 4 LEU A 114 ? LYS A 118 ? LEU A 127 LYS A 131 
A 5 VAL A 100 ? ASP A 109 ? VAL A 113 ASP A 122 
A 6 ILE A 91  ? ALA A 94  ? ILE A 104 ALA A 107 
A 7 VAL A 45  ? TYR A 49  ? VAL A 58  TYR A 62  
B 1 VAL A 141 ? GLY A 146 ? VAL A 154 GLY A 159 
B 2 THR A 154 ? ALA A 162 ? THR A 167 ALA A 175 
B 3 LEU A 177 ? THR A 179 ? LEU A 190 THR A 192 
B 4 GLY A 220 ? PRO A 224 ? GLY A 233 PRO A 237 
B 5 LEU A 199 ? THR A 204 ? LEU A 212 THR A 217 
B 6 ALA A 191 ? ASN A 194 ? ALA A 204 ASN A 207 
B 7 VAL A 141 ? GLY A 146 ? VAL A 154 GLY A 159 
# 
loop_
_pdbx_struct_sheet_hbond.sheet_id 
_pdbx_struct_sheet_hbond.range_id_1 
_pdbx_struct_sheet_hbond.range_id_2 
_pdbx_struct_sheet_hbond.range_1_label_atom_id 
_pdbx_struct_sheet_hbond.range_1_label_comp_id 
_pdbx_struct_sheet_hbond.range_1_label_asym_id 
_pdbx_struct_sheet_hbond.range_1_label_seq_id 
_pdbx_struct_sheet_hbond.range_1_PDB_ins_code 
_pdbx_struct_sheet_hbond.range_1_auth_atom_id 
_pdbx_struct_sheet_hbond.range_1_auth_comp_id 
_pdbx_struct_sheet_hbond.range_1_auth_asym_id 
_pdbx_struct_sheet_hbond.range_1_auth_seq_id 
_pdbx_struct_sheet_hbond.range_2_label_atom_id 
_pdbx_struct_sheet_hbond.range_2_label_comp_id 
_pdbx_struct_sheet_hbond.range_2_label_asym_id 
_pdbx_struct_sheet_hbond.range_2_label_seq_id 
_pdbx_struct_sheet_hbond.range_2_PDB_ins_code 
_pdbx_struct_sheet_hbond.range_2_auth_atom_id 
_pdbx_struct_sheet_hbond.range_2_auth_comp_id 
_pdbx_struct_sheet_hbond.range_2_auth_asym_id 
_pdbx_struct_sheet_hbond.range_2_auth_seq_id 
A 1 2 N VAL A 48  ? N VAL A 61  O GLY A 67  ? O GLY A 80  
A 2 3 N VAL A 70  ? N VAL A 83  O ILE A 79  ? O ILE A 92  
A 3 4 N ILE A 78  ? N ILE A 91  O LEU A 117 ? O LEU A 130 
A 4 5 O VAL A 116 ? O VAL A 129 N GLY A 107 ? N GLY A 120 
A 5 6 O ALA A 103 ? O ALA A 116 N ILE A 91  ? N ILE A 104 
A 6 7 O ILE A 92  ? O ILE A 105 N TYR A 49  ? N TYR A 62  
B 1 2 N GLY A 146 ? N GLY A 159 O THR A 154 ? O THR A 167 
B 2 3 N ALA A 162 ? N ALA A 175 O ALA A 178 ? O ALA A 191 
B 3 4 N THR A 179 ? N THR A 192 O GLY A 220 ? O GLY A 233 
B 4 5 O PHE A 221 ? O PHE A 234 N THR A 204 ? N THR A 217 
B 5 6 O MET A 200 ? O MET A 213 N LEU A 192 ? N LEU A 205 
B 6 7 O VAL A 193 ? O VAL A 206 N LEU A 143 ? N LEU A 156 
# 
loop_
_pdbx_validate_torsion.id 
_pdbx_validate_torsion.PDB_model_num 
_pdbx_validate_torsion.auth_comp_id 
_pdbx_validate_torsion.auth_asym_id 
_pdbx_validate_torsion.auth_seq_id 
_pdbx_validate_torsion.PDB_ins_code 
_pdbx_validate_torsion.label_alt_id 
_pdbx_validate_torsion.phi 
_pdbx_validate_torsion.psi 
1 1 GLU A 42  ? ? -117.28 -165.79 
2 1 THR A 93  ? ? -157.67 -157.26 
3 1 ASP A 102 ? ? -91.60  -62.54  
4 1 THR A 135 ? ? -103.92 -140.17 
5 1 ASN A 160 ? ? -113.71 74.27   
6 1 THR A 176 ? ? -132.98 -152.14 
7 1 ILE A 179 ? ? -164.49 81.27   
# 
_phasing.method   MR 
# 
loop_
_pdbx_unobs_or_zero_occ_residues.id 
_pdbx_unobs_or_zero_occ_residues.PDB_model_num 
_pdbx_unobs_or_zero_occ_residues.polymer_flag 
_pdbx_unobs_or_zero_occ_residues.occupancy_flag 
_pdbx_unobs_or_zero_occ_residues.auth_asym_id 
_pdbx_unobs_or_zero_occ_residues.auth_comp_id 
_pdbx_unobs_or_zero_occ_residues.auth_seq_id 
_pdbx_unobs_or_zero_occ_residues.PDB_ins_code 
_pdbx_unobs_or_zero_occ_residues.label_asym_id 
_pdbx_unobs_or_zero_occ_residues.label_comp_id 
_pdbx_unobs_or_zero_occ_residues.label_seq_id 
1  1 Y 1 A MET 14  ? A MET 1   
2  1 Y 1 A ARG 15  ? A ARG 2   
3  1 Y 1 A GLY 16  ? A GLY 3   
4  1 Y 1 A SER 17  ? A SER 4   
5  1 Y 1 A HIS 18  ? A HIS 5   
6  1 Y 1 A HIS 19  ? A HIS 6   
7  1 Y 1 A HIS 20  ? A HIS 7   
8  1 Y 1 A HIS 21  ? A HIS 8   
9  1 Y 1 A HIS 22  ? A HIS 9   
10 1 Y 1 A HIS 23  ? A HIS 10  
11 1 Y 1 A GLY 24  ? A GLY 11  
12 1 Y 1 A ARG 25  ? A ARG 12  
13 1 Y 1 A SER 26  ? A SER 13  
14 1 Y 1 A ARG 27  ? A ARG 14  
15 1 Y 1 A SER 28  ? A SER 15  
16 1 Y 1 A LEU 29  ? A LEU 16  
17 1 Y 1 A ASN 30  ? A ASN 17  
18 1 Y 1 A PRO 31  ? A PRO 18  
19 1 Y 1 A LEU 32  ? A LEU 19  
20 1 Y 1 A SER 33  ? A SER 20  
21 1 Y 1 A THR 34  ? A THR 21  
22 1 Y 1 A PRO 35  ? A PRO 22  
23 1 Y 1 A GLN 36  ? A GLN 23  
24 1 Y 1 A PHE 37  ? A PHE 24  
25 1 Y 1 A ASP 38  ? A ASP 25  
26 1 Y 1 A SER 39  ? A SER 26  
27 1 Y 1 A THR 40  ? A THR 27  
28 1 Y 1 A ASN 67  ? A ASN 54  
29 1 Y 1 A THR 68  ? A THR 55  
30 1 Y 1 A ASN 69  ? A ASN 56  
31 1 Y 1 A SER 70  ? A SER 57  
32 1 Y 1 A HIS 71  ? A HIS 58  
33 1 Y 1 A ASN 72  ? A ASN 59  
34 1 Y 1 A GLN 73  ? A GLN 60  
35 1 Y 1 A LEU 74  ? A LEU 61  
36 1 Y 1 A GLU 75  ? A GLU 62  
37 1 Y 1 A ILE 76  ? A ILE 63  
38 1 Y 1 A ARG 77  ? A ARG 64  
39 1 Y 1 A THR 78  ? A THR 65  
40 1 Y 1 A PRO 183 ? A PRO 170 
41 1 Y 1 A THR 184 ? A THR 171 
42 1 Y 1 A GLY 185 ? A GLY 172 
43 1 Y 1 A ARG 186 ? A ARG 173 
44 1 Y 1 A GLN 187 ? A GLN 174 
45 1 Y 1 A PHE 220 ? A PHE 207 
46 1 Y 1 A ASP 221 ? A ASP 208 
47 1 Y 1 A LYS 222 ? A LYS 209 
48 1 Y 1 A SER 223 ? A SER 210 
49 1 Y 1 A ASN 224 ? A ASN 211 
50 1 Y 1 A ASP 225 ? A ASP 212 
51 1 Y 1 A GLY 226 ? A GLY 213 
52 1 Y 1 A GLU 227 ? A GLU 214 
53 1 Y 1 A THR 228 ? A THR 215 
54 1 Y 1 A PRO 229 ? A PRO 216 
55 1 Y 1 A GLU 230 ? A GLU 217 
56 1 Y 1 A ARG 253 ? A ARG 240 
57 1 Y 1 A VAL 254 ? A VAL 241 
58 1 Y 1 A ILE 255 ? A ILE 242 
59 1 Y 1 A ARG 256 ? A ARG 243 
# 
loop_
_chem_comp_atom.comp_id 
_chem_comp_atom.atom_id 
_chem_comp_atom.type_symbol 
_chem_comp_atom.pdbx_aromatic_flag 
_chem_comp_atom.pdbx_stereo_config 
_chem_comp_atom.pdbx_ordinal 
ALA N    N N N 1   
ALA CA   C N S 2   
ALA C    C N N 3   
ALA O    O N N 4   
ALA CB   C N N 5   
ALA OXT  O N N 6   
ALA H    H N N 7   
ALA H2   H N N 8   
ALA HA   H N N 9   
ALA HB1  H N N 10  
ALA HB2  H N N 11  
ALA HB3  H N N 12  
ALA HXT  H N N 13  
ARG N    N N N 14  
ARG CA   C N S 15  
ARG C    C N N 16  
ARG O    O N N 17  
ARG CB   C N N 18  
ARG CG   C N N 19  
ARG CD   C N N 20  
ARG NE   N N N 21  
ARG CZ   C N N 22  
ARG NH1  N N N 23  
ARG NH2  N N N 24  
ARG OXT  O N N 25  
ARG H    H N N 26  
ARG H2   H N N 27  
ARG HA   H N N 28  
ARG HB2  H N N 29  
ARG HB3  H N N 30  
ARG HG2  H N N 31  
ARG HG3  H N N 32  
ARG HD2  H N N 33  
ARG HD3  H N N 34  
ARG HE   H N N 35  
ARG HH11 H N N 36  
ARG HH12 H N N 37  
ARG HH21 H N N 38  
ARG HH22 H N N 39  
ARG HXT  H N N 40  
ASN N    N N N 41  
ASN CA   C N S 42  
ASN C    C N N 43  
ASN O    O N N 44  
ASN CB   C N N 45  
ASN CG   C N N 46  
ASN OD1  O N N 47  
ASN ND2  N N N 48  
ASN OXT  O N N 49  
ASN H    H N N 50  
ASN H2   H N N 51  
ASN HA   H N N 52  
ASN HB2  H N N 53  
ASN HB3  H N N 54  
ASN HD21 H N N 55  
ASN HD22 H N N 56  
ASN HXT  H N N 57  
ASP N    N N N 58  
ASP CA   C N S 59  
ASP C    C N N 60  
ASP O    O N N 61  
ASP CB   C N N 62  
ASP CG   C N N 63  
ASP OD1  O N N 64  
ASP OD2  O N N 65  
ASP OXT  O N N 66  
ASP H    H N N 67  
ASP H2   H N N 68  
ASP HA   H N N 69  
ASP HB2  H N N 70  
ASP HB3  H N N 71  
ASP HD2  H N N 72  
ASP HXT  H N N 73  
GLN N    N N N 74  
GLN CA   C N S 75  
GLN C    C N N 76  
GLN O    O N N 77  
GLN CB   C N N 78  
GLN CG   C N N 79  
GLN CD   C N N 80  
GLN OE1  O N N 81  
GLN NE2  N N N 82  
GLN OXT  O N N 83  
GLN H    H N N 84  
GLN H2   H N N 85  
GLN HA   H N N 86  
GLN HB2  H N N 87  
GLN HB3  H N N 88  
GLN HG2  H N N 89  
GLN HG3  H N N 90  
GLN HE21 H N N 91  
GLN HE22 H N N 92  
GLN HXT  H N N 93  
GLU N    N N N 94  
GLU CA   C N S 95  
GLU C    C N N 96  
GLU O    O N N 97  
GLU CB   C N N 98  
GLU CG   C N N 99  
GLU CD   C N N 100 
GLU OE1  O N N 101 
GLU OE2  O N N 102 
GLU OXT  O N N 103 
GLU H    H N N 104 
GLU H2   H N N 105 
GLU HA   H N N 106 
GLU HB2  H N N 107 
GLU HB3  H N N 108 
GLU HG2  H N N 109 
GLU HG3  H N N 110 
GLU HE2  H N N 111 
GLU HXT  H N N 112 
GLY N    N N N 113 
GLY CA   C N N 114 
GLY C    C N N 115 
GLY O    O N N 116 
GLY OXT  O N N 117 
GLY H    H N N 118 
GLY H2   H N N 119 
GLY HA2  H N N 120 
GLY HA3  H N N 121 
GLY HXT  H N N 122 
HIS N    N N N 123 
HIS CA   C N S 124 
HIS C    C N N 125 
HIS O    O N N 126 
HIS CB   C N N 127 
HIS CG   C Y N 128 
HIS ND1  N Y N 129 
HIS CD2  C Y N 130 
HIS CE1  C Y N 131 
HIS NE2  N Y N 132 
HIS OXT  O N N 133 
HIS H    H N N 134 
HIS H2   H N N 135 
HIS HA   H N N 136 
HIS HB2  H N N 137 
HIS HB3  H N N 138 
HIS HD1  H N N 139 
HIS HD2  H N N 140 
HIS HE1  H N N 141 
HIS HE2  H N N 142 
HIS HXT  H N N 143 
ILE N    N N N 144 
ILE CA   C N S 145 
ILE C    C N N 146 
ILE O    O N N 147 
ILE CB   C N S 148 
ILE CG1  C N N 149 
ILE CG2  C N N 150 
ILE CD1  C N N 151 
ILE OXT  O N N 152 
ILE H    H N N 153 
ILE H2   H N N 154 
ILE HA   H N N 155 
ILE HB   H N N 156 
ILE HG12 H N N 157 
ILE HG13 H N N 158 
ILE HG21 H N N 159 
ILE HG22 H N N 160 
ILE HG23 H N N 161 
ILE HD11 H N N 162 
ILE HD12 H N N 163 
ILE HD13 H N N 164 
ILE HXT  H N N 165 
LEU N    N N N 166 
LEU CA   C N S 167 
LEU C    C N N 168 
LEU O    O N N 169 
LEU CB   C N N 170 
LEU CG   C N N 171 
LEU CD1  C N N 172 
LEU CD2  C N N 173 
LEU OXT  O N N 174 
LEU H    H N N 175 
LEU H2   H N N 176 
LEU HA   H N N 177 
LEU HB2  H N N 178 
LEU HB3  H N N 179 
LEU HG   H N N 180 
LEU HD11 H N N 181 
LEU HD12 H N N 182 
LEU HD13 H N N 183 
LEU HD21 H N N 184 
LEU HD22 H N N 185 
LEU HD23 H N N 186 
LEU HXT  H N N 187 
LYS N    N N N 188 
LYS CA   C N S 189 
LYS C    C N N 190 
LYS O    O N N 191 
LYS CB   C N N 192 
LYS CG   C N N 193 
LYS CD   C N N 194 
LYS CE   C N N 195 
LYS NZ   N N N 196 
LYS OXT  O N N 197 
LYS H    H N N 198 
LYS H2   H N N 199 
LYS HA   H N N 200 
LYS HB2  H N N 201 
LYS HB3  H N N 202 
LYS HG2  H N N 203 
LYS HG3  H N N 204 
LYS HD2  H N N 205 
LYS HD3  H N N 206 
LYS HE2  H N N 207 
LYS HE3  H N N 208 
LYS HZ1  H N N 209 
LYS HZ2  H N N 210 
LYS HZ3  H N N 211 
LYS HXT  H N N 212 
MET N    N N N 213 
MET CA   C N S 214 
MET C    C N N 215 
MET O    O N N 216 
MET CB   C N N 217 
MET CG   C N N 218 
MET SD   S N N 219 
MET CE   C N N 220 
MET OXT  O N N 221 
MET H    H N N 222 
MET H2   H N N 223 
MET HA   H N N 224 
MET HB2  H N N 225 
MET HB3  H N N 226 
MET HG2  H N N 227 
MET HG3  H N N 228 
MET HE1  H N N 229 
MET HE2  H N N 230 
MET HE3  H N N 231 
MET HXT  H N N 232 
PHE N    N N N 233 
PHE CA   C N S 234 
PHE C    C N N 235 
PHE O    O N N 236 
PHE CB   C N N 237 
PHE CG   C Y N 238 
PHE CD1  C Y N 239 
PHE CD2  C Y N 240 
PHE CE1  C Y N 241 
PHE CE2  C Y N 242 
PHE CZ   C Y N 243 
PHE OXT  O N N 244 
PHE H    H N N 245 
PHE H2   H N N 246 
PHE HA   H N N 247 
PHE HB2  H N N 248 
PHE HB3  H N N 249 
PHE HD1  H N N 250 
PHE HD2  H N N 251 
PHE HE1  H N N 252 
PHE HE2  H N N 253 
PHE HZ   H N N 254 
PHE HXT  H N N 255 
PRO N    N N N 256 
PRO CA   C N S 257 
PRO C    C N N 258 
PRO O    O N N 259 
PRO CB   C N N 260 
PRO CG   C N N 261 
PRO CD   C N N 262 
PRO OXT  O N N 263 
PRO H    H N N 264 
PRO HA   H N N 265 
PRO HB2  H N N 266 
PRO HB3  H N N 267 
PRO HG2  H N N 268 
PRO HG3  H N N 269 
PRO HD2  H N N 270 
PRO HD3  H N N 271 
PRO HXT  H N N 272 
SER N    N N N 273 
SER CA   C N S 274 
SER C    C N N 275 
SER O    O N N 276 
SER CB   C N N 277 
SER OG   O N N 278 
SER OXT  O N N 279 
SER H    H N N 280 
SER H2   H N N 281 
SER HA   H N N 282 
SER HB2  H N N 283 
SER HB3  H N N 284 
SER HG   H N N 285 
SER HXT  H N N 286 
THR N    N N N 287 
THR CA   C N S 288 
THR C    C N N 289 
THR O    O N N 290 
THR CB   C N R 291 
THR OG1  O N N 292 
THR CG2  C N N 293 
THR OXT  O N N 294 
THR H    H N N 295 
THR H2   H N N 296 
THR HA   H N N 297 
THR HB   H N N 298 
THR HG1  H N N 299 
THR HG21 H N N 300 
THR HG22 H N N 301 
THR HG23 H N N 302 
THR HXT  H N N 303 
TYR N    N N N 304 
TYR CA   C N S 305 
TYR C    C N N 306 
TYR O    O N N 307 
TYR CB   C N N 308 
TYR CG   C Y N 309 
TYR CD1  C Y N 310 
TYR CD2  C Y N 311 
TYR CE1  C Y N 312 
TYR CE2  C Y N 313 
TYR CZ   C Y N 314 
TYR OH   O N N 315 
TYR OXT  O N N 316 
TYR H    H N N 317 
TYR H2   H N N 318 
TYR HA   H N N 319 
TYR HB2  H N N 320 
TYR HB3  H N N 321 
TYR HD1  H N N 322 
TYR HD2  H N N 323 
TYR HE1  H N N 324 
TYR HE2  H N N 325 
TYR HH   H N N 326 
TYR HXT  H N N 327 
VAL N    N N N 328 
VAL CA   C N S 329 
VAL C    C N N 330 
VAL O    O N N 331 
VAL CB   C N N 332 
VAL CG1  C N N 333 
VAL CG2  C N N 334 
VAL OXT  O N N 335 
VAL H    H N N 336 
VAL H2   H N N 337 
VAL HA   H N N 338 
VAL HB   H N N 339 
VAL HG11 H N N 340 
VAL HG12 H N N 341 
VAL HG13 H N N 342 
VAL HG21 H N N 343 
VAL HG22 H N N 344 
VAL HG23 H N N 345 
VAL HXT  H N N 346 
# 
loop_
_chem_comp_bond.comp_id 
_chem_comp_bond.atom_id_1 
_chem_comp_bond.atom_id_2 
_chem_comp_bond.value_order 
_chem_comp_bond.pdbx_aromatic_flag 
_chem_comp_bond.pdbx_stereo_config 
_chem_comp_bond.pdbx_ordinal 
ALA N   CA   sing N N 1   
ALA N   H    sing N N 2   
ALA N   H2   sing N N 3   
ALA CA  C    sing N N 4   
ALA CA  CB   sing N N 5   
ALA CA  HA   sing N N 6   
ALA C   O    doub N N 7   
ALA C   OXT  sing N N 8   
ALA CB  HB1  sing N N 9   
ALA CB  HB2  sing N N 10  
ALA CB  HB3  sing N N 11  
ALA OXT HXT  sing N N 12  
ARG N   CA   sing N N 13  
ARG N   H    sing N N 14  
ARG N   H2   sing N N 15  
ARG CA  C    sing N N 16  
ARG CA  CB   sing N N 17  
ARG CA  HA   sing N N 18  
ARG C   O    doub N N 19  
ARG C   OXT  sing N N 20  
ARG CB  CG   sing N N 21  
ARG CB  HB2  sing N N 22  
ARG CB  HB3  sing N N 23  
ARG CG  CD   sing N N 24  
ARG CG  HG2  sing N N 25  
ARG CG  HG3  sing N N 26  
ARG CD  NE   sing N N 27  
ARG CD  HD2  sing N N 28  
ARG CD  HD3  sing N N 29  
ARG NE  CZ   sing N N 30  
ARG NE  HE   sing N N 31  
ARG CZ  NH1  sing N N 32  
ARG CZ  NH2  doub N N 33  
ARG NH1 HH11 sing N N 34  
ARG NH1 HH12 sing N N 35  
ARG NH2 HH21 sing N N 36  
ARG NH2 HH22 sing N N 37  
ARG OXT HXT  sing N N 38  
ASN N   CA   sing N N 39  
ASN N   H    sing N N 40  
ASN N   H2   sing N N 41  
ASN CA  C    sing N N 42  
ASN CA  CB   sing N N 43  
ASN CA  HA   sing N N 44  
ASN C   O    doub N N 45  
ASN C   OXT  sing N N 46  
ASN CB  CG   sing N N 47  
ASN CB  HB2  sing N N 48  
ASN CB  HB3  sing N N 49  
ASN CG  OD1  doub N N 50  
ASN CG  ND2  sing N N 51  
ASN ND2 HD21 sing N N 52  
ASN ND2 HD22 sing N N 53  
ASN OXT HXT  sing N N 54  
ASP N   CA   sing N N 55  
ASP N   H    sing N N 56  
ASP N   H2   sing N N 57  
ASP CA  C    sing N N 58  
ASP CA  CB   sing N N 59  
ASP CA  HA   sing N N 60  
ASP C   O    doub N N 61  
ASP C   OXT  sing N N 62  
ASP CB  CG   sing N N 63  
ASP CB  HB2  sing N N 64  
ASP CB  HB3  sing N N 65  
ASP CG  OD1  doub N N 66  
ASP CG  OD2  sing N N 67  
ASP OD2 HD2  sing N N 68  
ASP OXT HXT  sing N N 69  
GLN N   CA   sing N N 70  
GLN N   H    sing N N 71  
GLN N   H2   sing N N 72  
GLN CA  C    sing N N 73  
GLN CA  CB   sing N N 74  
GLN CA  HA   sing N N 75  
GLN C   O    doub N N 76  
GLN C   OXT  sing N N 77  
GLN CB  CG   sing N N 78  
GLN CB  HB2  sing N N 79  
GLN CB  HB3  sing N N 80  
GLN CG  CD   sing N N 81  
GLN CG  HG2  sing N N 82  
GLN CG  HG3  sing N N 83  
GLN CD  OE1  doub N N 84  
GLN CD  NE2  sing N N 85  
GLN NE2 HE21 sing N N 86  
GLN NE2 HE22 sing N N 87  
GLN OXT HXT  sing N N 88  
GLU N   CA   sing N N 89  
GLU N   H    sing N N 90  
GLU N   H2   sing N N 91  
GLU CA  C    sing N N 92  
GLU CA  CB   sing N N 93  
GLU CA  HA   sing N N 94  
GLU C   O    doub N N 95  
GLU C   OXT  sing N N 96  
GLU CB  CG   sing N N 97  
GLU CB  HB2  sing N N 98  
GLU CB  HB3  sing N N 99  
GLU CG  CD   sing N N 100 
GLU CG  HG2  sing N N 101 
GLU CG  HG3  sing N N 102 
GLU CD  OE1  doub N N 103 
GLU CD  OE2  sing N N 104 
GLU OE2 HE2  sing N N 105 
GLU OXT HXT  sing N N 106 
GLY N   CA   sing N N 107 
GLY N   H    sing N N 108 
GLY N   H2   sing N N 109 
GLY CA  C    sing N N 110 
GLY CA  HA2  sing N N 111 
GLY CA  HA3  sing N N 112 
GLY C   O    doub N N 113 
GLY C   OXT  sing N N 114 
GLY OXT HXT  sing N N 115 
HIS N   CA   sing N N 116 
HIS N   H    sing N N 117 
HIS N   H2   sing N N 118 
HIS CA  C    sing N N 119 
HIS CA  CB   sing N N 120 
HIS CA  HA   sing N N 121 
HIS C   O    doub N N 122 
HIS C   OXT  sing N N 123 
HIS CB  CG   sing N N 124 
HIS CB  HB2  sing N N 125 
HIS CB  HB3  sing N N 126 
HIS CG  ND1  sing Y N 127 
HIS CG  CD2  doub Y N 128 
HIS ND1 CE1  doub Y N 129 
HIS ND1 HD1  sing N N 130 
HIS CD2 NE2  sing Y N 131 
HIS CD2 HD2  sing N N 132 
HIS CE1 NE2  sing Y N 133 
HIS CE1 HE1  sing N N 134 
HIS NE2 HE2  sing N N 135 
HIS OXT HXT  sing N N 136 
ILE N   CA   sing N N 137 
ILE N   H    sing N N 138 
ILE N   H2   sing N N 139 
ILE CA  C    sing N N 140 
ILE CA  CB   sing N N 141 
ILE CA  HA   sing N N 142 
ILE C   O    doub N N 143 
ILE C   OXT  sing N N 144 
ILE CB  CG1  sing N N 145 
ILE CB  CG2  sing N N 146 
ILE CB  HB   sing N N 147 
ILE CG1 CD1  sing N N 148 
ILE CG1 HG12 sing N N 149 
ILE CG1 HG13 sing N N 150 
ILE CG2 HG21 sing N N 151 
ILE CG2 HG22 sing N N 152 
ILE CG2 HG23 sing N N 153 
ILE CD1 HD11 sing N N 154 
ILE CD1 HD12 sing N N 155 
ILE CD1 HD13 sing N N 156 
ILE OXT HXT  sing N N 157 
LEU N   CA   sing N N 158 
LEU N   H    sing N N 159 
LEU N   H2   sing N N 160 
LEU CA  C    sing N N 161 
LEU CA  CB   sing N N 162 
LEU CA  HA   sing N N 163 
LEU C   O    doub N N 164 
LEU C   OXT  sing N N 165 
LEU CB  CG   sing N N 166 
LEU CB  HB2  sing N N 167 
LEU CB  HB3  sing N N 168 
LEU CG  CD1  sing N N 169 
LEU CG  CD2  sing N N 170 
LEU CG  HG   sing N N 171 
LEU CD1 HD11 sing N N 172 
LEU CD1 HD12 sing N N 173 
LEU CD1 HD13 sing N N 174 
LEU CD2 HD21 sing N N 175 
LEU CD2 HD22 sing N N 176 
LEU CD2 HD23 sing N N 177 
LEU OXT HXT  sing N N 178 
LYS N   CA   sing N N 179 
LYS N   H    sing N N 180 
LYS N   H2   sing N N 181 
LYS CA  C    sing N N 182 
LYS CA  CB   sing N N 183 
LYS CA  HA   sing N N 184 
LYS C   O    doub N N 185 
LYS C   OXT  sing N N 186 
LYS CB  CG   sing N N 187 
LYS CB  HB2  sing N N 188 
LYS CB  HB3  sing N N 189 
LYS CG  CD   sing N N 190 
LYS CG  HG2  sing N N 191 
LYS CG  HG3  sing N N 192 
LYS CD  CE   sing N N 193 
LYS CD  HD2  sing N N 194 
LYS CD  HD3  sing N N 195 
LYS CE  NZ   sing N N 196 
LYS CE  HE2  sing N N 197 
LYS CE  HE3  sing N N 198 
LYS NZ  HZ1  sing N N 199 
LYS NZ  HZ2  sing N N 200 
LYS NZ  HZ3  sing N N 201 
LYS OXT HXT  sing N N 202 
MET N   CA   sing N N 203 
MET N   H    sing N N 204 
MET N   H2   sing N N 205 
MET CA  C    sing N N 206 
MET CA  CB   sing N N 207 
MET CA  HA   sing N N 208 
MET C   O    doub N N 209 
MET C   OXT  sing N N 210 
MET CB  CG   sing N N 211 
MET CB  HB2  sing N N 212 
MET CB  HB3  sing N N 213 
MET CG  SD   sing N N 214 
MET CG  HG2  sing N N 215 
MET CG  HG3  sing N N 216 
MET SD  CE   sing N N 217 
MET CE  HE1  sing N N 218 
MET CE  HE2  sing N N 219 
MET CE  HE3  sing N N 220 
MET OXT HXT  sing N N 221 
PHE N   CA   sing N N 222 
PHE N   H    sing N N 223 
PHE N   H2   sing N N 224 
PHE CA  C    sing N N 225 
PHE CA  CB   sing N N 226 
PHE CA  HA   sing N N 227 
PHE C   O    doub N N 228 
PHE C   OXT  sing N N 229 
PHE CB  CG   sing N N 230 
PHE CB  HB2  sing N N 231 
PHE CB  HB3  sing N N 232 
PHE CG  CD1  doub Y N 233 
PHE CG  CD2  sing Y N 234 
PHE CD1 CE1  sing Y N 235 
PHE CD1 HD1  sing N N 236 
PHE CD2 CE2  doub Y N 237 
PHE CD2 HD2  sing N N 238 
PHE CE1 CZ   doub Y N 239 
PHE CE1 HE1  sing N N 240 
PHE CE2 CZ   sing Y N 241 
PHE CE2 HE2  sing N N 242 
PHE CZ  HZ   sing N N 243 
PHE OXT HXT  sing N N 244 
PRO N   CA   sing N N 245 
PRO N   CD   sing N N 246 
PRO N   H    sing N N 247 
PRO CA  C    sing N N 248 
PRO CA  CB   sing N N 249 
PRO CA  HA   sing N N 250 
PRO C   O    doub N N 251 
PRO C   OXT  sing N N 252 
PRO CB  CG   sing N N 253 
PRO CB  HB2  sing N N 254 
PRO CB  HB3  sing N N 255 
PRO CG  CD   sing N N 256 
PRO CG  HG2  sing N N 257 
PRO CG  HG3  sing N N 258 
PRO CD  HD2  sing N N 259 
PRO CD  HD3  sing N N 260 
PRO OXT HXT  sing N N 261 
SER N   CA   sing N N 262 
SER N   H    sing N N 263 
SER N   H2   sing N N 264 
SER CA  C    sing N N 265 
SER CA  CB   sing N N 266 
SER CA  HA   sing N N 267 
SER C   O    doub N N 268 
SER C   OXT  sing N N 269 
SER CB  OG   sing N N 270 
SER CB  HB2  sing N N 271 
SER CB  HB3  sing N N 272 
SER OG  HG   sing N N 273 
SER OXT HXT  sing N N 274 
THR N   CA   sing N N 275 
THR N   H    sing N N 276 
THR N   H2   sing N N 277 
THR CA  C    sing N N 278 
THR CA  CB   sing N N 279 
THR CA  HA   sing N N 280 
THR C   O    doub N N 281 
THR C   OXT  sing N N 282 
THR CB  OG1  sing N N 283 
THR CB  CG2  sing N N 284 
THR CB  HB   sing N N 285 
THR OG1 HG1  sing N N 286 
THR CG2 HG21 sing N N 287 
THR CG2 HG22 sing N N 288 
THR CG2 HG23 sing N N 289 
THR OXT HXT  sing N N 290 
TYR N   CA   sing N N 291 
TYR N   H    sing N N 292 
TYR N   H2   sing N N 293 
TYR CA  C    sing N N 294 
TYR CA  CB   sing N N 295 
TYR CA  HA   sing N N 296 
TYR C   O    doub N N 297 
TYR C   OXT  sing N N 298 
TYR CB  CG   sing N N 299 
TYR CB  HB2  sing N N 300 
TYR CB  HB3  sing N N 301 
TYR CG  CD1  doub Y N 302 
TYR CG  CD2  sing Y N 303 
TYR CD1 CE1  sing Y N 304 
TYR CD1 HD1  sing N N 305 
TYR CD2 CE2  doub Y N 306 
TYR CD2 HD2  sing N N 307 
TYR CE1 CZ   doub Y N 308 
TYR CE1 HE1  sing N N 309 
TYR CE2 CZ   sing Y N 310 
TYR CE2 HE2  sing N N 311 
TYR CZ  OH   sing N N 312 
TYR OH  HH   sing N N 313 
TYR OXT HXT  sing N N 314 
VAL N   CA   sing N N 315 
VAL N   H    sing N N 316 
VAL N   H2   sing N N 317 
VAL CA  C    sing N N 318 
VAL CA  CB   sing N N 319 
VAL CA  HA   sing N N 320 
VAL C   O    doub N N 321 
VAL C   OXT  sing N N 322 
VAL CB  CG1  sing N N 323 
VAL CB  CG2  sing N N 324 
VAL CB  HB   sing N N 325 
VAL CG1 HG11 sing N N 326 
VAL CG1 HG12 sing N N 327 
VAL CG1 HG13 sing N N 328 
VAL CG2 HG21 sing N N 329 
VAL CG2 HG22 sing N N 330 
VAL CG2 HG23 sing N N 331 
VAL OXT HXT  sing N N 332 
# 
_atom_sites.entry_id                    3B8J 
_atom_sites.fract_transf_matrix[1][1]   -0.01382333 
_atom_sites.fract_transf_matrix[1][2]   -0.00810281 
_atom_sites.fract_transf_matrix[1][3]   0.00292643 
_atom_sites.fract_transf_matrix[2][1]   -0.00123059 
_atom_sites.fract_transf_matrix[2][2]   -0.01573077 
_atom_sites.fract_transf_matrix[2][3]   -0.00404072 
_atom_sites.fract_transf_matrix[3][1]   0.00283755 
_atom_sites.fract_transf_matrix[3][2]   -0.00214168 
_atom_sites.fract_transf_matrix[3][3]   0.00747353 
_atom_sites.fract_transf_vector[1]      0.029037 
_atom_sites.fract_transf_vector[2]      0.411420 
_atom_sites.fract_transf_vector[3]      -0.006390 
# 
loop_
_atom_type.symbol 
C 
N 
O 
S 
# 
loop_
_atom_site.group_PDB 
_atom_site.id 
_atom_site.type_symbol 
_atom_site.label_atom_id 
_atom_site.label_alt_id 
_atom_site.label_comp_id 
_atom_site.label_asym_id 
_atom_site.label_entity_id 
_atom_site.label_seq_id 
_atom_site.pdbx_PDB_ins_code 
_atom_site.Cartn_x 
_atom_site.Cartn_y 
_atom_site.Cartn_z 
_atom_site.occupancy 
_atom_site.B_iso_or_equiv 
_atom_site.pdbx_formal_charge 
_atom_site.auth_seq_id 
_atom_site.auth_comp_id 
_atom_site.auth_asym_id 
_atom_site.auth_atom_id 
_atom_site.pdbx_PDB_model_num 
ATOM 1    N N   . ASP A 1 28  ? -9.348  -22.392 -25.317 1.00 96.12  ? 41  ASP A N   1 
ATOM 2    C CA  . ASP A 1 28  ? -10.791 -22.478 -25.503 1.00 95.39  ? 41  ASP A CA  1 
ATOM 3    C C   . ASP A 1 28  ? -11.464 -21.148 -25.194 1.00 105.12 ? 41  ASP A C   1 
ATOM 4    O O   . ASP A 1 28  ? -11.652 -20.314 -26.081 1.00 107.56 ? 41  ASP A O   1 
ATOM 5    C CB  . ASP A 1 28  ? -11.383 -23.576 -24.616 1.00 99.29  ? 41  ASP A CB  1 
ATOM 6    C CG  . ASP A 1 28  ? -10.914 -24.963 -25.012 1.00 104.71 ? 41  ASP A CG  1 
ATOM 7    O OD1 . ASP A 1 28  ? -11.447 -25.950 -24.464 1.00 101.00 ? 41  ASP A OD1 1 
ATOM 8    O OD2 . ASP A 1 28  ? -10.014 -25.067 -25.873 1.00 99.35  ? 41  ASP A OD2 1 
ATOM 9    N N   . GLU A 1 29  ? -11.818 -20.956 -23.928 1.00 104.18 ? 42  GLU A N   1 
ATOM 10   C CA  . GLU A 1 29  ? -12.528 -19.756 -23.503 1.00 97.64  ? 42  GLU A CA  1 
ATOM 11   C C   . GLU A 1 29  ? -11.709 -18.944 -22.508 1.00 93.73  ? 42  GLU A C   1 
ATOM 12   O O   . GLU A 1 29  ? -10.511 -19.169 -22.344 1.00 89.85  ? 42  GLU A O   1 
ATOM 13   C CB  . GLU A 1 29  ? -13.872 -20.131 -22.885 1.00 94.31  ? 42  GLU A CB  1 
ATOM 14   C CG  . GLU A 1 29  ? -14.753 -20.960 -23.798 1.00 103.64 ? 42  GLU A CG  1 
ATOM 15   C CD  . GLU A 1 29  ? -15.971 -21.509 -23.086 1.00 106.58 ? 42  GLU A CD  1 
ATOM 16   O OE1 . GLU A 1 29  ? -15.867 -21.803 -21.876 1.00 101.68 ? 42  GLU A OE1 1 
ATOM 17   O OE2 . GLU A 1 29  ? -17.028 -21.651 -23.734 1.00 115.45 ? 42  GLU A OE2 1 
ATOM 18   N N   . THR A 1 30  ? -12.368 -18.001 -21.841 1.00 90.75  ? 43  THR A N   1 
ATOM 19   C CA  . THR A 1 30  ? -11.689 -17.105 -20.913 1.00 89.65  ? 43  THR A CA  1 
ATOM 20   C C   . THR A 1 30  ? -12.157 -17.301 -19.475 1.00 87.14  ? 43  THR A C   1 
ATOM 21   O O   . THR A 1 30  ? -13.339 -17.142 -19.177 1.00 84.39  ? 43  THR A O   1 
ATOM 22   C CB  . THR A 1 30  ? -11.889 -15.631 -21.311 1.00 92.52  ? 43  THR A CB  1 
ATOM 23   O OG1 . THR A 1 30  ? -11.336 -15.409 -22.615 1.00 94.37  ? 43  THR A OG1 1 
ATOM 24   C CG2 . THR A 1 30  ? -11.205 -14.712 -20.310 1.00 93.42  ? 43  THR A CG2 1 
ATOM 25   N N   . PRO A 1 31  ? -11.221 -17.651 -18.581 1.00 83.52  ? 44  PRO A N   1 
ATOM 26   C CA  . PRO A 1 31  ? -11.494 -17.857 -17.155 1.00 78.93  ? 44  PRO A CA  1 
ATOM 27   C C   . PRO A 1 31  ? -11.761 -16.540 -16.441 1.00 81.36  ? 44  PRO A C   1 
ATOM 28   O O   . PRO A 1 31  ? -11.064 -15.558 -16.701 1.00 82.02  ? 44  PRO A O   1 
ATOM 29   C CB  . PRO A 1 31  ? -10.183 -18.457 -16.628 1.00 74.47  ? 44  PRO A CB  1 
ATOM 30   C CG  . PRO A 1 31  ? -9.419  -18.891 -17.844 1.00 76.36  ? 44  PRO A CG  1 
ATOM 31   C CD  . PRO A 1 31  ? -9.821  -17.946 -18.921 1.00 76.98  ? 44  PRO A CD  1 
ATOM 32   N N   . ALA A 1 32  ? -12.756 -16.514 -15.559 1.00 69.08  ? 45  ALA A N   1 
ATOM 33   C CA  . ALA A 1 32  ? -12.986 -15.342 -14.729 1.00 68.57  ? 45  ALA A CA  1 
ATOM 34   C C   . ALA A 1 32  ? -11.716 -15.074 -13.938 1.00 67.27  ? 45  ALA A C   1 
ATOM 35   O O   . ALA A 1 32  ? -11.196 -15.964 -13.266 1.00 66.95  ? 45  ALA A O   1 
ATOM 36   C CB  . ALA A 1 32  ? -14.166 -15.565 -13.792 1.00 62.93  ? 45  ALA A CB  1 
ATOM 37   N N   . SER A 1 33  ? -11.208 -13.851 -14.025 1.00 64.82  ? 46  SER A N   1 
ATOM 38   C CA  . SER A 1 33  ? -9.924  -13.533 -13.418 1.00 68.28  ? 46  SER A CA  1 
ATOM 39   C C   . SER A 1 33  ? -9.750  -12.044 -13.163 1.00 70.21  ? 46  SER A C   1 
ATOM 40   O O   . SER A 1 33  ? -10.211 -11.207 -13.941 1.00 75.10  ? 46  SER A O   1 
ATOM 41   C CB  . SER A 1 33  ? -8.784  -14.037 -14.304 1.00 68.24  ? 46  SER A CB  1 
ATOM 42   O OG  . SER A 1 33  ? -7.537  -13.546 -13.850 1.00 66.68  ? 46  SER A OG  1 
ATOM 43   N N   . TYR A 1 34  ? -9.074  -11.718 -12.068 1.00 64.58  ? 47  TYR A N   1 
ATOM 44   C CA  . TYR A 1 34  ? -8.763  -10.334 -11.762 1.00 68.89  ? 47  TYR A CA  1 
ATOM 45   C C   . TYR A 1 34  ? -7.274  -10.099 -11.965 1.00 67.74  ? 47  TYR A C   1 
ATOM 46   O O   . TYR A 1 34  ? -6.641  -9.359  -11.215 1.00 68.55  ? 47  TYR A O   1 
ATOM 47   C CB  . TYR A 1 34  ? -9.189  -9.991  -10.334 1.00 70.28  ? 47  TYR A CB  1 
ATOM 48   C CG  . TYR A 1 34  ? -10.645 -10.288 -10.054 1.00 64.15  ? 47  TYR A CG  1 
ATOM 49   C CD1 . TYR A 1 34  ? -11.012 -11.271 -9.146  1.00 63.99  ? 47  TYR A CD1 1 
ATOM 50   C CD2 . TYR A 1 34  ? -11.651 -9.597  -10.714 1.00 65.16  ? 47  TYR A CD2 1 
ATOM 51   C CE1 . TYR A 1 34  ? -12.345 -11.550 -8.890  1.00 65.66  ? 47  TYR A CE1 1 
ATOM 52   C CE2 . TYR A 1 34  ? -12.984 -9.870  -10.468 1.00 72.10  ? 47  TYR A CE2 1 
ATOM 53   C CZ  . TYR A 1 34  ? -13.326 -10.848 -9.555  1.00 72.86  ? 47  TYR A CZ  1 
ATOM 54   O OH  . TYR A 1 34  ? -14.654 -11.121 -9.306  1.00 73.32  ? 47  TYR A OH  1 
ATOM 55   N N   . ASN A 1 35  ? -6.721  -10.743 -12.986 1.00 73.71  ? 48  ASN A N   1 
ATOM 56   C CA  . ASN A 1 35  ? -5.305  -10.610 -13.308 1.00 72.22  ? 48  ASN A CA  1 
ATOM 57   C C   . ASN A 1 35  ? -4.974  -9.229  -13.863 1.00 75.14  ? 48  ASN A C   1 
ATOM 58   O O   . ASN A 1 35  ? -3.893  -8.694  -13.615 1.00 76.70  ? 48  ASN A O   1 
ATOM 59   C CB  . ASN A 1 35  ? -4.877  -11.689 -14.303 1.00 67.79  ? 48  ASN A CB  1 
ATOM 60   C CG  . ASN A 1 35  ? -3.429  -11.552 -14.721 1.00 69.52  ? 48  ASN A CG  1 
ATOM 61   O OD1 . ASN A 1 35  ? -3.122  -11.444 -15.906 1.00 71.14  ? 48  ASN A OD1 1 
ATOM 62   N ND2 . ASN A 1 35  ? -2.531  -11.548 -13.748 1.00 66.07  ? 48  ASN A ND2 1 
ATOM 63   N N   . LEU A 1 36  ? -5.910  -8.660  -14.617 1.00 73.96  ? 49  LEU A N   1 
ATOM 64   C CA  . LEU A 1 36  ? -5.740  -7.321  -15.169 1.00 73.65  ? 49  LEU A CA  1 
ATOM 65   C C   . LEU A 1 36  ? -5.344  -6.347  -14.069 1.00 75.42  ? 49  LEU A C   1 
ATOM 66   O O   . LEU A 1 36  ? -4.365  -5.613  -14.195 1.00 73.37  ? 49  LEU A O   1 
ATOM 67   C CB  . LEU A 1 36  ? -7.032  -6.851  -15.840 1.00 74.91  ? 49  LEU A CB  1 
ATOM 68   C CG  . LEU A 1 36  ? -7.044  -5.392  -16.304 1.00 80.16  ? 49  LEU A CG  1 
ATOM 69   C CD1 . LEU A 1 36  ? -6.061  -5.186  -17.444 1.00 77.45  ? 49  LEU A CD1 1 
ATOM 70   C CD2 . LEU A 1 36  ? -8.446  -4.956  -16.713 1.00 75.47  ? 49  LEU A CD2 1 
ATOM 71   N N   . ALA A 1 37  ? -6.116  -6.353  -12.988 1.00 76.07  ? 50  ALA A N   1 
ATOM 72   C CA  . ALA A 1 37  ? -5.854  -5.483  -11.850 1.00 70.91  ? 50  ALA A CA  1 
ATOM 73   C C   . ALA A 1 37  ? -4.470  -5.740  -11.265 1.00 69.32  ? 50  ALA A C   1 
ATOM 74   O O   . ALA A 1 37  ? -3.823  -4.830  -10.752 1.00 73.62  ? 50  ALA A O   1 
ATOM 75   C CB  . ALA A 1 37  ? -6.923  -5.669  -10.784 1.00 66.92  ? 50  ALA A CB  1 
ATOM 76   N N   . VAL A 1 38  ? -4.021  -6.986  -11.342 1.00 67.47  ? 51  VAL A N   1 
ATOM 77   C CA  . VAL A 1 38  ? -2.719  -7.353  -10.805 1.00 69.34  ? 51  VAL A CA  1 
ATOM 78   C C   . VAL A 1 38  ? -1.581  -6.743  -11.623 1.00 70.07  ? 51  VAL A C   1 
ATOM 79   O O   . VAL A 1 38  ? -0.626  -6.202  -11.065 1.00 62.86  ? 51  VAL A O   1 
ATOM 80   C CB  . VAL A 1 38  ? -2.550  -8.885  -10.728 1.00 67.50  ? 51  VAL A CB  1 
ATOM 81   C CG1 . VAL A 1 38  ? -1.098  -9.247  -10.469 1.00 62.76  ? 51  VAL A CG1 1 
ATOM 82   C CG2 . VAL A 1 38  ? -3.449  -9.458  -9.646  1.00 62.24  ? 51  VAL A CG2 1 
ATOM 83   N N   . ARG A 1 39  ? -1.692  -6.820  -12.945 1.00 72.80  ? 52  ARG A N   1 
ATOM 84   C CA  . ARG A 1 39  ? -0.631  -6.336  -13.825 1.00 72.34  ? 52  ARG A CA  1 
ATOM 85   C C   . ARG A 1 39  ? -0.388  -4.832  -13.699 1.00 68.00  ? 52  ARG A C   1 
ATOM 86   O O   . ARG A 1 39  ? 0.745   -4.365  -13.832 1.00 67.35  ? 52  ARG A O   1 
ATOM 87   C CB  . ARG A 1 39  ? -0.918  -6.705  -15.284 1.00 71.96  ? 52  ARG A CB  1 
ATOM 88   C CG  . ARG A 1 39  ? -0.899  -8.199  -15.567 1.00 72.30  ? 52  ARG A CG  1 
ATOM 89   C CD  . ARG A 1 39  ? -0.810  -8.483  -17.062 1.00 72.82  ? 52  ARG A CD  1 
ATOM 90   N NE  . ARG A 1 39  ? -1.835  -7.774  -17.825 1.00 82.99  ? 52  ARG A NE  1 
ATOM 91   C CZ  . ARG A 1 39  ? -3.066  -8.233  -18.038 1.00 90.73  ? 52  ARG A CZ  1 
ATOM 92   N NH1 . ARG A 1 39  ? -3.439  -9.406  -17.542 1.00 80.60  ? 52  ARG A NH1 1 
ATOM 93   N NH2 . ARG A 1 39  ? -3.931  -7.516  -18.745 1.00 90.82  ? 52  ARG A NH2 1 
ATOM 94   N N   . ARG A 1 40  ? -1.447  -4.072  -13.440 1.00 71.48  ? 53  ARG A N   1 
ATOM 95   C CA  . ARG A 1 40  ? -1.326  -2.615  -13.388 1.00 71.87  ? 53  ARG A CA  1 
ATOM 96   C C   . ARG A 1 40  ? -1.031  -2.071  -11.989 1.00 68.38  ? 53  ARG A C   1 
ATOM 97   O O   . ARG A 1 40  ? -0.471  -0.980  -11.845 1.00 67.34  ? 53  ARG A O   1 
ATOM 98   C CB  . ARG A 1 40  ? -2.561  -1.935  -13.993 1.00 62.89  ? 53  ARG A CB  1 
ATOM 99   C CG  . ARG A 1 40  ? -3.883  -2.541  -13.575 1.00 72.68  ? 53  ARG A CG  1 
ATOM 100  C CD  . ARG A 1 40  ? -5.063  -1.798  -14.200 1.00 79.35  ? 53  ARG A CD  1 
ATOM 101  N NE  . ARG A 1 40  ? -5.140  -1.976  -15.649 1.00 82.27  ? 53  ARG A NE  1 
ATOM 102  C CZ  . ARG A 1 40  ? -6.171  -1.590  -16.398 1.00 82.76  ? 53  ARG A CZ  1 
ATOM 103  N NH1 . ARG A 1 40  ? -7.221  -1.003  -15.839 1.00 75.40  ? 53  ARG A NH1 1 
ATOM 104  N NH2 . ARG A 1 40  ? -6.154  -1.792  -17.709 1.00 88.15  ? 53  ARG A NH2 1 
ATOM 105  N N   . ALA A 1 41  ? -1.386  -2.837  -10.965 1.00 62.02  ? 54  ALA A N   1 
ATOM 106  C CA  . ALA A 1 41  ? -1.201  -2.389  -9.589  1.00 62.08  ? 54  ALA A CA  1 
ATOM 107  C C   . ALA A 1 41  ? -0.007  -3.043  -8.890  1.00 63.84  ? 54  ALA A C   1 
ATOM 108  O O   . ALA A 1 41  ? 0.739   -2.380  -8.169  1.00 62.22  ? 54  ALA A O   1 
ATOM 109  C CB  . ALA A 1 41  ? -2.475  -2.618  -8.788  1.00 66.81  ? 54  ALA A CB  1 
ATOM 110  N N   . ALA A 1 42  ? 0.161   -4.344  -9.103  1.00 61.35  ? 55  ALA A N   1 
ATOM 111  C CA  . ALA A 1 42  ? 1.144   -5.133  -8.361  1.00 61.73  ? 55  ALA A CA  1 
ATOM 112  C C   . ALA A 1 42  ? 2.602   -4.695  -8.542  1.00 58.40  ? 55  ALA A C   1 
ATOM 113  O O   . ALA A 1 42  ? 3.375   -4.718  -7.586  1.00 60.31  ? 55  ALA A O   1 
ATOM 114  C CB  . ALA A 1 42  ? 0.986   -6.624  -8.677  1.00 63.75  ? 55  ALA A CB  1 
ATOM 115  N N   . PRO A 1 43  ? 2.992   -4.322  -9.772  1.00 58.85  ? 56  PRO A N   1 
ATOM 116  C CA  . PRO A 1 43  ? 4.369   -3.858  -9.979  1.00 59.11  ? 56  PRO A CA  1 
ATOM 117  C C   . PRO A 1 43  ? 4.701   -2.608  -9.160  1.00 63.74  ? 56  PRO A C   1 
ATOM 118  O O   . PRO A 1 43  ? 5.874   -2.293  -8.964  1.00 66.50  ? 56  PRO A O   1 
ATOM 119  C CB  . PRO A 1 43  ? 4.403   -3.538  -11.481 1.00 56.85  ? 56  PRO A CB  1 
ATOM 120  C CG  . PRO A 1 43  ? 2.952   -3.459  -11.896 1.00 59.45  ? 56  PRO A CG  1 
ATOM 121  C CD  . PRO A 1 43  ? 2.293   -4.487  -11.055 1.00 60.62  ? 56  PRO A CD  1 
ATOM 122  N N   . ALA A 1 44  ? 3.675   -1.907  -8.689  1.00 65.99  ? 57  ALA A N   1 
ATOM 123  C CA  . ALA A 1 44  ? 3.870   -0.692  -7.909  1.00 61.08  ? 57  ALA A CA  1 
ATOM 124  C C   . ALA A 1 44  ? 4.039   -0.988  -6.420  1.00 59.60  ? 57  ALA A C   1 
ATOM 125  O O   . ALA A 1 44  ? 4.511   -0.141  -5.662  1.00 62.55  ? 57  ALA A O   1 
ATOM 126  C CB  . ALA A 1 44  ? 2.716   0.269   -8.133  1.00 57.97  ? 57  ALA A CB  1 
ATOM 127  N N   . VAL A 1 45  ? 3.648   -2.188  -6.001  1.00 58.08  ? 58  VAL A N   1 
ATOM 128  C CA  . VAL A 1 45  ? 3.784   -2.579  -4.601  1.00 58.96  ? 58  VAL A CA  1 
ATOM 129  C C   . VAL A 1 45  ? 5.182   -3.137  -4.361  1.00 60.11  ? 58  VAL A C   1 
ATOM 130  O O   . VAL A 1 45  ? 5.749   -3.798  -5.228  1.00 64.60  ? 58  VAL A O   1 
ATOM 131  C CB  . VAL A 1 45  ? 2.716   -3.604  -4.178  1.00 54.59  ? 58  VAL A CB  1 
ATOM 132  C CG1 . VAL A 1 45  ? 2.751   -3.816  -2.673  1.00 52.66  ? 58  VAL A CG1 1 
ATOM 133  C CG2 . VAL A 1 45  ? 1.338   -3.138  -4.617  1.00 50.87  ? 58  VAL A CG2 1 
ATOM 134  N N   . VAL A 1 46  ? 5.725   -2.875  -3.178  1.00 62.51  ? 59  VAL A N   1 
ATOM 135  C CA  . VAL A 1 46  ? 7.151   -3.051  -2.938  1.00 60.16  ? 59  VAL A CA  1 
ATOM 136  C C   . VAL A 1 46  ? 7.464   -3.773  -1.628  1.00 59.93  ? 59  VAL A C   1 
ATOM 137  O O   . VAL A 1 46  ? 6.667   -3.761  -0.693  1.00 67.68  ? 59  VAL A O   1 
ATOM 138  C CB  . VAL A 1 46  ? 7.849   -1.670  -2.929  1.00 64.45  ? 59  VAL A CB  1 
ATOM 139  C CG1 . VAL A 1 46  ? 9.274   -1.783  -2.426  1.00 71.04  ? 59  VAL A CG1 1 
ATOM 140  C CG2 . VAL A 1 46  ? 7.807   -1.043  -4.319  1.00 62.66  ? 59  VAL A CG2 1 
ATOM 141  N N   . ASN A 1 47  ? 8.633   -4.400  -1.573  1.00 65.24  ? 60  ASN A N   1 
ATOM 142  C CA  . ASN A 1 47  ? 9.143   -4.992  -0.345  1.00 70.38  ? 60  ASN A CA  1 
ATOM 143  C C   . ASN A 1 47  ? 9.993   -3.990  0.424   1.00 70.07  ? 60  ASN A C   1 
ATOM 144  O O   . ASN A 1 47  ? 10.825  -3.298  -0.162  1.00 74.15  ? 60  ASN A O   1 
ATOM 145  C CB  . ASN A 1 47  ? 9.992   -6.220  -0.668  1.00 71.03  ? 60  ASN A CB  1 
ATOM 146  C CG  . ASN A 1 47  ? 9.158   -7.427  -1.024  1.00 73.97  ? 60  ASN A CG  1 
ATOM 147  O OD1 . ASN A 1 47  ? 8.634   -8.108  -0.146  1.00 82.78  ? 60  ASN A OD1 1 
ATOM 148  N ND2 . ASN A 1 47  ? 9.038   -7.707  -2.318  1.00 69.55  ? 60  ASN A ND2 1 
ATOM 149  N N   . VAL A 1 48  ? 9.797   -3.919  1.736   1.00 64.33  ? 61  VAL A N   1 
ATOM 150  C CA  . VAL A 1 48  ? 10.597  -3.030  2.572   1.00 71.62  ? 61  VAL A CA  1 
ATOM 151  C C   . VAL A 1 48  ? 11.472  -3.830  3.536   1.00 80.99  ? 61  VAL A C   1 
ATOM 152  O O   . VAL A 1 48  ? 10.995  -4.759  4.188   1.00 78.74  ? 61  VAL A O   1 
ATOM 153  C CB  . VAL A 1 48  ? 9.710   -2.051  3.359   1.00 73.32  ? 61  VAL A CB  1 
ATOM 154  C CG1 . VAL A 1 48  ? 10.550  -1.212  4.306   1.00 75.65  ? 61  VAL A CG1 1 
ATOM 155  C CG2 . VAL A 1 48  ? 8.929   -1.165  2.400   1.00 67.48  ? 61  VAL A CG2 1 
ATOM 156  N N   . TYR A 1 49  ? 12.752  -3.468  3.617   1.00 80.47  ? 62  TYR A N   1 
ATOM 157  C CA  . TYR A 1 49  ? 13.712  -4.197  4.444   1.00 82.75  ? 62  TYR A CA  1 
ATOM 158  C C   . TYR A 1 49  ? 14.446  -3.285  5.428   1.00 88.64  ? 62  TYR A C   1 
ATOM 159  O O   . TYR A 1 49  ? 14.424  -2.063  5.289   1.00 81.67  ? 62  TYR A O   1 
ATOM 160  C CB  . TYR A 1 49  ? 14.733  -4.915  3.563   1.00 81.47  ? 62  TYR A CB  1 
ATOM 161  C CG  . TYR A 1 49  ? 14.136  -5.917  2.604   1.00 80.99  ? 62  TYR A CG  1 
ATOM 162  C CD1 . TYR A 1 49  ? 13.991  -7.251  2.963   1.00 80.63  ? 62  TYR A CD1 1 
ATOM 163  C CD2 . TYR A 1 49  ? 13.730  -5.534  1.331   1.00 80.08  ? 62  TYR A CD2 1 
ATOM 164  C CE1 . TYR A 1 49  ? 13.454  -8.172  2.084   1.00 77.80  ? 62  TYR A CE1 1 
ATOM 165  C CE2 . TYR A 1 49  ? 13.192  -6.448  0.445   1.00 77.91  ? 62  TYR A CE2 1 
ATOM 166  C CZ  . TYR A 1 49  ? 13.056  -7.765  0.827   1.00 78.09  ? 62  TYR A CZ  1 
ATOM 167  O OH  . TYR A 1 49  ? 12.518  -8.679  -0.051  1.00 88.26  ? 62  TYR A OH  1 
ATOM 168  N N   . ASN A 1 50  ? 15.110  -3.889  6.412   1.00 96.66  ? 63  ASN A N   1 
ATOM 169  C CA  . ASN A 1 50  ? 15.805  -3.131  7.454   1.00 102.64 ? 63  ASN A CA  1 
ATOM 170  C C   . ASN A 1 50  ? 17.320  -3.048  7.257   1.00 108.29 ? 63  ASN A C   1 
ATOM 171  O O   . ASN A 1 50  ? 17.918  -1.988  7.436   1.00 104.49 ? 63  ASN A O   1 
ATOM 172  C CB  . ASN A 1 50  ? 15.505  -3.717  8.836   1.00 103.28 ? 63  ASN A CB  1 
ATOM 173  C CG  . ASN A 1 50  ? 15.951  -2.803  9.963   1.00 110.01 ? 63  ASN A CG  1 
ATOM 174  O OD1 . ASN A 1 50  ? 15.327  -1.775  10.224  1.00 112.93 ? 63  ASN A OD1 1 
ATOM 175  N ND2 . ASN A 1 50  ? 17.032  -3.178  10.640  1.00 110.18 ? 63  ASN A ND2 1 
ATOM 176  N N   . ARG A 1 51  ? 17.940  -4.174  6.917   1.00 107.55 ? 64  ARG A N   1 
ATOM 177  C CA  . ARG A 1 51  ? 19.376  -4.213  6.646   1.00 112.04 ? 64  ARG A CA  1 
ATOM 178  C C   . ARG A 1 51  ? 20.206  -3.472  7.707   1.00 115.20 ? 64  ARG A C   1 
ATOM 179  O O   . ARG A 1 51  ? 21.115  -2.709  7.382   1.00 115.33 ? 64  ARG A O   1 
ATOM 180  C CB  . ARG A 1 51  ? 19.658  -3.663  5.241   1.00 105.91 ? 64  ARG A CB  1 
ATOM 181  C CG  . ARG A 1 51  ? 21.130  -3.539  4.874   1.00 107.07 ? 64  ARG A CG  1 
ATOM 182  C CD  . ARG A 1 51  ? 21.735  -4.838  4.374   1.00 110.18 ? 64  ARG A CD  1 
ATOM 183  N NE  . ARG A 1 51  ? 23.157  -4.661  4.089   1.00 118.34 ? 64  ARG A NE  1 
ATOM 184  C CZ  . ARG A 1 51  ? 23.631  -3.940  3.076   1.00 119.06 ? 64  ARG A CZ  1 
ATOM 185  N NH1 . ARG A 1 51  ? 22.794  -3.329  2.246   1.00 116.71 ? 64  ARG A NH1 1 
ATOM 186  N NH2 . ARG A 1 51  ? 24.940  -3.826  2.893   1.00 113.03 ? 64  ARG A NH2 1 
ATOM 187  N N   . GLY A 1 52  ? 19.880  -3.693  8.978   1.00 118.12 ? 65  GLY A N   1 
ATOM 188  C CA  . GLY A 1 52  ? 20.688  -3.165  10.066  1.00 122.96 ? 65  GLY A CA  1 
ATOM 189  C C   . GLY A 1 52  ? 21.844  -4.114  10.319  1.00 124.64 ? 65  GLY A C   1 
ATOM 190  O O   . GLY A 1 52  ? 21.620  -5.297  10.580  1.00 122.81 ? 65  GLY A O   1 
ATOM 191  N N   . LEU A 1 53  ? 23.076  -3.607  10.253  1.00 122.56 ? 66  LEU A N   1 
ATOM 192  C CA  . LEU A 1 53  ? 24.227  -4.496  10.178  1.00 128.56 ? 66  LEU A CA  1 
ATOM 193  C C   . LEU A 1 53  ? 23.778  -5.446  9.085   1.00 130.17 ? 66  LEU A C   1 
ATOM 194  O O   . LEU A 1 53  ? 24.566  -6.117  8.414   1.00 124.87 ? 66  LEU A O   1 
ATOM 195  C CB  . LEU A 1 53  ? 24.419  -5.250  11.495  1.00 130.35 ? 66  LEU A CB  1 
ATOM 196  C CG  . LEU A 1 53  ? 24.533  -4.490  12.823  1.00 126.80 ? 66  LEU A CG  1 
ATOM 197  C CD1 . LEU A 1 53  ? 23.307  -3.629  13.117  1.00 121.31 ? 66  LEU A CD1 1 
ATOM 198  C CD2 . LEU A 1 53  ? 24.765  -5.474  13.960  1.00 126.18 ? 66  LEU A CD2 1 
ATOM 199  N N   . LEU A 1 66  ? 11.006  -5.564  7.753   1.00 88.37  ? 79  LEU A N   1 
ATOM 200  C CA  . LEU A 1 66  ? 10.335  -6.324  6.704   1.00 89.00  ? 79  LEU A CA  1 
ATOM 201  C C   . LEU A 1 66  ? 8.830   -6.051  6.676   1.00 89.01  ? 79  LEU A C   1 
ATOM 202  O O   . LEU A 1 66  ? 8.126   -6.243  7.669   1.00 85.09  ? 79  LEU A O   1 
ATOM 203  C CB  . LEU A 1 66  ? 10.615  -7.823  6.839   1.00 90.52  ? 79  LEU A CB  1 
ATOM 204  C CG  . LEU A 1 66  ? 12.067  -8.228  6.570   1.00 97.58  ? 79  LEU A CG  1 
ATOM 205  C CD1 . LEU A 1 66  ? 12.914  -8.108  7.831   1.00 105.43 ? 79  LEU A CD1 1 
ATOM 206  C CD2 . LEU A 1 66  ? 12.154  -9.628  5.987   1.00 96.30  ? 79  LEU A CD2 1 
ATOM 207  N N   . GLY A 1 67  ? 8.354   -5.592  5.523   1.00 83.26  ? 80  GLY A N   1 
ATOM 208  C CA  . GLY A 1 67  ? 6.950   -5.287  5.321   1.00 72.51  ? 80  GLY A CA  1 
ATOM 209  C C   . GLY A 1 67  ? 6.722   -4.915  3.872   1.00 65.44  ? 80  GLY A C   1 
ATOM 210  O O   . GLY A 1 67  ? 7.574   -5.166  3.025   1.00 72.46  ? 80  GLY A O   1 
ATOM 211  N N   . SER A 1 68  ? 5.578   -4.315  3.576   1.00 67.33  ? 81  SER A N   1 
ATOM 212  C CA  . SER A 1 68  ? 5.291   -3.896  2.211   1.00 63.87  ? 81  SER A CA  1 
ATOM 213  C C   . SER A 1 68  ? 5.160   -2.386  2.118   1.00 62.47  ? 81  SER A C   1 
ATOM 214  O O   . SER A 1 68  ? 5.049   -1.695  3.131   1.00 65.37  ? 81  SER A O   1 
ATOM 215  C CB  . SER A 1 68  ? 4.021   -4.572  1.695   1.00 65.06  ? 81  SER A CB  1 
ATOM 216  O OG  . SER A 1 68  ? 4.237   -5.956  1.495   1.00 73.19  ? 81  SER A OG  1 
ATOM 217  N N   . GLY A 1 69  ? 5.168   -1.881  0.892   1.00 57.49  ? 82  GLY A N   1 
ATOM 218  C CA  . GLY A 1 69  ? 5.042   -0.457  0.652   1.00 60.96  ? 82  GLY A CA  1 
ATOM 219  C C   . GLY A 1 69  ? 4.432   -0.206  -0.709  1.00 61.85  ? 82  GLY A C   1 
ATOM 220  O O   . GLY A 1 69  ? 4.230   -1.138  -1.484  1.00 63.88  ? 82  GLY A O   1 
ATOM 221  N N   . VAL A 1 70  ? 4.142   1.055   -1.006  1.00 63.88  ? 83  VAL A N   1 
ATOM 222  C CA  . VAL A 1 70  ? 3.473   1.404   -2.252  1.00 64.98  ? 83  VAL A CA  1 
ATOM 223  C C   . VAL A 1 70  ? 4.052   2.677   -2.872  1.00 67.78  ? 83  VAL A C   1 
ATOM 224  O O   . VAL A 1 70  ? 3.984   3.755   -2.279  1.00 58.10  ? 83  VAL A O   1 
ATOM 225  C CB  . VAL A 1 70  ? 1.963   1.608   -2.029  1.00 60.53  ? 83  VAL A CB  1 
ATOM 226  C CG1 . VAL A 1 70  ? 1.259   1.842   -3.350  1.00 60.43  ? 83  VAL A CG1 1 
ATOM 227  C CG2 . VAL A 1 70  ? 1.363   0.415   -1.302  1.00 58.81  ? 83  VAL A CG2 1 
ATOM 228  N N   . ILE A 1 71  ? 4.622   2.543   -4.067  1.00 64.88  ? 84  ILE A N   1 
ATOM 229  C CA  . ILE A 1 71  ? 5.112   3.695   -4.809  1.00 63.14  ? 84  ILE A CA  1 
ATOM 230  C C   . ILE A 1 71  ? 3.926   4.540   -5.240  1.00 66.70  ? 84  ILE A C   1 
ATOM 231  O O   . ILE A 1 71  ? 3.037   4.058   -5.940  1.00 63.54  ? 84  ILE A O   1 
ATOM 232  C CB  . ILE A 1 71  ? 5.912   3.278   -6.055  1.00 68.55  ? 84  ILE A CB  1 
ATOM 233  C CG1 . ILE A 1 71  ? 6.902   2.168   -5.707  1.00 64.30  ? 84  ILE A CG1 1 
ATOM 234  C CG2 . ILE A 1 71  ? 6.639   4.476   -6.649  1.00 67.91  ? 84  ILE A CG2 1 
ATOM 235  C CD1 . ILE A 1 71  ? 7.797   1.770   -6.854  1.00 64.94  ? 84  ILE A CD1 1 
ATOM 236  N N   . MET A 1 72  ? 3.920   5.802   -4.822  1.00 71.78  ? 85  MET A N   1 
ATOM 237  C CA  . MET A 1 72  ? 2.764   6.670   -5.021  1.00 65.93  ? 85  MET A CA  1 
ATOM 238  C C   . MET A 1 72  ? 2.888   7.590   -6.233  1.00 73.34  ? 85  MET A C   1 
ATOM 239  O O   . MET A 1 72  ? 1.896   7.848   -6.917  1.00 72.79  ? 85  MET A O   1 
ATOM 240  C CB  . MET A 1 72  ? 2.509   7.503   -3.766  1.00 62.66  ? 85  MET A CB  1 
ATOM 241  C CG  . MET A 1 72  ? 2.417   6.694   -2.486  1.00 64.65  ? 85  MET A CG  1 
ATOM 242  S SD  . MET A 1 72  ? 0.940   5.666   -2.414  1.00 78.26  ? 85  MET A SD  1 
ATOM 243  C CE  . MET A 1 72  ? -0.358  6.888   -2.583  1.00 68.84  ? 85  MET A CE  1 
ATOM 244  N N   . ASP A 1 73  ? 4.093   8.086   -6.497  1.00 71.96  ? 86  ASP A N   1 
ATOM 245  C CA  . ASP A 1 73  ? 4.295   9.062   -7.567  1.00 67.99  ? 86  ASP A CA  1 
ATOM 246  C C   . ASP A 1 73  ? 5.690   8.984   -8.175  1.00 70.83  ? 86  ASP A C   1 
ATOM 247  O O   . ASP A 1 73  ? 6.590   8.377   -7.597  1.00 72.08  ? 86  ASP A O   1 
ATOM 248  C CB  . ASP A 1 73  ? 4.037   10.479  -7.050  1.00 70.88  ? 86  ASP A CB  1 
ATOM 249  C CG  . ASP A 1 73  ? 4.917   10.838  -5.865  1.00 78.12  ? 86  ASP A CG  1 
ATOM 250  O OD1 . ASP A 1 73  ? 4.547   11.759  -5.104  1.00 76.06  ? 86  ASP A OD1 1 
ATOM 251  O OD2 . ASP A 1 73  ? 5.980   10.201  -5.691  1.00 82.34  ? 86  ASP A OD2 1 
ATOM 252  N N   . GLN A 1 74  ? 5.863   9.612   -9.336  1.00 75.17  ? 87  GLN A N   1 
ATOM 253  C CA  . GLN A 1 74  ? 7.149   9.611   -10.033 1.00 74.82  ? 87  GLN A CA  1 
ATOM 254  C C   . GLN A 1 74  ? 8.276   10.199  -9.193  1.00 67.35  ? 87  GLN A C   1 
ATOM 255  O O   . GLN A 1 74  ? 9.423   9.781   -9.310  1.00 71.23  ? 87  GLN A O   1 
ATOM 256  C CB  . GLN A 1 74  ? 7.054   10.352  -11.371 1.00 67.06  ? 87  GLN A CB  1 
ATOM 257  C CG  . GLN A 1 74  ? 6.504   9.504   -12.504 1.00 70.42  ? 87  GLN A CG  1 
ATOM 258  C CD  . GLN A 1 74  ? 7.307   8.233   -12.718 1.00 82.05  ? 87  GLN A CD  1 
ATOM 259  O OE1 . GLN A 1 74  ? 8.481   8.158   -12.348 1.00 85.26  ? 87  GLN A OE1 1 
ATOM 260  N NE2 . GLN A 1 74  ? 6.678   7.226   -13.318 1.00 69.70  ? 87  GLN A NE2 1 
ATOM 261  N N   . ARG A 1 75  ? 7.943   11.167  -8.347  1.00 68.99  ? 88  ARG A N   1 
ATOM 262  C CA  . ARG A 1 75  ? 8.944   11.827  -7.516  1.00 73.53  ? 88  ARG A CA  1 
ATOM 263  C C   . ARG A 1 75  ? 9.695   10.834  -6.637  1.00 73.36  ? 88  ARG A C   1 
ATOM 264  O O   . ARG A 1 75  ? 10.780  11.129  -6.144  1.00 74.96  ? 88  ARG A O   1 
ATOM 265  C CB  . ARG A 1 75  ? 8.300   12.916  -6.654  1.00 73.82  ? 88  ARG A CB  1 
ATOM 266  C CG  . ARG A 1 75  ? 7.680   14.047  -7.455  1.00 70.59  ? 88  ARG A CG  1 
ATOM 267  C CD  . ARG A 1 75  ? 6.958   15.027  -6.551  1.00 64.57  ? 88  ARG A CD  1 
ATOM 268  N NE  . ARG A 1 75  ? 5.809   14.413  -5.893  1.00 76.07  ? 88  ARG A NE  1 
ATOM 269  C CZ  . ARG A 1 75  ? 5.027   15.038  -5.017  1.00 78.78  ? 88  ARG A CZ  1 
ATOM 270  N NH1 . ARG A 1 75  ? 5.269   16.301  -4.691  1.00 73.14  ? 88  ARG A NH1 1 
ATOM 271  N NH2 . ARG A 1 75  ? 4.002   14.399  -4.469  1.00 72.48  ? 88  ARG A NH2 1 
ATOM 272  N N   . GLY A 1 76  ? 9.112   9.656   -6.442  1.00 70.89  ? 89  GLY A N   1 
ATOM 273  C CA  . GLY A 1 76  ? 9.761   8.601   -5.685  1.00 73.26  ? 89  GLY A CA  1 
ATOM 274  C C   . GLY A 1 76  ? 9.263   8.482   -4.258  1.00 69.83  ? 89  GLY A C   1 
ATOM 275  O O   . GLY A 1 76  ? 9.982   8.012   -3.377  1.00 69.44  ? 89  GLY A O   1 
ATOM 276  N N   . TYR A 1 77  ? 8.027   8.905   -4.026  1.00 64.28  ? 90  TYR A N   1 
ATOM 277  C CA  . TYR A 1 77  ? 7.447   8.829   -2.692  1.00 68.62  ? 90  TYR A CA  1 
ATOM 278  C C   . TYR A 1 77  ? 6.726   7.508   -2.491  1.00 65.39  ? 90  TYR A C   1 
ATOM 279  O O   . TYR A 1 77  ? 5.938   7.081   -3.332  1.00 61.70  ? 90  TYR A O   1 
ATOM 280  C CB  . TYR A 1 77  ? 6.500   10.007  -2.442  1.00 67.35  ? 90  TYR A CB  1 
ATOM 281  C CG  . TYR A 1 77  ? 7.220   11.325  -2.296  1.00 67.78  ? 90  TYR A CG  1 
ATOM 282  C CD1 . TYR A 1 77  ? 7.255   12.242  -3.340  1.00 75.83  ? 90  TYR A CD1 1 
ATOM 283  C CD2 . TYR A 1 77  ? 7.884   11.645  -1.118  1.00 68.55  ? 90  TYR A CD2 1 
ATOM 284  C CE1 . TYR A 1 77  ? 7.924   13.449  -3.210  1.00 69.91  ? 90  TYR A CE1 1 
ATOM 285  C CE2 . TYR A 1 77  ? 8.553   12.845  -0.978  1.00 63.04  ? 90  TYR A CE2 1 
ATOM 286  C CZ  . TYR A 1 77  ? 8.570   13.742  -2.026  1.00 68.97  ? 90  TYR A CZ  1 
ATOM 287  O OH  . TYR A 1 77  ? 9.238   14.939  -1.890  1.00 80.68  ? 90  TYR A OH  1 
ATOM 288  N N   . ILE A 1 78  ? 7.008   6.860   -1.367  1.00 62.16  ? 91  ILE A N   1 
ATOM 289  C CA  . ILE A 1 78  ? 6.433   5.559   -1.078  1.00 65.84  ? 91  ILE A CA  1 
ATOM 290  C C   . ILE A 1 78  ? 5.720   5.549   0.268   1.00 71.72  ? 91  ILE A C   1 
ATOM 291  O O   . ILE A 1 78  ? 6.249   6.046   1.259   1.00 71.15  ? 91  ILE A O   1 
ATOM 292  C CB  . ILE A 1 78  ? 7.514   4.465   -1.068  1.00 67.49  ? 91  ILE A CB  1 
ATOM 293  C CG1 . ILE A 1 78  ? 8.307   4.490   -2.374  1.00 68.44  ? 91  ILE A CG1 1 
ATOM 294  C CG2 . ILE A 1 78  ? 6.885   3.095   -0.843  1.00 67.62  ? 91  ILE A CG2 1 
ATOM 295  C CD1 . ILE A 1 78  ? 9.429   3.481   -2.418  1.00 65.72  ? 91  ILE A CD1 1 
ATOM 296  N N   . ILE A 1 79  ? 4.519   4.978   0.297   1.00 73.21  ? 92  ILE A N   1 
ATOM 297  C CA  . ILE A 1 79  ? 3.767   4.828   1.537   1.00 71.18  ? 92  ILE A CA  1 
ATOM 298  C C   . ILE A 1 79  ? 4.003   3.450   2.150   1.00 68.33  ? 92  ILE A C   1 
ATOM 299  O O   . ILE A 1 79  ? 4.200   2.474   1.432   1.00 69.04  ? 92  ILE A O   1 
ATOM 300  C CB  . ILE A 1 79  ? 2.258   5.039   1.313   1.00 73.75  ? 92  ILE A CB  1 
ATOM 301  C CG1 . ILE A 1 79  ? 1.978   6.495   0.935   1.00 75.01  ? 92  ILE A CG1 1 
ATOM 302  C CG2 . ILE A 1 79  ? 1.471   4.661   2.560   1.00 69.94  ? 92  ILE A CG2 1 
ATOM 303  C CD1 . ILE A 1 79  ? 0.502   6.851   0.918   1.00 67.00  ? 92  ILE A CD1 1 
ATOM 304  N N   . THR A 1 80  ? 3.998   3.386   3.478   1.00 69.68  ? 93  THR A N   1 
ATOM 305  C CA  . THR A 1 80  ? 4.198   2.132   4.195   1.00 71.97  ? 93  THR A CA  1 
ATOM 306  C C   . THR A 1 80  ? 3.612   2.228   5.605   1.00 75.97  ? 93  THR A C   1 
ATOM 307  O O   . THR A 1 80  ? 2.730   3.046   5.860   1.00 75.56  ? 93  THR A O   1 
ATOM 308  C CB  . THR A 1 80  ? 5.694   1.752   4.261   1.00 66.34  ? 93  THR A CB  1 
ATOM 309  O OG1 . THR A 1 80  ? 5.843   0.461   4.865   1.00 68.95  ? 93  THR A OG1 1 
ATOM 310  C CG2 . THR A 1 80  ? 6.473   2.773   5.065   1.00 70.84  ? 93  THR A CG2 1 
ATOM 311  N N   . ASN A 1 81  ? 4.100   1.392   6.515   1.00 78.29  ? 94  ASN A N   1 
ATOM 312  C CA  . ASN A 1 81  ? 3.607   1.386   7.890   1.00 83.66  ? 94  ASN A CA  1 
ATOM 313  C C   . ASN A 1 81  ? 4.677   1.742   8.916   1.00 84.43  ? 94  ASN A C   1 
ATOM 314  O O   . ASN A 1 81  ? 5.849   1.415   8.739   1.00 87.15  ? 94  ASN A O   1 
ATOM 315  C CB  . ASN A 1 81  ? 2.995   0.026   8.236   1.00 86.91  ? 94  ASN A CB  1 
ATOM 316  C CG  . ASN A 1 81  ? 1.564   -0.118  7.745   1.00 85.95  ? 94  ASN A CG  1 
ATOM 317  O OD1 . ASN A 1 81  ? 0.962   0.839   7.257   1.00 87.68  ? 94  ASN A OD1 1 
ATOM 318  N ND2 . ASN A 1 81  ? 1.011   -1.316  7.880   1.00 89.01  ? 94  ASN A ND2 1 
ATOM 319  N N   . LYS A 1 82  ? 4.263   2.401   9.993   1.00 86.64  ? 95  LYS A N   1 
ATOM 320  C CA  . LYS A 1 82  ? 5.179   2.795   11.056  1.00 89.94  ? 95  LYS A CA  1 
ATOM 321  C C   . LYS A 1 82  ? 5.850   1.599   11.718  1.00 90.67  ? 95  LYS A C   1 
ATOM 322  O O   . LYS A 1 82  ? 7.063   1.585   11.910  1.00 96.61  ? 95  LYS A O   1 
ATOM 323  C CB  . LYS A 1 82  ? 4.447   3.605   12.126  1.00 93.54  ? 95  LYS A CB  1 
ATOM 324  C CG  . LYS A 1 82  ? 4.322   5.087   11.831  1.00 88.20  ? 95  LYS A CG  1 
ATOM 325  C CD  . LYS A 1 82  ? 4.306   5.877   13.129  1.00 95.97  ? 95  LYS A CD  1 
ATOM 326  C CE  . LYS A 1 82  ? 5.561   5.598   13.949  1.00 101.67 ? 95  LYS A CE  1 
ATOM 327  N NZ  . LYS A 1 82  ? 5.500   6.203   15.310  1.00 105.91 ? 95  LYS A NZ  1 
ATOM 328  N N   . HIS A 1 83  ? 5.050   0.601   12.076  1.00 93.31  ? 96  HIS A N   1 
ATOM 329  C CA  . HIS A 1 83  ? 5.549   -0.567  12.791  1.00 94.61  ? 96  HIS A CA  1 
ATOM 330  C C   . HIS A 1 83  ? 6.563   -1.337  11.954  1.00 93.66  ? 96  HIS A C   1 
ATOM 331  O O   . HIS A 1 83  ? 7.238   -2.239  12.453  1.00 93.64  ? 96  HIS A O   1 
ATOM 332  C CB  . HIS A 1 83  ? 4.389   -1.481  13.192  1.00 96.84  ? 96  HIS A CB  1 
ATOM 333  C CG  . HIS A 1 83  ? 3.690   -2.112  12.028  1.00 99.57  ? 96  HIS A CG  1 
ATOM 334  N ND1 . HIS A 1 83  ? 2.735   -1.455  11.284  1.00 98.36  ? 96  HIS A ND1 1 
ATOM 335  C CD2 . HIS A 1 83  ? 3.811   -3.345  11.479  1.00 98.62  ? 96  HIS A CD2 1 
ATOM 336  C CE1 . HIS A 1 83  ? 2.295   -2.255  10.328  1.00 100.94 ? 96  HIS A CE1 1 
ATOM 337  N NE2 . HIS A 1 83  ? 2.935   -3.407  10.423  1.00 96.70  ? 96  HIS A NE2 1 
ATOM 338  N N   . VAL A 1 84  ? 6.680   -0.964  10.684  1.00 92.27  ? 97  VAL A N   1 
ATOM 339  C CA  . VAL A 1 84  ? 7.674   -1.564  9.809   1.00 91.44  ? 97  VAL A CA  1 
ATOM 340  C C   . VAL A 1 84  ? 9.004   -0.818  9.885   1.00 91.16  ? 97  VAL A C   1 
ATOM 341  O O   . VAL A 1 84  ? 10.062  -1.433  10.019  1.00 88.55  ? 97  VAL A O   1 
ATOM 342  C CB  . VAL A 1 84  ? 7.204   -1.576  8.346   1.00 87.80  ? 97  VAL A CB  1 
ATOM 343  C CG1 . VAL A 1 84  ? 8.336   -2.021  7.437   1.00 89.07  ? 97  VAL A CG1 1 
ATOM 344  C CG2 . VAL A 1 84  ? 5.996   -2.480  8.183   1.00 85.29  ? 97  VAL A CG2 1 
ATOM 345  N N   . ILE A 1 85  ? 8.946   0.506   9.803   1.00 91.62  ? 98  ILE A N   1 
ATOM 346  C CA  . ILE A 1 85  ? 10.161  1.309   9.710   1.00 95.07  ? 98  ILE A CA  1 
ATOM 347  C C   . ILE A 1 85  ? 10.601  1.946   11.028  1.00 98.02  ? 98  ILE A C   1 
ATOM 348  O O   . ILE A 1 85  ? 11.521  2.764   11.053  1.00 98.43  ? 98  ILE A O   1 
ATOM 349  C CB  . ILE A 1 85  ? 10.039  2.395   8.615   1.00 94.22  ? 98  ILE A CB  1 
ATOM 350  C CG1 . ILE A 1 85  ? 8.698   3.128   8.711   1.00 88.44  ? 98  ILE A CG1 1 
ATOM 351  C CG2 . ILE A 1 85  ? 10.185  1.772   7.236   1.00 92.19  ? 98  ILE A CG2 1 
ATOM 352  C CD1 . ILE A 1 85  ? 8.592   4.100   9.869   1.00 93.52  ? 98  ILE A CD1 1 
ATOM 353  N N   . ASN A 1 86  ? 9.942   1.576   12.122  1.00 99.06  ? 99  ASN A N   1 
ATOM 354  C CA  . ASN A 1 86  ? 10.343  2.065   13.435  1.00 104.83 ? 99  ASN A CA  1 
ATOM 355  C C   . ASN A 1 86  ? 11.723  1.554   13.827  1.00 110.69 ? 99  ASN A C   1 
ATOM 356  O O   . ASN A 1 86  ? 12.018  0.366   13.691  1.00 107.14 ? 99  ASN A O   1 
ATOM 357  C CB  . ASN A 1 86  ? 9.311   1.698   14.505  1.00 109.93 ? 99  ASN A CB  1 
ATOM 358  C CG  . ASN A 1 86  ? 8.262   2.779   14.694  1.00 112.55 ? 99  ASN A CG  1 
ATOM 359  O OD1 . ASN A 1 86  ? 8.495   3.945   14.378  1.00 107.44 ? 99  ASN A OD1 1 
ATOM 360  N ND2 . ASN A 1 86  ? 7.101   2.396   15.217  1.00 110.97 ? 99  ASN A ND2 1 
ATOM 361  N N   . ASP A 1 87  ? 12.568  2.465   14.300  1.00 117.98 ? 100 ASP A N   1 
ATOM 362  C CA  . ASP A 1 87  ? 13.916  2.117   14.726  1.00 120.08 ? 100 ASP A CA  1 
ATOM 363  C C   . ASP A 1 87  ? 14.717  1.554   13.560  1.00 119.69 ? 100 ASP A C   1 
ATOM 364  O O   . ASP A 1 87  ? 15.681  0.814   13.754  1.00 121.11 ? 100 ASP A O   1 
ATOM 365  C CB  . ASP A 1 87  ? 13.866  1.105   15.872  1.00 119.91 ? 100 ASP A CB  1 
ATOM 366  C CG  . ASP A 1 87  ? 12.865  1.490   16.943  1.00 123.77 ? 100 ASP A CG  1 
ATOM 367  O OD1 . ASP A 1 87  ? 12.709  2.702   17.207  1.00 121.98 ? 100 ASP A OD1 1 
ATOM 368  O OD2 . ASP A 1 87  ? 12.231  0.581   17.519  1.00 123.82 ? 100 ASP A OD2 1 
ATOM 369  N N   . ALA A 1 88  ? 14.308  1.905   12.347  1.00 117.92 ? 101 ALA A N   1 
ATOM 370  C CA  . ALA A 1 88  ? 15.023  1.476   11.155  1.00 115.66 ? 101 ALA A CA  1 
ATOM 371  C C   . ALA A 1 88  ? 16.417  2.084   11.146  1.00 112.05 ? 101 ALA A C   1 
ATOM 372  O O   . ALA A 1 88  ? 16.598  3.244   11.514  1.00 112.61 ? 101 ALA A O   1 
ATOM 373  C CB  . ALA A 1 88  ? 14.260  1.878   9.902   1.00 112.09 ? 101 ALA A CB  1 
ATOM 374  N N   . ASP A 1 89  ? 17.403  1.294   10.738  1.00 112.61 ? 102 ASP A N   1 
ATOM 375  C CA  . ASP A 1 89  ? 18.763  1.790   10.590  1.00 111.95 ? 102 ASP A CA  1 
ATOM 376  C C   . ASP A 1 89  ? 18.946  2.275   9.162   1.00 106.27 ? 102 ASP A C   1 
ATOM 377  O O   . ASP A 1 89  ? 19.197  3.454   8.916   1.00 101.39 ? 102 ASP A O   1 
ATOM 378  C CB  . ASP A 1 89  ? 19.766  0.681   10.896  1.00 115.42 ? 102 ASP A CB  1 
ATOM 379  C CG  . ASP A 1 89  ? 19.512  0.024   12.236  1.00 123.86 ? 102 ASP A CG  1 
ATOM 380  O OD1 . ASP A 1 89  ? 19.334  0.759   13.230  1.00 125.04 ? 102 ASP A OD1 1 
ATOM 381  O OD2 . ASP A 1 89  ? 19.495  -1.224  12.296  1.00 118.77 ? 102 ASP A OD2 1 
ATOM 382  N N   . GLN A 1 90  ? 18.816  1.348   8.222   1.00 100.36 ? 103 GLN A N   1 
ATOM 383  C CA  . GLN A 1 90  ? 18.839  1.678   6.808   1.00 96.56  ? 103 GLN A CA  1 
ATOM 384  C C   . GLN A 1 90  ? 17.599  1.088   6.160   1.00 90.21  ? 103 GLN A C   1 
ATOM 385  O O   . GLN A 1 90  ? 17.331  -0.101  6.290   1.00 91.05  ? 103 GLN A O   1 
ATOM 386  C CB  . GLN A 1 90  ? 20.087  1.108   6.142   1.00 96.99  ? 103 GLN A CB  1 
ATOM 387  C CG  . GLN A 1 90  ? 20.245  1.518   4.689   1.00 95.66  ? 103 GLN A CG  1 
ATOM 388  C CD  . GLN A 1 90  ? 21.160  0.589   3.919   1.00 101.22 ? 103 GLN A CD  1 
ATOM 389  O OE1 . GLN A 1 90  ? 21.056  -0.631  4.025   1.00 107.72 ? 103 GLN A OE1 1 
ATOM 390  N NE2 . GLN A 1 90  ? 22.054  1.164   3.127   1.00 100.46 ? 103 GLN A NE2 1 
ATOM 391  N N   . ILE A 1 91  ? 16.829  1.915   5.469   1.00 89.12  ? 104 ILE A N   1 
ATOM 392  C CA  . ILE A 1 91  ? 15.627  1.417   4.819   1.00 83.09  ? 104 ILE A CA  1 
ATOM 393  C C   . ILE A 1 91  ? 15.922  1.019   3.380   1.00 79.69  ? 104 ILE A C   1 
ATOM 394  O O   . ILE A 1 91  ? 16.503  1.792   2.619   1.00 78.22  ? 104 ILE A O   1 
ATOM 395  C CB  . ILE A 1 91  ? 14.483  2.440   4.875   1.00 78.55  ? 104 ILE A CB  1 
ATOM 396  C CG1 . ILE A 1 91  ? 14.180  2.798   6.331   1.00 79.14  ? 104 ILE A CG1 1 
ATOM 397  C CG2 . ILE A 1 91  ? 13.244  1.892   4.179   1.00 70.66  ? 104 ILE A CG2 1 
ATOM 398  C CD1 . ILE A 1 91  ? 13.242  3.963   6.488   1.00 84.91  ? 104 ILE A CD1 1 
ATOM 399  N N   . ILE A 1 92  ? 15.527  -0.195  3.015   1.00 81.72  ? 105 ILE A N   1 
ATOM 400  C CA  . ILE A 1 92  ? 15.784  -0.697  1.674   1.00 77.64  ? 105 ILE A CA  1 
ATOM 401  C C   . ILE A 1 92  ? 14.506  -1.122  0.961   1.00 74.41  ? 105 ILE A C   1 
ATOM 402  O O   . ILE A 1 92  ? 13.751  -1.962  1.451   1.00 74.10  ? 105 ILE A O   1 
ATOM 403  C CB  . ILE A 1 92  ? 16.787  -1.860  1.684   1.00 85.07  ? 105 ILE A CB  1 
ATOM 404  C CG1 . ILE A 1 92  ? 18.171  -1.361  2.106   1.00 85.08  ? 105 ILE A CG1 1 
ATOM 405  C CG2 . ILE A 1 92  ? 16.856  -2.507  0.313   1.00 81.39  ? 105 ILE A CG2 1 
ATOM 406  C CD1 . ILE A 1 92  ? 19.260  -2.398  1.956   1.00 97.00  ? 105 ILE A CD1 1 
ATOM 407  N N   . VAL A 1 93  ? 14.278  -0.525  -0.202  1.00 71.27  ? 106 VAL A N   1 
ATOM 408  C CA  . VAL A 1 93  ? 13.104  -0.806  -1.015  1.00 69.84  ? 106 VAL A CA  1 
ATOM 409  C C   . VAL A 1 93  ? 13.461  -1.691  -2.207  1.00 64.12  ? 106 VAL A C   1 
ATOM 410  O O   . VAL A 1 93  ? 14.478  -1.476  -2.862  1.00 67.77  ? 106 VAL A O   1 
ATOM 411  C CB  . VAL A 1 93  ? 12.469  0.505   -1.520  1.00 69.16  ? 106 VAL A CB  1 
ATOM 412  C CG1 . VAL A 1 93  ? 11.817  0.305   -2.878  1.00 65.95  ? 106 VAL A CG1 1 
ATOM 413  C CG2 . VAL A 1 93  ? 11.475  1.044   -0.498  1.00 72.30  ? 106 VAL A CG2 1 
ATOM 414  N N   . ALA A 1 94  ? 12.622  -2.687  -2.483  1.00 66.79  ? 107 ALA A N   1 
ATOM 415  C CA  . ALA A 1 94  ? 12.861  -3.597  -3.601  1.00 68.79  ? 107 ALA A CA  1 
ATOM 416  C C   . ALA A 1 94  ? 11.625  -3.760  -4.485  1.00 66.82  ? 107 ALA A C   1 
ATOM 417  O O   . ALA A 1 94  ? 10.570  -4.190  -4.019  1.00 63.73  ? 107 ALA A O   1 
ATOM 418  C CB  . ALA A 1 94  ? 13.331  -4.953  -3.091  1.00 64.13  ? 107 ALA A CB  1 
ATOM 419  N N   . LEU A 1 95  ? 11.770  -3.424  -5.763  1.00 63.07  ? 108 LEU A N   1 
ATOM 420  C CA  . LEU A 1 95  ? 10.670  -3.512  -6.717  1.00 57.79  ? 108 LEU A CA  1 
ATOM 421  C C   . LEU A 1 95  ? 10.581  -4.899  -7.346  1.00 64.66  ? 108 LEU A C   1 
ATOM 422  O O   . LEU A 1 95  ? 11.513  -5.699  -7.249  1.00 70.35  ? 108 LEU A O   1 
ATOM 423  C CB  . LEU A 1 95  ? 10.820  -2.456  -7.815  1.00 57.75  ? 108 LEU A CB  1 
ATOM 424  C CG  . LEU A 1 95  ? 10.667  -0.985  -7.419  1.00 61.69  ? 108 LEU A CG  1 
ATOM 425  C CD1 . LEU A 1 95  ? 11.708  -0.564  -6.387  1.00 60.31  ? 108 LEU A CD1 1 
ATOM 426  C CD2 . LEU A 1 95  ? 10.738  -0.094  -8.651  1.00 65.24  ? 108 LEU A CD2 1 
ATOM 427  N N   . GLN A 1 96  ? 9.458   -5.177  -7.997  1.00 66.81  ? 109 GLN A N   1 
ATOM 428  C CA  . GLN A 1 96  ? 9.240   -6.486  -8.598  1.00 65.88  ? 109 GLN A CA  1 
ATOM 429  C C   . GLN A 1 96  ? 10.027  -6.636  -9.897  1.00 72.23  ? 109 GLN A C   1 
ATOM 430  O O   . GLN A 1 96  ? 10.158  -7.741  -10.432 1.00 71.38  ? 109 GLN A O   1 
ATOM 431  C CB  . GLN A 1 96  ? 7.746   -6.737  -8.840  1.00 57.76  ? 109 GLN A CB  1 
ATOM 432  C CG  . GLN A 1 96  ? 6.925   -6.869  -7.563  1.00 63.90  ? 109 GLN A CG  1 
ATOM 433  C CD  . GLN A 1 96  ? 7.247   -8.132  -6.775  1.00 67.35  ? 109 GLN A CD  1 
ATOM 434  O OE1 . GLN A 1 96  ? 7.032   -9.248  -7.250  1.00 60.32  ? 109 GLN A OE1 1 
ATOM 435  N NE2 . GLN A 1 96  ? 7.747   -7.958  -5.557  1.00 71.69  ? 109 GLN A NE2 1 
ATOM 436  N N   . ASP A 1 97  ? 10.553  -5.523  -10.399 1.00 70.80  ? 110 ASP A N   1 
ATOM 437  C CA  . ASP A 1 97  ? 11.332  -5.557  -11.631 1.00 68.00  ? 110 ASP A CA  1 
ATOM 438  C C   . ASP A 1 97  ? 12.806  -5.855  -11.364 1.00 67.42  ? 110 ASP A C   1 
ATOM 439  O O   . ASP A 1 97  ? 13.587  -6.045  -12.294 1.00 64.80  ? 110 ASP A O   1 
ATOM 440  C CB  . ASP A 1 97  ? 11.162  -4.262  -12.438 1.00 66.12  ? 110 ASP A CB  1 
ATOM 441  C CG  . ASP A 1 97  ? 11.809  -3.060  -11.774 1.00 68.28  ? 110 ASP A CG  1 
ATOM 442  O OD1 . ASP A 1 97  ? 12.712  -3.237  -10.930 1.00 66.37  ? 110 ASP A OD1 1 
ATOM 443  O OD2 . ASP A 1 97  ? 11.414  -1.925  -12.110 1.00 68.31  ? 110 ASP A OD2 1 
ATOM 444  N N   . GLY A 1 98  ? 13.178  -5.894  -10.087 1.00 67.30  ? 111 GLY A N   1 
ATOM 445  C CA  . GLY A 1 98  ? 14.530  -6.261  -9.704  1.00 70.70  ? 111 GLY A CA  1 
ATOM 446  C C   . GLY A 1 98  ? 15.379  -5.116  -9.177  1.00 75.43  ? 111 GLY A C   1 
ATOM 447  O O   . GLY A 1 98  ? 16.473  -5.340  -8.653  1.00 73.08  ? 111 GLY A O   1 
ATOM 448  N N   . ARG A 1 99  ? 14.883  -3.891  -9.314  1.00 62.81  ? 112 ARG A N   1 
ATOM 449  C CA  . ARG A 1 99  ? 15.607  -2.722  -8.827  1.00 64.54  ? 112 ARG A CA  1 
ATOM 450  C C   . ARG A 1 99  ? 15.527  -2.612  -7.307  1.00 64.45  ? 112 ARG A C   1 
ATOM 451  O O   . ARG A 1 99  ? 14.503  -2.922  -6.703  1.00 64.92  ? 112 ARG A O   1 
ATOM 452  C CB  . ARG A 1 99  ? 15.080  -1.445  -9.485  1.00 65.74  ? 112 ARG A CB  1 
ATOM 453  C CG  . ARG A 1 99  ? 15.391  -1.332  -10.969 1.00 59.70  ? 112 ARG A CG  1 
ATOM 454  C CD  . ARG A 1 99  ? 14.922  -0.001  -11.536 1.00 63.71  ? 112 ARG A CD  1 
ATOM 455  N NE  . ARG A 1 99  ? 13.498  0.000   -11.863 1.00 68.16  ? 112 ARG A NE  1 
ATOM 456  C CZ  . ARG A 1 99  ? 12.783  1.097   -12.090 1.00 67.34  ? 112 ARG A CZ  1 
ATOM 457  N NH1 . ARG A 1 99  ? 13.352  2.294   -12.016 1.00 68.34  ? 112 ARG A NH1 1 
ATOM 458  N NH2 . ARG A 1 99  ? 11.495  0.999   -12.385 1.00 60.10  ? 112 ARG A NH2 1 
ATOM 459  N N   . VAL A 1 100 ? 16.619  -2.161  -6.700  1.00 66.79  ? 113 VAL A N   1 
ATOM 460  C CA  . VAL A 1 100 ? 16.708  -2.036  -5.249  1.00 68.86  ? 113 VAL A CA  1 
ATOM 461  C C   . VAL A 1 100 ? 17.292  -0.680  -4.844  1.00 70.35  ? 113 VAL A C   1 
ATOM 462  O O   . VAL A 1 100 ? 18.393  -0.318  -5.257  1.00 74.02  ? 113 VAL A O   1 
ATOM 463  C CB  . VAL A 1 100 ? 17.582  -3.153  -4.653  1.00 64.95  ? 113 VAL A CB  1 
ATOM 464  C CG1 . VAL A 1 100 ? 17.717  -2.979  -3.153  1.00 73.26  ? 113 VAL A CG1 1 
ATOM 465  C CG2 . VAL A 1 100 ? 16.995  -4.505  -4.981  1.00 63.52  ? 113 VAL A CG2 1 
ATOM 466  N N   . PHE A 1 101 ? 16.549  0.067   -4.034  1.00 69.63  ? 114 PHE A N   1 
ATOM 467  C CA  . PHE A 1 101 ? 16.992  1.389   -3.606  1.00 68.65  ? 114 PHE A CA  1 
ATOM 468  C C   . PHE A 1 101 ? 17.154  1.482   -2.094  1.00 68.73  ? 114 PHE A C   1 
ATOM 469  O O   . PHE A 1 101 ? 16.704  0.614   -1.349  1.00 72.57  ? 114 PHE A O   1 
ATOM 470  C CB  . PHE A 1 101 ? 16.003  2.461   -4.062  1.00 59.07  ? 114 PHE A CB  1 
ATOM 471  C CG  . PHE A 1 101 ? 15.679  2.413   -5.525  1.00 63.11  ? 114 PHE A CG  1 
ATOM 472  C CD1 . PHE A 1 101 ? 16.299  3.275   -6.413  1.00 58.06  ? 114 PHE A CD1 1 
ATOM 473  C CD2 . PHE A 1 101 ? 14.742  1.514   -6.011  1.00 62.67  ? 114 PHE A CD2 1 
ATOM 474  C CE1 . PHE A 1 101 ? 15.997  3.240   -7.761  1.00 63.47  ? 114 PHE A CE1 1 
ATOM 475  C CE2 . PHE A 1 101 ? 14.433  1.474   -7.360  1.00 64.36  ? 114 PHE A CE2 1 
ATOM 476  C CZ  . PHE A 1 101 ? 15.063  2.339   -8.237  1.00 72.17  ? 114 PHE A CZ  1 
ATOM 477  N N   . GLU A 1 102 ? 17.813  2.544   -1.649  1.00 75.62  ? 115 GLU A N   1 
ATOM 478  C CA  . GLU A 1 102 ? 17.858  2.872   -0.234  1.00 81.14  ? 115 GLU A CA  1 
ATOM 479  C C   . GLU A 1 102 ? 16.886  4.017   -0.008  1.00 74.81  ? 115 GLU A C   1 
ATOM 480  O O   . GLU A 1 102 ? 16.976  5.052   -0.669  1.00 71.53  ? 115 GLU A O   1 
ATOM 481  C CB  . GLU A 1 102 ? 19.270  3.273   0.193   1.00 84.19  ? 115 GLU A CB  1 
ATOM 482  C CG  . GLU A 1 102 ? 19.411  3.532   1.684   1.00 88.62  ? 115 GLU A CG  1 
ATOM 483  C CD  . GLU A 1 102 ? 20.835  3.863   2.090   1.00 104.58 ? 115 GLU A CD  1 
ATOM 484  O OE1 . GLU A 1 102 ? 21.764  3.560   1.308   1.00 109.00 ? 115 GLU A OE1 1 
ATOM 485  O OE2 . GLU A 1 102 ? 21.021  4.425   3.191   1.00 106.21 ? 115 GLU A OE2 1 
ATOM 486  N N   . ALA A 1 103 ? 15.950  3.821   0.915   1.00 76.21  ? 116 ALA A N   1 
ATOM 487  C CA  . ALA A 1 103 ? 14.868  4.776   1.130   1.00 73.81  ? 116 ALA A CA  1 
ATOM 488  C C   . ALA A 1 103 ? 15.139  5.749   2.271   1.00 70.42  ? 116 ALA A C   1 
ATOM 489  O O   . ALA A 1 103 ? 15.812  5.417   3.248   1.00 73.96  ? 116 ALA A O   1 
ATOM 490  C CB  . ALA A 1 103 ? 13.554  4.041   1.362   1.00 67.02  ? 116 ALA A CB  1 
ATOM 491  N N   . LEU A 1 104 ? 14.600  6.954   2.133   1.00 67.85  ? 117 LEU A N   1 
ATOM 492  C CA  . LEU A 1 104 ? 14.697  7.976   3.164   1.00 70.16  ? 117 LEU A CA  1 
ATOM 493  C C   . LEU A 1 104 ? 13.338  8.106   3.836   1.00 72.81  ? 117 LEU A C   1 
ATOM 494  O O   . LEU A 1 104 ? 12.317  8.191   3.156   1.00 69.47  ? 117 LEU A O   1 
ATOM 495  C CB  . LEU A 1 104 ? 15.082  9.314   2.532   1.00 71.65  ? 117 LEU A CB  1 
ATOM 496  C CG  . LEU A 1 104 ? 16.037  10.225  3.303   1.00 81.42  ? 117 LEU A CG  1 
ATOM 497  C CD1 . LEU A 1 104 ? 17.487  9.784   3.073   1.00 64.15  ? 117 LEU A CD1 1 
ATOM 498  C CD2 . LEU A 1 104 ? 15.836  11.686  2.894   1.00 76.82  ? 117 LEU A CD2 1 
ATOM 499  N N   . LEU A 1 105 ? 13.319  8.115   5.164   1.00 75.68  ? 118 LEU A N   1 
ATOM 500  C CA  . LEU A 1 105 ? 12.067  8.297   5.893   1.00 77.34  ? 118 LEU A CA  1 
ATOM 501  C C   . LEU A 1 105 ? 11.655  9.765   5.923   1.00 74.58  ? 118 LEU A C   1 
ATOM 502  O O   . LEU A 1 105 ? 12.246  10.567  6.645   1.00 78.77  ? 118 LEU A O   1 
ATOM 503  C CB  . LEU A 1 105 ? 12.171  7.763   7.324   1.00 78.83  ? 118 LEU A CB  1 
ATOM 504  C CG  . LEU A 1 105 ? 10.974  8.094   8.226   1.00 75.98  ? 118 LEU A CG  1 
ATOM 505  C CD1 . LEU A 1 105 ? 9.671   7.559   7.637   1.00 68.76  ? 118 LEU A CD1 1 
ATOM 506  C CD2 . LEU A 1 105 ? 11.187  7.563   9.637   1.00 75.13  ? 118 LEU A CD2 1 
ATOM 507  N N   . VAL A 1 106 ? 10.641  10.111  5.139   1.00 68.30  ? 119 VAL A N   1 
ATOM 508  C CA  . VAL A 1 106 ? 10.139  11.477  5.118   1.00 69.25  ? 119 VAL A CA  1 
ATOM 509  C C   . VAL A 1 106 ? 9.491   11.809  6.457   1.00 72.94  ? 119 VAL A C   1 
ATOM 510  O O   . VAL A 1 106 ? 9.978   12.661  7.195   1.00 79.33  ? 119 VAL A O   1 
ATOM 511  C CB  . VAL A 1 106 ? 9.123   11.697  3.983   1.00 70.92  ? 119 VAL A CB  1 
ATOM 512  C CG1 . VAL A 1 106 ? 8.610   13.130  4.009   1.00 69.18  ? 119 VAL A CG1 1 
ATOM 513  C CG2 . VAL A 1 106 ? 9.747   11.372  2.636   1.00 58.75  ? 119 VAL A CG2 1 
ATOM 514  N N   . GLY A 1 107 ? 8.398   11.121  6.770   1.00 73.75  ? 120 GLY A N   1 
ATOM 515  C CA  . GLY A 1 107 ? 7.705   11.315  8.030   1.00 76.45  ? 120 GLY A CA  1 
ATOM 516  C C   . GLY A 1 107 ? 6.628   10.271  8.261   1.00 78.57  ? 120 GLY A C   1 
ATOM 517  O O   . GLY A 1 107 ? 6.194   9.594   7.326   1.00 73.17  ? 120 GLY A O   1 
ATOM 518  N N   . SER A 1 108 ? 6.197   10.139  9.510   1.00 80.64  ? 121 SER A N   1 
ATOM 519  C CA  . SER A 1 108 ? 5.169   9.166   9.859   1.00 83.80  ? 121 SER A CA  1 
ATOM 520  C C   . SER A 1 108 ? 4.045   9.791   10.685  1.00 85.51  ? 121 SER A C   1 
ATOM 521  O O   . SER A 1 108 ? 4.085   10.976  11.014  1.00 80.23  ? 121 SER A O   1 
ATOM 522  C CB  . SER A 1 108 ? 5.780   7.974   10.601  1.00 83.94  ? 121 SER A CB  1 
ATOM 523  O OG  . SER A 1 108 ? 6.360   8.374   11.828  1.00 84.29  ? 121 SER A OG  1 
ATOM 524  N N   . ASP A 1 109 ? 3.043   8.980   11.009  1.00 92.63  ? 122 ASP A N   1 
ATOM 525  C CA  . ASP A 1 109 ? 1.876   9.443   11.753  1.00 92.81  ? 122 ASP A CA  1 
ATOM 526  C C   . ASP A 1 109 ? 1.341   8.325   12.646  1.00 98.42  ? 122 ASP A C   1 
ATOM 527  O O   . ASP A 1 109 ? 0.676   7.406   12.168  1.00 99.15  ? 122 ASP A O   1 
ATOM 528  C CB  . ASP A 1 109 ? 0.787   9.913   10.786  1.00 85.75  ? 122 ASP A CB  1 
ATOM 529  C CG  . ASP A 1 109 ? -0.467  10.381  11.498  1.00 101.18 ? 122 ASP A CG  1 
ATOM 530  O OD1 . ASP A 1 109 ? -1.534  10.425  10.849  1.00 102.85 ? 122 ASP A OD1 1 
ATOM 531  O OD2 . ASP A 1 109 ? -0.389  10.703  12.703  1.00 107.22 ? 122 ASP A OD2 1 
ATOM 532  N N   . SER A 1 110 ? 1.638   8.407   13.940  1.00 102.42 ? 123 SER A N   1 
ATOM 533  C CA  . SER A 1 110 ? 1.247   7.365   14.888  1.00 102.57 ? 123 SER A CA  1 
ATOM 534  C C   . SER A 1 110 ? -0.262  7.142   14.914  1.00 103.04 ? 123 SER A C   1 
ATOM 535  O O   . SER A 1 110 ? -0.729  6.031   15.164  1.00 100.35 ? 123 SER A O   1 
ATOM 536  C CB  . SER A 1 110 ? 1.752   7.695   16.297  1.00 106.85 ? 123 SER A CB  1 
ATOM 537  O OG  . SER A 1 110 ? 3.160   7.547   16.387  1.00 116.63 ? 123 SER A OG  1 
ATOM 538  N N   . LEU A 1 111 ? -1.022  8.203   14.656  1.00 104.36 ? 124 LEU A N   1 
ATOM 539  C CA  . LEU A 1 111 ? -2.478  8.119   14.677  1.00 102.48 ? 124 LEU A CA  1 
ATOM 540  C C   . LEU A 1 111 ? -2.995  7.142   13.629  1.00 98.00  ? 124 LEU A C   1 
ATOM 541  O O   . LEU A 1 111 ? -3.739  6.214   13.944  1.00 95.07  ? 124 LEU A O   1 
ATOM 542  C CB  . LEU A 1 111 ? -3.102  9.499   14.458  1.00 103.64 ? 124 LEU A CB  1 
ATOM 543  C CG  . LEU A 1 111 ? -4.631  9.549   14.455  1.00 102.41 ? 124 LEU A CG  1 
ATOM 544  C CD1 . LEU A 1 111 ? -5.193  8.973   15.747  1.00 106.68 ? 124 LEU A CD1 1 
ATOM 545  C CD2 . LEU A 1 111 ? -5.116  10.971  14.243  1.00 104.63 ? 124 LEU A CD2 1 
ATOM 546  N N   . THR A 1 112 ? -2.595  7.354   12.379  1.00 97.93  ? 125 THR A N   1 
ATOM 547  C CA  . THR A 1 112 ? -3.044  6.507   11.281  1.00 94.00  ? 125 THR A CA  1 
ATOM 548  C C   . THR A 1 112 ? -2.046  5.396   10.966  1.00 90.25  ? 125 THR A C   1 
ATOM 549  O O   . THR A 1 112 ? -2.229  4.642   10.014  1.00 91.56  ? 125 THR A O   1 
ATOM 550  C CB  . THR A 1 112 ? -3.313  7.332   10.011  1.00 90.46  ? 125 THR A CB  1 
ATOM 551  O OG1 . THR A 1 112 ? -2.162  8.127   9.706   1.00 91.97  ? 125 THR A OG1 1 
ATOM 552  C CG2 . THR A 1 112 ? -4.506  8.246   10.218  1.00 92.16  ? 125 THR A CG2 1 
ATOM 553  N N   . ASP A 1 113 ? -0.987  5.305   11.766  1.00 94.44  ? 126 ASP A N   1 
ATOM 554  C CA  . ASP A 1 113 ? -0.009  4.225   11.641  1.00 92.39  ? 126 ASP A CA  1 
ATOM 555  C C   . ASP A 1 113 ? 0.759   4.257   10.320  1.00 88.33  ? 126 ASP A C   1 
ATOM 556  O O   . ASP A 1 113 ? 1.567   3.373   10.043  1.00 89.63  ? 126 ASP A O   1 
ATOM 557  C CB  . ASP A 1 113 ? -0.697  2.868   11.818  1.00 92.34  ? 126 ASP A CB  1 
ATOM 558  C CG  . ASP A 1 113 ? 0.263   1.703   11.680  1.00 97.59  ? 126 ASP A CG  1 
ATOM 559  O OD1 . ASP A 1 113 ? 1.435   1.838   12.096  1.00 98.36  ? 126 ASP A OD1 1 
ATOM 560  O OD2 . ASP A 1 113 ? -0.158  0.649   11.157  1.00 102.24 ? 126 ASP A OD2 1 
ATOM 561  N N   . LEU A 1 114 ? 0.514   5.278   9.509   1.00 84.66  ? 127 LEU A N   1 
ATOM 562  C CA  . LEU A 1 114 ? 1.176   5.381   8.214   1.00 80.67  ? 127 LEU A CA  1 
ATOM 563  C C   . LEU A 1 114 ? 2.561   6.019   8.306   1.00 82.06  ? 127 LEU A C   1 
ATOM 564  O O   . LEU A 1 114 ? 2.890   6.685   9.288   1.00 83.53  ? 127 LEU A O   1 
ATOM 565  C CB  . LEU A 1 114 ? 0.301   6.144   7.218   1.00 77.09  ? 127 LEU A CB  1 
ATOM 566  C CG  . LEU A 1 114 ? -0.999  5.449   6.818   1.00 70.85  ? 127 LEU A CG  1 
ATOM 567  C CD1 . LEU A 1 114 ? -1.695  6.206   5.700   1.00 67.21  ? 127 LEU A CD1 1 
ATOM 568  C CD2 . LEU A 1 114 ? -0.727  4.015   6.399   1.00 78.53  ? 127 LEU A CD2 1 
ATOM 569  N N   . ALA A 1 115 ? 3.369   5.794   7.274   1.00 80.48  ? 128 ALA A N   1 
ATOM 570  C CA  . ALA A 1 115 ? 4.700   6.382   7.173   1.00 76.58  ? 128 ALA A CA  1 
ATOM 571  C C   . ALA A 1 115 ? 5.040   6.625   5.707   1.00 73.69  ? 128 ALA A C   1 
ATOM 572  O O   . ALA A 1 115 ? 4.590   5.892   4.830   1.00 73.58  ? 128 ALA A O   1 
ATOM 573  C CB  . ALA A 1 115 ? 5.734   5.477   7.821   1.00 74.58  ? 128 ALA A CB  1 
ATOM 574  N N   . VAL A 1 116 ? 5.828   7.660   5.440   1.00 76.74  ? 129 VAL A N   1 
ATOM 575  C CA  . VAL A 1 116 ? 6.184   7.999   4.067   1.00 73.18  ? 129 VAL A CA  1 
ATOM 576  C C   . VAL A 1 116 ? 7.688   7.919   3.837   1.00 72.61  ? 129 VAL A C   1 
ATOM 577  O O   . VAL A 1 116 ? 8.471   8.520   4.572   1.00 70.57  ? 129 VAL A O   1 
ATOM 578  C CB  . VAL A 1 116 ? 5.682   9.402   3.679   1.00 70.05  ? 129 VAL A CB  1 
ATOM 579  C CG1 . VAL A 1 116 ? 6.109   9.743   2.259   1.00 67.44  ? 129 VAL A CG1 1 
ATOM 580  C CG2 . VAL A 1 116 ? 4.171   9.480   3.821   1.00 69.85  ? 129 VAL A CG2 1 
ATOM 581  N N   . LEU A 1 117 ? 8.081   7.168   2.813   1.00 71.76  ? 130 LEU A N   1 
ATOM 582  C CA  . LEU A 1 117 ? 9.484   7.037   2.449   1.00 67.81  ? 130 LEU A CA  1 
ATOM 583  C C   . LEU A 1 117 ? 9.772   7.763   1.143   1.00 66.76  ? 130 LEU A C   1 
ATOM 584  O O   . LEU A 1 117 ? 8.854   8.134   0.409   1.00 65.41  ? 130 LEU A O   1 
ATOM 585  C CB  . LEU A 1 117 ? 9.880   5.564   2.328   1.00 67.46  ? 130 LEU A CB  1 
ATOM 586  C CG  . LEU A 1 117 ? 9.697   4.710   3.585   1.00 71.01  ? 130 LEU A CG  1 
ATOM 587  C CD1 . LEU A 1 117 ? 10.148  3.288   3.323   1.00 73.11  ? 130 LEU A CD1 1 
ATOM 588  C CD2 . LEU A 1 117 ? 10.449  5.302   4.764   1.00 69.52  ? 130 LEU A CD2 1 
ATOM 589  N N   . LYS A 1 118 ? 11.056  7.954   0.865   1.00 63.74  ? 131 LYS A N   1 
ATOM 590  C CA  . LYS A 1 118 ? 11.502  8.709   -0.298  1.00 59.61  ? 131 LYS A CA  1 
ATOM 591  C C   . LYS A 1 118 ? 12.728  8.046   -0.911  1.00 67.22  ? 131 LYS A C   1 
ATOM 592  O O   . LYS A 1 118 ? 13.783  7.964   -0.284  1.00 65.53  ? 131 LYS A O   1 
ATOM 593  C CB  . LYS A 1 118 ? 11.822  10.149  0.109   1.00 67.37  ? 131 LYS A CB  1 
ATOM 594  C CG  . LYS A 1 118 ? 12.545  10.967  -0.946  1.00 73.76  ? 131 LYS A CG  1 
ATOM 595  C CD  . LYS A 1 118 ? 11.626  11.352  -2.089  1.00 74.25  ? 131 LYS A CD  1 
ATOM 596  C CE  . LYS A 1 118 ? 12.366  12.186  -3.122  1.00 75.41  ? 131 LYS A CE  1 
ATOM 597  N NZ  . LYS A 1 118 ? 11.460  12.628  -4.213  1.00 78.91  ? 131 LYS A NZ  1 
ATOM 598  N N   . ILE A 1 119 ? 12.582  7.550   -2.132  1.00 72.37  ? 132 ILE A N   1 
ATOM 599  C CA  . ILE A 1 119 ? 13.707  6.942   -2.822  1.00 73.61  ? 132 ILE A CA  1 
ATOM 600  C C   . ILE A 1 119 ? 14.076  7.777   -4.034  1.00 81.21  ? 132 ILE A C   1 
ATOM 601  O O   . ILE A 1 119 ? 13.260  8.554   -4.535  1.00 77.64  ? 132 ILE A O   1 
ATOM 602  C CB  . ILE A 1 119 ? 13.437  5.470   -3.230  1.00 66.43  ? 132 ILE A CB  1 
ATOM 603  C CG1 . ILE A 1 119 ? 12.091  5.330   -3.944  1.00 75.84  ? 132 ILE A CG1 1 
ATOM 604  C CG2 . ILE A 1 119 ? 13.496  4.560   -2.020  1.00 64.17  ? 132 ILE A CG2 1 
ATOM 605  C CD1 . ILE A 1 119 ? 12.189  5.313   -5.451  1.00 73.67  ? 132 ILE A CD1 1 
ATOM 606  N N   . ASN A 1 120 ? 15.313  7.624   -4.492  1.00 81.47  ? 133 ASN A N   1 
ATOM 607  C CA  . ASN A 1 120 ? 15.802  8.404   -5.615  1.00 82.13  ? 133 ASN A CA  1 
ATOM 608  C C   . ASN A 1 120 ? 15.187  7.935   -6.929  1.00 84.26  ? 133 ASN A C   1 
ATOM 609  O O   . ASN A 1 120 ? 15.719  7.049   -7.601  1.00 84.15  ? 133 ASN A O   1 
ATOM 610  C CB  . ASN A 1 120 ? 17.327  8.354   -5.676  1.00 86.30  ? 133 ASN A CB  1 
ATOM 611  C CG  . ASN A 1 120 ? 17.922  9.604   -6.286  1.00 81.79  ? 133 ASN A CG  1 
ATOM 612  O OD1 . ASN A 1 120 ? 17.268  10.295  -7.068  1.00 85.65  ? 133 ASN A OD1 1 
ATOM 613  N ND2 . ASN A 1 120 ? 19.167  9.906   -5.929  1.00 75.14  ? 133 ASN A ND2 1 
ATOM 614  N N   . ALA A 1 121 ? 14.053  8.534   -7.280  1.00 86.08  ? 134 ALA A N   1 
ATOM 615  C CA  . ALA A 1 121 ? 13.336  8.183   -8.499  1.00 81.49  ? 134 ALA A CA  1 
ATOM 616  C C   . ALA A 1 121 ? 14.210  8.384   -9.728  1.00 83.48  ? 134 ALA A C   1 
ATOM 617  O O   . ALA A 1 121 ? 14.708  9.480   -9.974  1.00 95.23  ? 134 ALA A O   1 
ATOM 618  C CB  . ALA A 1 121 ? 12.069  9.006   -8.617  1.00 80.32  ? 134 ALA A CB  1 
ATOM 619  N N   . THR A 1 122 ? 14.395  7.318   -10.496 1.00 88.15  ? 135 THR A N   1 
ATOM 620  C CA  . THR A 1 122 ? 15.220  7.384   -11.692 1.00 95.12  ? 135 THR A CA  1 
ATOM 621  C C   . THR A 1 122 ? 14.343  7.424   -12.938 1.00 100.29 ? 135 THR A C   1 
ATOM 622  O O   . THR A 1 122 ? 13.300  8.082   -12.955 1.00 93.18  ? 135 THR A O   1 
ATOM 623  C CB  . THR A 1 122 ? 16.182  6.187   -11.777 1.00 90.51  ? 135 THR A CB  1 
ATOM 624  O OG1 . THR A 1 122 ? 16.623  5.835   -10.460 1.00 92.79  ? 135 THR A OG1 1 
ATOM 625  C CG2 . THR A 1 122 ? 17.393  6.531   -12.633 1.00 100.55 ? 135 THR A CG2 1 
ATOM 626  N N   . GLY A 1 123 ? 14.771  6.711   -13.974 1.00 84.32  ? 136 GLY A N   1 
ATOM 627  C CA  . GLY A 1 123 ? 14.056  6.683   -15.234 1.00 88.45  ? 136 GLY A CA  1 
ATOM 628  C C   . GLY A 1 123 ? 12.891  5.716   -15.215 1.00 85.70  ? 136 GLY A C   1 
ATOM 629  O O   . GLY A 1 123 ? 13.077  4.503   -15.289 1.00 81.84  ? 136 GLY A O   1 
ATOM 630  N N   . GLY A 1 124 ? 11.684  6.260   -15.110 1.00 85.46  ? 137 GLY A N   1 
ATOM 631  C CA  . GLY A 1 124 ? 10.482  5.450   -15.121 1.00 88.19  ? 137 GLY A CA  1 
ATOM 632  C C   . GLY A 1 124 ? 10.309  4.617   -13.866 1.00 81.84  ? 137 GLY A C   1 
ATOM 633  O O   . GLY A 1 124 ? 11.013  3.627   -13.657 1.00 78.41  ? 137 GLY A O   1 
ATOM 634  N N   . LEU A 1 125 ? 9.372   5.030   -13.020 1.00 81.94  ? 138 LEU A N   1 
ATOM 635  C CA  . LEU A 1 125 ? 8.994   4.237   -11.860 1.00 72.35  ? 138 LEU A CA  1 
ATOM 636  C C   . LEU A 1 125 ? 7.597   3.676   -12.050 1.00 72.65  ? 138 LEU A C   1 
ATOM 637  O O   . LEU A 1 125 ? 6.752   4.314   -12.678 1.00 73.47  ? 138 LEU A O   1 
ATOM 638  C CB  . LEU A 1 125 ? 9.041   5.073   -10.582 1.00 72.42  ? 138 LEU A CB  1 
ATOM 639  C CG  . LEU A 1 125 ? 10.419  5.311   -9.969  1.00 76.60  ? 138 LEU A CG  1 
ATOM 640  C CD1 . LEU A 1 125 ? 10.282  5.884   -8.567  1.00 72.55  ? 138 LEU A CD1 1 
ATOM 641  C CD2 . LEU A 1 125 ? 11.211  4.013   -9.940  1.00 73.59  ? 138 LEU A CD2 1 
ATOM 642  N N   . PRO A 1 126 ? 7.358   2.465   -11.529 1.00 73.62  ? 139 PRO A N   1 
ATOM 643  C CA  . PRO A 1 126 ? 6.007   1.908   -11.461 1.00 61.52  ? 139 PRO A CA  1 
ATOM 644  C C   . PRO A 1 126 ? 5.250   2.576   -10.326 1.00 67.38  ? 139 PRO A C   1 
ATOM 645  O O   . PRO A 1 126 ? 5.694   2.516   -9.179  1.00 67.52  ? 139 PRO A O   1 
ATOM 646  C CB  . PRO A 1 126 ? 6.252   0.432   -11.120 1.00 64.87  ? 139 PRO A CB  1 
ATOM 647  C CG  . PRO A 1 126 ? 7.705   0.189   -11.394 1.00 67.64  ? 139 PRO A CG  1 
ATOM 648  C CD  . PRO A 1 126 ? 8.373   1.487   -11.108 1.00 73.29  ? 139 PRO A CD  1 
ATOM 649  N N   . THR A 1 127 ? 4.129   3.215   -10.636 1.00 62.01  ? 140 THR A N   1 
ATOM 650  C CA  . THR A 1 127 ? 3.348   3.887   -9.609  1.00 63.68  ? 140 THR A CA  1 
ATOM 651  C C   . THR A 1 127 ? 1.967   3.257   -9.466  1.00 68.03  ? 140 THR A C   1 
ATOM 652  O O   . THR A 1 127 ? 1.429   2.697   -10.422 1.00 66.20  ? 140 THR A O   1 
ATOM 653  C CB  . THR A 1 127 ? 3.222   5.397   -9.892  1.00 72.22  ? 140 THR A CB  1 
ATOM 654  O OG1 . THR A 1 127 ? 2.665   5.601   -11.197 1.00 75.35  ? 140 THR A OG1 1 
ATOM 655  C CG2 . THR A 1 127 ? 4.587   6.062   -9.824  1.00 68.99  ? 140 THR A CG2 1 
ATOM 656  N N   . ILE A 1 128 ? 1.403   3.353   -8.265  1.00 64.16  ? 141 ILE A N   1 
ATOM 657  C CA  . ILE A 1 128 ? 0.108   2.749   -7.968  1.00 63.53  ? 141 ILE A CA  1 
ATOM 658  C C   . ILE A 1 128 ? -1.049  3.573   -8.528  1.00 64.16  ? 141 ILE A C   1 
ATOM 659  O O   . ILE A 1 128 ? -1.234  4.728   -8.155  1.00 65.04  ? 141 ILE A O   1 
ATOM 660  C CB  . ILE A 1 128 ? -0.084  2.523   -6.445  1.00 63.09  ? 141 ILE A CB  1 
ATOM 661  C CG1 . ILE A 1 128 ? -1.318  1.661   -6.181  1.00 63.50  ? 141 ILE A CG1 1 
ATOM 662  C CG2 . ILE A 1 128 ? -0.166  3.842   -5.694  1.00 56.57  ? 141 ILE A CG2 1 
ATOM 663  C CD1 . ILE A 1 128 ? -1.147  0.225   -6.586  1.00 51.24  ? 141 ILE A CD1 1 
ATOM 664  N N   . PRO A 1 129 ? -1.836  2.974   -9.432  1.00 65.75  ? 142 PRO A N   1 
ATOM 665  C CA  . PRO A 1 129 ? -2.946  3.681   -10.082 1.00 63.16  ? 142 PRO A CA  1 
ATOM 666  C C   . PRO A 1 129 ? -3.842  4.366   -9.056  1.00 67.25  ? 142 PRO A C   1 
ATOM 667  O O   . PRO A 1 129 ? -4.206  3.761   -8.047  1.00 70.07  ? 142 PRO A O   1 
ATOM 668  C CB  . PRO A 1 129 ? -3.711  2.556   -10.786 1.00 65.73  ? 142 PRO A CB  1 
ATOM 669  C CG  . PRO A 1 129 ? -2.698  1.481   -10.996 1.00 64.60  ? 142 PRO A CG  1 
ATOM 670  C CD  . PRO A 1 129 ? -1.780  1.552   -9.815  1.00 62.94  ? 142 PRO A CD  1 
ATOM 671  N N   . ILE A 1 130 ? -4.196  5.619   -9.312  1.00 66.09  ? 143 ILE A N   1 
ATOM 672  C CA  . ILE A 1 130 ? -5.022  6.374   -8.379  1.00 66.97  ? 143 ILE A CA  1 
ATOM 673  C C   . ILE A 1 130 ? -6.119  7.139   -9.106  1.00 73.45  ? 143 ILE A C   1 
ATOM 674  O O   . ILE A 1 130 ? -5.865  7.796   -10.115 1.00 73.82  ? 143 ILE A O   1 
ATOM 675  C CB  . ILE A 1 130 ? -4.179  7.366   -7.551  1.00 68.93  ? 143 ILE A CB  1 
ATOM 676  C CG1 . ILE A 1 130 ? -3.233  6.608   -6.617  1.00 70.30  ? 143 ILE A CG1 1 
ATOM 677  C CG2 . ILE A 1 130 ? -5.078  8.297   -6.754  1.00 67.67  ? 143 ILE A CG2 1 
ATOM 678  C CD1 . ILE A 1 130 ? -2.146  7.465   -6.011  1.00 64.61  ? 143 ILE A CD1 1 
ATOM 679  N N   . ASN A 1 131 ? -7.338  7.039   -8.588  1.00 76.65  ? 144 ASN A N   1 
ATOM 680  C CA  . ASN A 1 131 ? -8.462  7.800   -9.116  1.00 77.66  ? 144 ASN A CA  1 
ATOM 681  C C   . ASN A 1 131 ? -9.225  8.491   -7.991  1.00 80.43  ? 144 ASN A C   1 
ATOM 682  O O   . ASN A 1 131 ? -10.036 7.869   -7.304  1.00 77.92  ? 144 ASN A O   1 
ATOM 683  C CB  . ASN A 1 131 ? -9.397  6.893   -9.913  1.00 73.68  ? 144 ASN A CB  1 
ATOM 684  C CG  . ASN A 1 131 ? -10.413 7.674   -10.722 1.00 80.13  ? 144 ASN A CG  1 
ATOM 685  O OD1 . ASN A 1 131 ? -10.488 8.901   -10.629 1.00 85.73  ? 144 ASN A OD1 1 
ATOM 686  N ND2 . ASN A 1 131 ? -11.201 6.967   -11.526 1.00 78.44  ? 144 ASN A ND2 1 
ATOM 687  N N   . ALA A 1 132 ? -8.957  9.780   -7.808  1.00 81.45  ? 145 ALA A N   1 
ATOM 688  C CA  . ALA A 1 132 ? -9.570  10.549  -6.731  1.00 81.04  ? 145 ALA A CA  1 
ATOM 689  C C   . ALA A 1 132 ? -11.012 10.928  -7.050  1.00 82.52  ? 145 ALA A C   1 
ATOM 690  O O   . ALA A 1 132 ? -11.695 11.552  -6.237  1.00 82.60  ? 145 ALA A O   1 
ATOM 691  C CB  . ALA A 1 132 ? -8.746  11.790  -6.435  1.00 84.75  ? 145 ALA A CB  1 
ATOM 692  N N   . ARG A 1 133 ? -11.472 10.547  -8.237  1.00 87.88  ? 146 ARG A N   1 
ATOM 693  C CA  . ARG A 1 133 ? -12.855 10.788  -8.627  1.00 87.41  ? 146 ARG A CA  1 
ATOM 694  C C   . ARG A 1 133 ? -13.694 9.531   -8.451  1.00 87.83  ? 146 ARG A C   1 
ATOM 695  O O   . ARG A 1 133 ? -14.897 9.536   -8.708  1.00 93.88  ? 146 ARG A O   1 
ATOM 696  C CB  . ARG A 1 133 ? -12.935 11.268  -10.075 1.00 93.88  ? 146 ARG A CB  1 
ATOM 697  C CG  . ARG A 1 133 ? -12.222 12.582  -10.324 1.00 102.74 ? 146 ARG A CG  1 
ATOM 698  C CD  . ARG A 1 133 ? -12.749 13.256  -11.573 1.00 110.10 ? 146 ARG A CD  1 
ATOM 699  N NE  . ARG A 1 133 ? -14.158 13.613  -11.437 1.00 116.23 ? 146 ARG A NE  1 
ATOM 700  C CZ  . ARG A 1 133 ? -14.592 14.778  -10.968 1.00 118.16 ? 146 ARG A CZ  1 
ATOM 701  N NH1 . ARG A 1 133 ? -13.723 15.708  -10.593 1.00 121.45 ? 146 ARG A NH1 1 
ATOM 702  N NH2 . ARG A 1 133 ? -15.894 15.017  -10.877 1.00 110.25 ? 146 ARG A NH2 1 
ATOM 703  N N   . ARG A 1 134 ? -13.050 8.455   -8.011  1.00 86.90  ? 147 ARG A N   1 
ATOM 704  C CA  . ARG A 1 134 ? -13.736 7.189   -7.796  1.00 79.12  ? 147 ARG A CA  1 
ATOM 705  C C   . ARG A 1 134 ? -14.269 7.085   -6.374  1.00 80.29  ? 147 ARG A C   1 
ATOM 706  O O   . ARG A 1 134 ? -13.544 7.327   -5.408  1.00 75.58  ? 147 ARG A O   1 
ATOM 707  C CB  . ARG A 1 134 ? -12.804 6.013   -8.084  1.00 81.35  ? 147 ARG A CB  1 
ATOM 708  C CG  . ARG A 1 134 ? -13.444 4.652   -7.859  1.00 78.27  ? 147 ARG A CG  1 
ATOM 709  C CD  . ARG A 1 134 ? -14.428 4.316   -8.968  1.00 76.95  ? 147 ARG A CD  1 
ATOM 710  N NE  . ARG A 1 134 ? -13.747 4.012   -10.224 1.00 81.10  ? 147 ARG A NE  1 
ATOM 711  C CZ  . ARG A 1 134 ? -14.368 3.723   -11.362 1.00 83.45  ? 147 ARG A CZ  1 
ATOM 712  N NH1 . ARG A 1 134 ? -15.693 3.698   -11.409 1.00 81.17  ? 147 ARG A NH1 1 
ATOM 713  N NH2 . ARG A 1 134 ? -13.663 3.459   -12.455 1.00 82.01  ? 147 ARG A NH2 1 
ATOM 714  N N   . VAL A 1 135 ? -15.541 6.721   -6.259  1.00 85.18  ? 148 VAL A N   1 
ATOM 715  C CA  . VAL A 1 135 ? -16.174 6.521   -4.964  1.00 76.37  ? 148 VAL A CA  1 
ATOM 716  C C   . VAL A 1 135 ? -16.335 5.034   -4.687  1.00 79.14  ? 148 VAL A C   1 
ATOM 717  O O   . VAL A 1 135 ? -17.218 4.384   -5.248  1.00 79.99  ? 148 VAL A O   1 
ATOM 718  C CB  . VAL A 1 135 ? -17.552 7.194   -4.901  1.00 79.32  ? 148 VAL A CB  1 
ATOM 719  C CG1 . VAL A 1 135 ? -18.237 6.879   -3.581  1.00 79.47  ? 148 VAL A CG1 1 
ATOM 720  C CG2 . VAL A 1 135 ? -17.412 8.695   -5.092  1.00 81.39  ? 148 VAL A CG2 1 
ATOM 721  N N   . PRO A 1 136 ? -15.466 4.485   -3.829  1.00 80.45  ? 149 PRO A N   1 
ATOM 722  C CA  . PRO A 1 136 ? -15.559 3.078   -3.433  1.00 73.41  ? 149 PRO A CA  1 
ATOM 723  C C   . PRO A 1 136 ? -16.923 2.764   -2.826  1.00 77.29  ? 149 PRO A C   1 
ATOM 724  O O   . PRO A 1 136 ? -17.349 3.418   -1.872  1.00 74.84  ? 149 PRO A O   1 
ATOM 725  C CB  . PRO A 1 136 ? -14.454 2.946   -2.372  1.00 71.32  ? 149 PRO A CB  1 
ATOM 726  C CG  . PRO A 1 136 ? -14.144 4.367   -1.960  1.00 75.41  ? 149 PRO A CG  1 
ATOM 727  C CD  . PRO A 1 136 ? -14.288 5.129   -3.229  1.00 78.67  ? 149 PRO A CD  1 
ATOM 728  N N   . HIS A 1 137 ? -17.608 1.776   -3.390  1.00 76.32  ? 150 HIS A N   1 
ATOM 729  C CA  . HIS A 1 137 ? -18.895 1.354   -2.856  1.00 76.37  ? 150 HIS A CA  1 
ATOM 730  C C   . HIS A 1 137 ? -18.757 0.031   -2.119  1.00 75.11  ? 150 HIS A C   1 
ATOM 731  O O   . HIS A 1 137 ? -17.903 -0.792  -2.451  1.00 70.99  ? 150 HIS A O   1 
ATOM 732  C CB  . HIS A 1 137 ? -19.942 1.236   -3.966  1.00 71.84  ? 150 HIS A CB  1 
ATOM 733  C CG  . HIS A 1 137 ? -20.244 2.533   -4.651  1.00 76.37  ? 150 HIS A CG  1 
ATOM 734  N ND1 . HIS A 1 137 ? -20.378 2.637   -6.018  1.00 72.49  ? 150 HIS A ND1 1 
ATOM 735  C CD2 . HIS A 1 137 ? -20.424 3.780   -4.158  1.00 70.70  ? 150 HIS A CD2 1 
ATOM 736  C CE1 . HIS A 1 137 ? -20.637 3.892   -6.339  1.00 70.03  ? 150 HIS A CE1 1 
ATOM 737  N NE2 . HIS A 1 137 ? -20.670 4.606   -5.228  1.00 74.98  ? 150 HIS A NE2 1 
ATOM 738  N N   . ILE A 1 138 ? -19.598 -0.162  -1.110  1.00 73.74  ? 151 ILE A N   1 
ATOM 739  C CA  . ILE A 1 138 ? -19.586 -1.396  -0.340  1.00 64.76  ? 151 ILE A CA  1 
ATOM 740  C C   . ILE A 1 138 ? -20.066 -2.537  -1.221  1.00 64.05  ? 151 ILE A C   1 
ATOM 741  O O   . ILE A 1 138 ? -21.065 -2.406  -1.925  1.00 68.84  ? 151 ILE A O   1 
ATOM 742  C CB  . ILE A 1 138 ? -20.456 -1.273  0.920   1.00 63.89  ? 151 ILE A CB  1 
ATOM 743  C CG1 . ILE A 1 138 ? -19.883 -0.189  1.835   1.00 64.16  ? 151 ILE A CG1 1 
ATOM 744  C CG2 . ILE A 1 138 ? -20.527 -2.597  1.653   1.00 63.82  ? 151 ILE A CG2 1 
ATOM 745  C CD1 . ILE A 1 138 ? -20.739 0.128   3.041   1.00 65.53  ? 151 ILE A CD1 1 
ATOM 746  N N   . GLY A 1 139 ? -19.338 -3.647  -1.195  1.00 61.51  ? 152 GLY A N   1 
ATOM 747  C CA  . GLY A 1 139 ? -19.645 -4.774  -2.055  1.00 63.35  ? 152 GLY A CA  1 
ATOM 748  C C   . GLY A 1 139 ? -18.712 -4.863  -3.250  1.00 64.54  ? 152 GLY A C   1 
ATOM 749  O O   . GLY A 1 139 ? -18.634 -5.898  -3.913  1.00 66.08  ? 152 GLY A O   1 
ATOM 750  N N   . ASP A 1 140 ? -18.008 -3.772  -3.530  1.00 62.49  ? 153 ASP A N   1 
ATOM 751  C CA  . ASP A 1 140 ? -17.026 -3.751  -4.607  1.00 65.57  ? 153 ASP A CA  1 
ATOM 752  C C   . ASP A 1 140 ? -15.969 -4.823  -4.395  1.00 62.10  ? 153 ASP A C   1 
ATOM 753  O O   . ASP A 1 140 ? -15.535 -5.062  -3.268  1.00 59.23  ? 153 ASP A O   1 
ATOM 754  C CB  . ASP A 1 140 ? -16.339 -2.385  -4.684  1.00 66.13  ? 153 ASP A CB  1 
ATOM 755  C CG  . ASP A 1 140 ? -17.262 -1.295  -5.182  1.00 74.29  ? 153 ASP A CG  1 
ATOM 756  O OD1 . ASP A 1 140 ? -18.491 -1.515  -5.214  1.00 72.51  ? 153 ASP A OD1 1 
ATOM 757  O OD2 . ASP A 1 140 ? -16.756 -0.210  -5.536  1.00 82.95  ? 153 ASP A OD2 1 
ATOM 758  N N   . VAL A 1 141 ? -15.554 -5.466  -5.480  1.00 60.35  ? 154 VAL A N   1 
ATOM 759  C CA  . VAL A 1 141 ? -14.452 -6.414  -5.410  1.00 64.34  ? 154 VAL A CA  1 
ATOM 760  C C   . VAL A 1 141 ? -13.134 -5.670  -5.205  1.00 63.12  ? 154 VAL A C   1 
ATOM 761  O O   . VAL A 1 141 ? -12.873 -4.655  -5.854  1.00 59.74  ? 154 VAL A O   1 
ATOM 762  C CB  . VAL A 1 141 ? -14.356 -7.284  -6.682  1.00 67.24  ? 154 VAL A CB  1 
ATOM 763  C CG1 . VAL A 1 141 ? -13.099 -8.142  -6.649  1.00 58.40  ? 154 VAL A CG1 1 
ATOM 764  C CG2 . VAL A 1 141 ? -15.596 -8.145  -6.828  1.00 57.71  ? 154 VAL A CG2 1 
ATOM 765  N N   . VAL A 1 142 ? -12.316 -6.181  -4.290  1.00 62.18  ? 155 VAL A N   1 
ATOM 766  C CA  . VAL A 1 142 ? -11.001 -5.616  -4.020  1.00 58.38  ? 155 VAL A CA  1 
ATOM 767  C C   . VAL A 1 142 ? -9.925  -6.698  -3.906  1.00 59.66  ? 155 VAL A C   1 
ATOM 768  O O   . VAL A 1 142 ? -10.189 -7.816  -3.462  1.00 60.53  ? 155 VAL A O   1 
ATOM 769  C CB  . VAL A 1 142 ? -11.005 -4.787  -2.726  1.00 58.53  ? 155 VAL A CB  1 
ATOM 770  C CG1 . VAL A 1 142 ? -11.881 -3.555  -2.888  1.00 61.34  ? 155 VAL A CG1 1 
ATOM 771  C CG2 . VAL A 1 142 ? -11.471 -5.637  -1.557  1.00 55.72  ? 155 VAL A CG2 1 
ATOM 772  N N   . LEU A 1 143 ? -8.705  -6.360  -4.310  1.00 59.94  ? 156 LEU A N   1 
ATOM 773  C CA  . LEU A 1 143 ? -7.581  -7.272  -4.171  1.00 56.00  ? 156 LEU A CA  1 
ATOM 774  C C   . LEU A 1 143 ? -6.574  -6.713  -3.176  1.00 55.02  ? 156 LEU A C   1 
ATOM 775  O O   . LEU A 1 143 ? -6.222  -5.537  -3.235  1.00 58.48  ? 156 LEU A O   1 
ATOM 776  C CB  . LEU A 1 143 ? -6.906  -7.506  -5.524  1.00 59.84  ? 156 LEU A CB  1 
ATOM 777  C CG  . LEU A 1 143 ? -7.799  -7.987  -6.673  1.00 62.13  ? 156 LEU A CG  1 
ATOM 778  C CD1 . LEU A 1 143 ? -7.028  -7.967  -7.984  1.00 63.41  ? 156 LEU A CD1 1 
ATOM 779  C CD2 . LEU A 1 143 ? -8.362  -9.375  -6.396  1.00 55.20  ? 156 LEU A CD2 1 
ATOM 780  N N   . ALA A 1 144 ? -6.122  -7.558  -2.257  1.00 57.33  ? 157 ALA A N   1 
ATOM 781  C CA  . ALA A 1 144 ? -5.104  -7.166  -1.292  1.00 57.83  ? 157 ALA A CA  1 
ATOM 782  C C   . ALA A 1 144 ? -3.722  -7.617  -1.761  1.00 58.81  ? 157 ALA A C   1 
ATOM 783  O O   . ALA A 1 144 ? -3.489  -8.806  -1.987  1.00 63.65  ? 157 ALA A O   1 
ATOM 784  C CB  . ALA A 1 144 ? -5.422  -7.743  0.078   1.00 62.21  ? 157 ALA A CB  1 
ATOM 785  N N   . ILE A 1 145 ? -2.810  -6.657  -1.894  1.00 63.22  ? 158 ILE A N   1 
ATOM 786  C CA  . ILE A 1 145 ? -1.481  -6.909  -2.442  1.00 55.81  ? 158 ILE A CA  1 
ATOM 787  C C   . ILE A 1 145 ? -0.371  -6.617  -1.431  1.00 61.32  ? 158 ILE A C   1 
ATOM 788  O O   . ILE A 1 145 ? -0.249  -5.501  -0.930  1.00 63.84  ? 158 ILE A O   1 
ATOM 789  C CB  . ILE A 1 145 ? -1.235  -6.059  -3.699  1.00 56.59  ? 158 ILE A CB  1 
ATOM 790  C CG1 . ILE A 1 145 ? -2.461  -6.100  -4.614  1.00 49.49  ? 158 ILE A CG1 1 
ATOM 791  C CG2 . ILE A 1 145 ? 0.019   -6.533  -4.431  1.00 57.77  ? 158 ILE A CG2 1 
ATOM 792  C CD1 . ILE A 1 145 ? -2.342  -5.212  -5.835  1.00 50.42  ? 158 ILE A CD1 1 
ATOM 793  N N   . GLY A 1 146 ? 0.443   -7.630  -1.144  1.00 66.60  ? 159 GLY A N   1 
ATOM 794  C CA  . GLY A 1 146 ? 1.529   -7.504  -0.191  1.00 66.78  ? 159 GLY A CA  1 
ATOM 795  C C   . GLY A 1 146 ? 2.556   -8.605  -0.376  1.00 72.96  ? 159 GLY A C   1 
ATOM 796  O O   . GLY A 1 146 ? 2.224   -9.705  -0.815  1.00 76.47  ? 159 GLY A O   1 
ATOM 797  N N   . ASN A 1 147 ? 3.809   -8.311  -0.043  1.00 84.70  ? 160 ASN A N   1 
ATOM 798  C CA  . ASN A 1 147 ? 4.897   -9.258  -0.269  1.00 87.20  ? 160 ASN A CA  1 
ATOM 799  C C   . ASN A 1 147 ? 5.504   -9.766  1.037   1.00 89.54  ? 160 ASN A C   1 
ATOM 800  O O   . ASN A 1 147 ? 6.611   -9.364  1.405   1.00 85.21  ? 160 ASN A O   1 
ATOM 801  C CB  . ASN A 1 147 ? 6.001   -8.622  -1.122  1.00 82.53  ? 160 ASN A CB  1 
ATOM 802  C CG  . ASN A 1 147 ? 5.460   -7.711  -2.218  1.00 79.50  ? 160 ASN A CG  1 
ATOM 803  O OD1 . ASN A 1 147 ? 4.296   -7.799  -2.606  1.00 81.17  ? 160 ASN A OD1 1 
ATOM 804  N ND2 . ASN A 1 147 ? 6.316   -6.831  -2.727  1.00 79.54  ? 160 ASN A ND2 1 
ATOM 805  N N   . PRO A 1 148 ? 4.786   -10.656 1.741   1.00 92.45  ? 161 PRO A N   1 
ATOM 806  C CA  . PRO A 1 148 ? 5.303   -11.194 3.005   1.00 100.46 ? 161 PRO A CA  1 
ATOM 807  C C   . PRO A 1 148 ? 6.727   -11.724 2.843   1.00 106.94 ? 161 PRO A C   1 
ATOM 808  O O   . PRO A 1 148 ? 7.068   -12.267 1.790   1.00 101.67 ? 161 PRO A O   1 
ATOM 809  C CB  . PRO A 1 148 ? 4.333   -12.337 3.335   1.00 100.01 ? 161 PRO A CB  1 
ATOM 810  C CG  . PRO A 1 148 ? 3.520   -12.565 2.100   1.00 88.91  ? 161 PRO A CG  1 
ATOM 811  C CD  . PRO A 1 148 ? 3.515   -11.283 1.345   1.00 87.92  ? 161 PRO A CD  1 
ATOM 812  N N   . TYR A 1 149 ? 7.545   -11.561 3.880   1.00 111.33 ? 162 TYR A N   1 
ATOM 813  C CA  . TYR A 1 149 ? 8.949   -11.962 3.832   1.00 113.87 ? 162 TYR A CA  1 
ATOM 814  C C   . TYR A 1 149 ? 9.107   -13.448 3.530   1.00 114.88 ? 162 TYR A C   1 
ATOM 815  O O   . TYR A 1 149 ? 10.202  -13.917 3.217   1.00 115.40 ? 162 TYR A O   1 
ATOM 816  C CB  . TYR A 1 149 ? 9.643   -11.631 5.156   1.00 118.13 ? 162 TYR A CB  1 
ATOM 817  C CG  . TYR A 1 149 ? 9.305   -12.584 6.282   1.00 120.28 ? 162 TYR A CG  1 
ATOM 818  C CD1 . TYR A 1 149 ? 10.010  -13.771 6.449   1.00 119.44 ? 162 TYR A CD1 1 
ATOM 819  C CD2 . TYR A 1 149 ? 8.284   -12.295 7.182   1.00 120.08 ? 162 TYR A CD2 1 
ATOM 820  C CE1 . TYR A 1 149 ? 9.705   -14.647 7.473   1.00 124.55 ? 162 TYR A CE1 1 
ATOM 821  C CE2 . TYR A 1 149 ? 7.974   -13.164 8.213   1.00 126.18 ? 162 TYR A CE2 1 
ATOM 822  C CZ  . TYR A 1 149 ? 8.687   -14.339 8.353   1.00 130.08 ? 162 TYR A CZ  1 
ATOM 823  O OH  . TYR A 1 149 ? 8.385   -15.211 9.376   1.00 127.81 ? 162 TYR A OH  1 
ATOM 824  N N   . ASN A 1 150 ? 8.009   -14.185 3.632   1.00 114.06 ? 163 ASN A N   1 
ATOM 825  C CA  . ASN A 1 150 ? 8.037   -15.630 3.446   1.00 110.96 ? 163 ASN A CA  1 
ATOM 826  C C   . ASN A 1 150 ? 7.818   -16.069 2.000   1.00 105.98 ? 163 ASN A C   1 
ATOM 827  O O   . ASN A 1 150 ? 8.657   -16.753 1.416   1.00 109.27 ? 163 ASN A O   1 
ATOM 828  C CB  . ASN A 1 150 ? 7.018   -16.304 4.376   1.00 111.05 ? 163 ASN A CB  1 
ATOM 829  C CG  . ASN A 1 150 ? 5.729   -15.502 4.520   1.00 112.94 ? 163 ASN A CG  1 
ATOM 830  O OD1 . ASN A 1 150 ? 5.057   -15.199 3.536   1.00 110.31 ? 163 ASN A OD1 1 
ATOM 831  N ND2 . ASN A 1 150 ? 5.380   -15.162 5.757   1.00 110.91 ? 163 ASN A ND2 1 
ATOM 832  N N   . LEU A 1 151 ? 6.695   -15.657 1.423   1.00 101.66 ? 164 LEU A N   1 
ATOM 833  C CA  . LEU A 1 151 ? 6.252   -16.184 0.137   1.00 89.42  ? 164 LEU A CA  1 
ATOM 834  C C   . LEU A 1 151 ? 6.492   -15.217 -1.021  1.00 84.86  ? 164 LEU A C   1 
ATOM 835  O O   . LEU A 1 151 ? 6.458   -15.610 -2.185  1.00 74.44  ? 164 LEU A O   1 
ATOM 836  C CB  . LEU A 1 151 ? 4.764   -16.536 0.218   1.00 88.41  ? 164 LEU A CB  1 
ATOM 837  C CG  . LEU A 1 151 ? 4.147   -17.376 -0.900  1.00 82.57  ? 164 LEU A CG  1 
ATOM 838  C CD1 . LEU A 1 151 ? 4.739   -18.778 -0.895  1.00 81.80  ? 164 LEU A CD1 1 
ATOM 839  C CD2 . LEU A 1 151 ? 2.634   -17.427 -0.747  1.00 67.51  ? 164 LEU A CD2 1 
ATOM 840  N N   . GLY A 1 152 ? 6.730   -13.950 -0.703  1.00 86.50  ? 165 GLY A N   1 
ATOM 841  C CA  . GLY A 1 152 ? 6.835   -12.932 -1.729  1.00 81.98  ? 165 GLY A CA  1 
ATOM 842  C C   . GLY A 1 152 ? 5.472   -12.341 -2.027  1.00 79.61  ? 165 GLY A C   1 
ATOM 843  O O   . GLY A 1 152 ? 4.530   -12.527 -1.255  1.00 82.78  ? 165 GLY A O   1 
ATOM 844  N N   . GLN A 1 153 ? 5.358   -11.635 -3.147  1.00 72.96  ? 166 GLN A N   1 
ATOM 845  C CA  . GLN A 1 153 ? 4.112   -10.958 -3.495  1.00 72.03  ? 166 GLN A CA  1 
ATOM 846  C C   . GLN A 1 153 ? 2.908   -11.903 -3.495  1.00 74.34  ? 166 GLN A C   1 
ATOM 847  O O   . GLN A 1 153 ? 2.911   -12.941 -4.162  1.00 64.77  ? 166 GLN A O   1 
ATOM 848  C CB  . GLN A 1 153 ? 4.236   -10.243 -4.843  1.00 64.52  ? 166 GLN A CB  1 
ATOM 849  C CG  . GLN A 1 153 ? 2.969   -9.524  -5.268  1.00 67.66  ? 166 GLN A CG  1 
ATOM 850  C CD  . GLN A 1 153 ? 3.237   -8.371  -6.218  1.00 72.25  ? 166 GLN A CD  1 
ATOM 851  O OE1 . GLN A 1 153 ? 3.064   -8.504  -7.431  1.00 68.99  ? 166 GLN A OE1 1 
ATOM 852  N NE2 . GLN A 1 153 ? 3.667   -7.232  -5.672  1.00 59.45  ? 166 GLN A NE2 1 
ATOM 853  N N   . THR A 1 154 ? 1.880   -11.527 -2.740  1.00 72.27  ? 167 THR A N   1 
ATOM 854  C CA  . THR A 1 154 ? 0.692   -12.355 -2.586  1.00 62.78  ? 167 THR A CA  1 
ATOM 855  C C   . THR A 1 154 ? -0.571  -11.537 -2.788  1.00 63.53  ? 167 THR A C   1 
ATOM 856  O O   . THR A 1 154 ? -0.768  -10.516 -2.132  1.00 66.26  ? 167 THR A O   1 
ATOM 857  C CB  . THR A 1 154 ? 0.638   -12.992 -1.189  1.00 67.51  ? 167 THR A CB  1 
ATOM 858  O OG1 . THR A 1 154 ? 1.754   -13.870 -1.015  1.00 74.50  ? 167 THR A OG1 1 
ATOM 859  C CG2 . THR A 1 154 ? -0.645  -13.779 -1.016  1.00 72.23  ? 167 THR A CG2 1 
ATOM 860  N N   . ILE A 1 155 ? -1.429  -11.991 -3.694  1.00 64.94  ? 168 ILE A N   1 
ATOM 861  C CA  . ILE A 1 155 ? -2.704  -11.326 -3.934  1.00 60.05  ? 168 ILE A CA  1 
ATOM 862  C C   . ILE A 1 155 ? -3.853  -12.124 -3.323  1.00 61.71  ? 168 ILE A C   1 
ATOM 863  O O   . ILE A 1 155 ? -4.019  -13.309 -3.605  1.00 58.09  ? 168 ILE A O   1 
ATOM 864  C CB  . ILE A 1 155 ? -2.971  -11.154 -5.440  1.00 60.69  ? 168 ILE A CB  1 
ATOM 865  C CG1 . ILE A 1 155 ? -1.665  -10.881 -6.192  1.00 64.12  ? 168 ILE A CG1 1 
ATOM 866  C CG2 . ILE A 1 155 ? -3.994  -10.061 -5.680  1.00 55.39  ? 168 ILE A CG2 1 
ATOM 867  C CD1 . ILE A 1 155 ? -0.961  -9.624  -5.770  1.00 57.17  ? 168 ILE A CD1 1 
ATOM 868  N N   . THR A 1 156 ? -4.644  -11.474 -2.478  1.00 68.87  ? 169 THR A N   1 
ATOM 869  C CA  . THR A 1 156 ? -5.836  -12.106 -1.927  1.00 60.76  ? 169 THR A CA  1 
ATOM 870  C C   . THR A 1 156 ? -7.068  -11.341 -2.386  1.00 57.03  ? 169 THR A C   1 
ATOM 871  O O   . THR A 1 156 ? -6.967  -10.185 -2.783  1.00 62.45  ? 169 THR A O   1 
ATOM 872  C CB  . THR A 1 156 ? -5.793  -12.173 -0.394  1.00 64.14  ? 169 THR A CB  1 
ATOM 873  O OG1 . THR A 1 156 ? -5.651  -10.853 0.142   1.00 62.98  ? 169 THR A OG1 1 
ATOM 874  C CG2 . THR A 1 156 ? -4.618  -13.024 0.060   1.00 64.59  ? 169 THR A CG2 1 
ATOM 875  N N   . GLN A 1 157 ? -8.230  -11.983 -2.338  1.00 55.76  ? 170 GLN A N   1 
ATOM 876  C CA  . GLN A 1 157 ? -9.432  -11.379 -2.903  1.00 62.40  ? 170 GLN A CA  1 
ATOM 877  C C   . GLN A 1 157 ? -10.626 -11.359 -1.947  1.00 64.46  ? 170 GLN A C   1 
ATOM 878  O O   . GLN A 1 157 ? -10.890 -12.326 -1.229  1.00 61.50  ? 170 GLN A O   1 
ATOM 879  C CB  . GLN A 1 157 ? -9.804  -12.069 -4.222  1.00 61.05  ? 170 GLN A CB  1 
ATOM 880  C CG  . GLN A 1 157 ? -11.102 -11.578 -4.850  1.00 54.07  ? 170 GLN A CG  1 
ATOM 881  C CD  . GLN A 1 157 ? -12.321 -12.248 -4.259  1.00 60.78  ? 170 GLN A CD  1 
ATOM 882  O OE1 . GLN A 1 157 ? -12.276 -13.416 -3.871  1.00 59.91  ? 170 GLN A OE1 1 
ATOM 883  N NE2 . GLN A 1 157 ? -13.423 -11.511 -4.186  1.00 65.23  ? 170 GLN A NE2 1 
ATOM 884  N N   . GLY A 1 158 ? -11.340 -10.238 -1.957  1.00 61.53  ? 171 GLY A N   1 
ATOM 885  C CA  . GLY A 1 158 ? -12.529 -10.059 -1.149  1.00 59.16  ? 171 GLY A CA  1 
ATOM 886  C C   . GLY A 1 158 ? -13.358 -8.903  -1.671  1.00 57.11  ? 171 GLY A C   1 
ATOM 887  O O   . GLY A 1 158 ? -13.347 -8.608  -2.867  1.00 54.01  ? 171 GLY A O   1 
ATOM 888  N N   . ILE A 1 159 ? -14.085 -8.252  -0.770  1.00 61.29  ? 172 ILE A N   1 
ATOM 889  C CA  . ILE A 1 159 ? -14.884 -7.083  -1.117  1.00 57.99  ? 172 ILE A CA  1 
ATOM 890  C C   . ILE A 1 159 ? -14.792 -6.037  -0.021  1.00 55.66  ? 172 ILE A C   1 
ATOM 891  O O   . ILE A 1 159 ? -14.279 -6.303  1.066   1.00 56.07  ? 172 ILE A O   1 
ATOM 892  C CB  . ILE A 1 159 ? -16.371 -7.434  -1.283  1.00 54.76  ? 172 ILE A CB  1 
ATOM 893  C CG1 . ILE A 1 159 ? -16.938 -7.945  0.043   1.00 55.53  ? 172 ILE A CG1 1 
ATOM 894  C CG2 . ILE A 1 159 ? -16.563 -8.456  -2.387  1.00 57.19  ? 172 ILE A CG2 1 
ATOM 895  C CD1 . ILE A 1 159 ? -18.455 -8.014  0.078   1.00 56.63  ? 172 ILE A CD1 1 
ATOM 896  N N   . ILE A 1 160 ? -15.301 -4.846  -0.308  1.00 57.21  ? 173 ILE A N   1 
ATOM 897  C CA  . ILE A 1 160 ? -15.433 -3.820  0.714   1.00 57.12  ? 173 ILE A CA  1 
ATOM 898  C C   . ILE A 1 160 ? -16.607 -4.173  1.624   1.00 57.70  ? 173 ILE A C   1 
ATOM 899  O O   . ILE A 1 160 ? -17.768 -4.140  1.210   1.00 52.90  ? 173 ILE A O   1 
ATOM 900  C CB  . ILE A 1 160 ? -15.616 -2.423  0.092   1.00 62.32  ? 173 ILE A CB  1 
ATOM 901  C CG1 . ILE A 1 160 ? -14.452 -2.123  -0.860  1.00 66.75  ? 173 ILE A CG1 1 
ATOM 902  C CG2 . ILE A 1 160 ? -15.706 -1.364  1.176   1.00 55.40  ? 173 ILE A CG2 1 
ATOM 903  C CD1 . ILE A 1 160 ? -14.587 -0.826  -1.626  1.00 68.91  ? 173 ILE A CD1 1 
ATOM 904  N N   . SER A 1 161 ? -16.288 -4.533  2.861   1.00 54.79  ? 174 SER A N   1 
ATOM 905  C CA  . SER A 1 161 ? -17.292 -4.951  3.825   1.00 55.65  ? 174 SER A CA  1 
ATOM 906  C C   . SER A 1 161 ? -18.042 -3.766  4.419   1.00 60.98  ? 174 SER A C   1 
ATOM 907  O O   . SER A 1 161 ? -19.260 -3.801  4.561   1.00 64.81  ? 174 SER A O   1 
ATOM 908  C CB  . SER A 1 161 ? -16.638 -5.758  4.943   1.00 54.80  ? 174 SER A CB  1 
ATOM 909  O OG  . SER A 1 161 ? -16.073 -6.948  4.432   1.00 63.71  ? 174 SER A OG  1 
ATOM 910  N N   . ALA A 1 162 ? -17.309 -2.716  4.765   1.00 64.19  ? 175 ALA A N   1 
ATOM 911  C CA  . ALA A 1 162 ? -17.908 -1.548  5.386   1.00 58.18  ? 175 ALA A CA  1 
ATOM 912  C C   . ALA A 1 162 ? -16.946 -0.363  5.356   1.00 66.22  ? 175 ALA A C   1 
ATOM 913  O O   . ALA A 1 162 ? -15.740 -0.533  5.163   1.00 65.45  ? 175 ALA A O   1 
ATOM 914  C CB  . ALA A 1 162 ? -18.312 -1.872  6.813   1.00 61.82  ? 175 ALA A CB  1 
ATOM 915  N N   . THR A 1 163 ? -17.492 0.837   5.535   1.00 73.87  ? 176 THR A N   1 
ATOM 916  C CA  . THR A 1 163 ? -16.693 2.054   5.632   1.00 67.07  ? 176 THR A CA  1 
ATOM 917  C C   . THR A 1 163 ? -17.178 2.871   6.828   1.00 72.50  ? 176 THR A C   1 
ATOM 918  O O   . THR A 1 163 ? -17.702 2.313   7.791   1.00 76.25  ? 176 THR A O   1 
ATOM 919  C CB  . THR A 1 163 ? -16.777 2.907   4.349   1.00 67.27  ? 176 THR A CB  1 
ATOM 920  O OG1 . THR A 1 163 ? -16.759 2.056   3.199   1.00 61.88  ? 176 THR A OG1 1 
ATOM 921  C CG2 . THR A 1 163 ? -15.599 3.869   4.268   1.00 78.43  ? 176 THR A CG2 1 
ATOM 922  N N   . GLY A 1 164 ? -17.010 4.188   6.765   1.00 74.11  ? 177 GLY A N   1 
ATOM 923  C CA  . GLY A 1 164 ? -17.416 5.060   7.850   1.00 70.33  ? 177 GLY A CA  1 
ATOM 924  C C   . GLY A 1 164 ? -16.259 5.477   8.737   1.00 77.96  ? 177 GLY A C   1 
ATOM 925  O O   . GLY A 1 164 ? -15.093 5.313   8.377   1.00 78.13  ? 177 GLY A O   1 
ATOM 926  N N   . ARG A 1 165 ? -16.583 6.030   9.901   1.00 83.40  ? 178 ARG A N   1 
ATOM 927  C CA  . ARG A 1 165 ? -15.565 6.470   10.849  1.00 82.64  ? 178 ARG A CA  1 
ATOM 928  C C   . ARG A 1 165 ? -15.593 5.622   12.113  1.00 81.51  ? 178 ARG A C   1 
ATOM 929  O O   . ARG A 1 165 ? -16.647 5.142   12.528  1.00 80.72  ? 178 ARG A O   1 
ATOM 930  C CB  . ARG A 1 165 ? -15.765 7.942   11.217  1.00 82.92  ? 178 ARG A CB  1 
ATOM 931  C CG  . ARG A 1 165 ? -15.610 8.914   10.063  1.00 84.58  ? 178 ARG A CG  1 
ATOM 932  C CD  . ARG A 1 165 ? -15.742 10.346  10.547  1.00 95.04  ? 178 ARG A CD  1 
ATOM 933  N NE  . ARG A 1 165 ? -16.986 10.540  11.287  1.00 115.23 ? 178 ARG A NE  1 
ATOM 934  C CZ  . ARG A 1 165 ? -18.107 11.020  10.757  1.00 113.07 ? 178 ARG A CZ  1 
ATOM 935  N NH1 . ARG A 1 165 ? -19.192 11.155  11.508  1.00 98.71  ? 178 ARG A NH1 1 
ATOM 936  N NH2 . ARG A 1 165 ? -18.145 11.368  9.478   1.00 121.90 ? 178 ARG A NH2 1 
ATOM 937  N N   . ILE A 1 166 ? -14.428 5.446   12.723  1.00 82.95  ? 179 ILE A N   1 
ATOM 938  C CA  . ILE A 1 166 ? -14.327 4.707   13.973  1.00 90.98  ? 179 ILE A CA  1 
ATOM 939  C C   . ILE A 1 166 ? -12.985 4.981   14.633  1.00 101.07 ? 179 ILE A C   1 
ATOM 940  O O   . ILE A 1 166 ? -12.050 4.191   14.509  1.00 106.38 ? 179 ILE A O   1 
ATOM 941  C CB  . ILE A 1 166 ? -14.506 3.215   13.728  1.00 93.03  ? 179 ILE A CB  1 
ATOM 942  N N   . GLY A 1 167 ? -12.894 6.109   15.329  1.00 107.08 ? 180 GLY A N   1 
ATOM 943  C CA  . GLY A 1 167 ? -11.661 6.496   15.991  1.00 116.84 ? 180 GLY A CA  1 
ATOM 944  C C   . GLY A 1 167 ? -11.743 7.878   16.610  1.00 129.57 ? 180 GLY A C   1 
ATOM 945  O O   . GLY A 1 167 ? -12.565 8.127   17.491  1.00 130.43 ? 180 GLY A O   1 
ATOM 946  N N   . LEU A 1 168 ? -10.890 8.783   16.140  1.00 132.49 ? 181 LEU A N   1 
ATOM 947  C CA  . LEU A 1 168 ? -10.813 10.127  16.708  1.00 135.31 ? 181 LEU A CA  1 
ATOM 948  C C   . LEU A 1 168 ? -11.298 11.225  15.755  1.00 138.06 ? 181 LEU A C   1 
ATOM 949  O O   . LEU A 1 168 ? -12.171 12.018  16.111  1.00 138.15 ? 181 LEU A O   1 
ATOM 950  C CB  . LEU A 1 168 ? -9.393  10.422  17.210  1.00 134.47 ? 181 LEU A CB  1 
ATOM 951  C CG  . LEU A 1 168 ? -8.959  9.736   18.514  1.00 134.13 ? 181 LEU A CG  1 
ATOM 952  C CD1 . LEU A 1 168 ? -8.909  8.218   18.363  1.00 128.84 ? 181 LEU A CD1 1 
ATOM 953  C CD2 . LEU A 1 168 ? -7.617  10.276  18.998  1.00 126.11 ? 181 LEU A CD2 1 
ATOM 954  N N   . ASN A 1 169 ? -10.740 11.267  14.548  1.00 140.11 ? 182 ASN A N   1 
ATOM 955  C CA  . ASN A 1 169 ? -11.056 12.339  13.602  1.00 140.91 ? 182 ASN A CA  1 
ATOM 956  C C   . ASN A 1 169 ? -12.061 11.956  12.511  1.00 137.99 ? 182 ASN A C   1 
ATOM 957  O O   . ASN A 1 169 ? -13.039 12.668  12.280  1.00 137.75 ? 182 ASN A O   1 
ATOM 958  C CB  . ASN A 1 169 ? -9.771  12.883  12.967  1.00 135.58 ? 182 ASN A CB  1 
ATOM 959  C CG  . ASN A 1 169 ? -9.987  14.200  12.240  1.00 126.12 ? 182 ASN A CG  1 
ATOM 960  O OD1 . ASN A 1 169 ? -9.801  14.291  11.026  1.00 113.31 ? 182 ASN A OD1 1 
ATOM 961  N ND2 . ASN A 1 169 ? -10.384 15.228  12.982  1.00 127.23 ? 182 ASN A ND2 1 
ATOM 962  N N   . ASN A 1 175 ? -11.108 7.471   9.854   1.00 65.86  ? 188 ASN A N   1 
ATOM 963  C CA  . ASN A 1 175 ? -11.892 7.038   8.701   1.00 71.23  ? 188 ASN A CA  1 
ATOM 964  C C   . ASN A 1 175 ? -11.301 5.742   8.157   1.00 80.38  ? 188 ASN A C   1 
ATOM 965  O O   . ASN A 1 175 ? -10.145 5.710   7.731   1.00 78.44  ? 188 ASN A O   1 
ATOM 966  C CB  . ASN A 1 175 ? -11.883 8.102   7.599   1.00 71.44  ? 188 ASN A CB  1 
ATOM 967  C CG  . ASN A 1 175 ? -12.844 9.248   7.875   1.00 89.70  ? 188 ASN A CG  1 
ATOM 968  O OD1 . ASN A 1 175 ? -12.452 10.296  8.398   1.00 95.24  ? 188 ASN A OD1 1 
ATOM 969  N ND2 . ASN A 1 175 ? -14.109 9.056   7.519   1.00 82.14  ? 188 ASN A ND2 1 
ATOM 970  N N   . PHE A 1 176 ? -12.089 4.672   8.163   1.00 75.39  ? 189 PHE A N   1 
ATOM 971  C CA  . PHE A 1 176 ? -11.564 3.365   7.788   1.00 66.89  ? 189 PHE A CA  1 
ATOM 972  C C   . PHE A 1 176 ? -12.261 2.737   6.588   1.00 70.38  ? 189 PHE A C   1 
ATOM 973  O O   . PHE A 1 176 ? -13.244 3.262   6.064   1.00 69.46  ? 189 PHE A O   1 
ATOM 974  C CB  . PHE A 1 176 ? -11.638 2.403   8.976   1.00 67.91  ? 189 PHE A CB  1 
ATOM 975  C CG  . PHE A 1 176 ? -13.039 1.971   9.319   1.00 75.11  ? 189 PHE A CG  1 
ATOM 976  C CD1 . PHE A 1 176 ? -13.764 2.633   10.295  1.00 74.63  ? 189 PHE A CD1 1 
ATOM 977  C CD2 . PHE A 1 176 ? -13.629 0.901   8.664   1.00 71.75  ? 189 PHE A CD2 1 
ATOM 978  C CE1 . PHE A 1 176 ? -15.048 2.236   10.610  1.00 76.09  ? 189 PHE A CE1 1 
ATOM 979  C CE2 . PHE A 1 176 ? -14.913 0.503   8.975   1.00 71.30  ? 189 PHE A CE2 1 
ATOM 980  C CZ  . PHE A 1 176 ? -15.624 1.169   9.949   1.00 72.49  ? 189 PHE A CZ  1 
ATOM 981  N N   . LEU A 1 177 ? -11.727 1.596   6.168   1.00 67.91  ? 190 LEU A N   1 
ATOM 982  C CA  . LEU A 1 177 ? -12.327 0.778   5.126   1.00 64.55  ? 190 LEU A CA  1 
ATOM 983  C C   . LEU A 1 177 ? -12.142 -0.680  5.517   1.00 65.86  ? 190 LEU A C   1 
ATOM 984  O O   . LEU A 1 177 ? -11.013 -1.147  5.660   1.00 63.91  ? 190 LEU A O   1 
ATOM 985  C CB  . LEU A 1 177 ? -11.657 1.049   3.780   1.00 67.23  ? 190 LEU A CB  1 
ATOM 986  C CG  . LEU A 1 177 ? -12.399 0.582   2.527   1.00 66.06  ? 190 LEU A CG  1 
ATOM 987  C CD1 . LEU A 1 177 ? -13.712 1.333   2.396   1.00 75.03  ? 190 LEU A CD1 1 
ATOM 988  C CD2 . LEU A 1 177 ? -11.543 0.792   1.292   1.00 62.91  ? 190 LEU A CD2 1 
ATOM 989  N N   . ALA A 1 178 ? -13.248 -1.393  5.707   1.00 60.11  ? 191 ALA A N   1 
ATOM 990  C CA  . ALA A 1 178 ? -13.189 -2.786  6.125   1.00 56.14  ? 191 ALA A CA  1 
ATOM 991  C C   . ALA A 1 178 ? -13.355 -3.725  4.936   1.00 59.59  ? 191 ALA A C   1 
ATOM 992  O O   . ALA A 1 178 ? -14.072 -3.414  3.985   1.00 59.11  ? 191 ALA A O   1 
ATOM 993  C CB  . ALA A 1 178 ? -14.240 -3.065  7.177   1.00 64.06  ? 191 ALA A CB  1 
ATOM 994  N N   . THR A 1 179 ? -12.682 -4.870  4.993   1.00 58.50  ? 192 THR A N   1 
ATOM 995  C CA  . THR A 1 179 ? -12.721 -5.840  3.903   1.00 61.09  ? 192 THR A CA  1 
ATOM 996  C C   . THR A 1 179 ? -12.456 -7.258  4.406   1.00 63.23  ? 192 THR A C   1 
ATOM 997  O O   . THR A 1 179 ? -11.766 -7.452  5.405   1.00 60.69  ? 192 THR A O   1 
ATOM 998  C CB  . THR A 1 179 ? -11.695 -5.485  2.803   1.00 62.93  ? 192 THR A CB  1 
ATOM 999  O OG1 . THR A 1 179 ? -11.700 -6.498  1.789   1.00 67.52  ? 192 THR A OG1 1 
ATOM 1000 C CG2 . THR A 1 179 ? -10.301 -5.373  3.390   1.00 59.66  ? 192 THR A CG2 1 
ATOM 1001 N N   . ASP A 1 180 ? -13.012 -8.247  3.712   1.00 65.86  ? 193 ASP A N   1 
ATOM 1002 C CA  . ASP A 1 180 ? -12.823 -9.645  4.102   1.00 70.10  ? 193 ASP A CA  1 
ATOM 1003 C C   . ASP A 1 180 ? -11.657 -10.310 3.372   1.00 71.97  ? 193 ASP A C   1 
ATOM 1004 O O   . ASP A 1 180 ? -11.474 -11.528 3.448   1.00 68.16  ? 193 ASP A O   1 
ATOM 1005 C CB  . ASP A 1 180 ? -14.114 -10.460 3.939   1.00 65.79  ? 193 ASP A CB  1 
ATOM 1006 C CG  . ASP A 1 180 ? -14.627 -10.481 2.509   1.00 64.30  ? 193 ASP A CG  1 
ATOM 1007 O OD1 . ASP A 1 180 ? -14.259 -9.583  1.722   1.00 63.58  ? 193 ASP A OD1 1 
ATOM 1008 O OD2 . ASP A 1 180 ? -15.416 -11.398 2.179   1.00 60.91  ? 193 ASP A OD2 1 
ATOM 1009 N N   . ALA A 1 181 ? -10.873 -9.505  2.662   1.00 70.43  ? 194 ALA A N   1 
ATOM 1010 C CA  . ALA A 1 181 ? -9.616  -9.978  2.104   1.00 69.03  ? 194 ALA A CA  1 
ATOM 1011 C C   . ALA A 1 181 ? -8.633  -10.138 3.255   1.00 74.07  ? 194 ALA A C   1 
ATOM 1012 O O   . ALA A 1 181 ? -8.602  -9.314  4.168   1.00 71.11  ? 194 ALA A O   1 
ATOM 1013 C CB  . ALA A 1 181 ? -9.082  -8.994  1.072   1.00 58.23  ? 194 ALA A CB  1 
ATOM 1014 N N   . SER A 1 182 ? -7.847  -11.208 3.228   1.00 73.81  ? 195 SER A N   1 
ATOM 1015 C CA  . SER A 1 182 ? -6.864  -11.440 4.280   1.00 80.27  ? 195 SER A CA  1 
ATOM 1016 C C   . SER A 1 182 ? -5.920  -10.249 4.409   1.00 83.23  ? 195 SER A C   1 
ATOM 1017 O O   . SER A 1 182 ? -5.383  -9.763  3.416   1.00 80.80  ? 195 SER A O   1 
ATOM 1018 C CB  . SER A 1 182 ? -6.069  -12.715 4.003   1.00 83.96  ? 195 SER A CB  1 
ATOM 1019 O OG  . SER A 1 182 ? -6.932  -13.834 3.896   1.00 90.80  ? 195 SER A OG  1 
ATOM 1020 N N   . ILE A 1 183 ? -5.733  -9.776  5.636   1.00 86.42  ? 196 ILE A N   1 
ATOM 1021 C CA  . ILE A 1 183 ? -4.838  -8.657  5.900   1.00 85.00  ? 196 ILE A CA  1 
ATOM 1022 C C   . ILE A 1 183 ? -4.028  -8.928  7.161   1.00 91.43  ? 196 ILE A C   1 
ATOM 1023 O O   . ILE A 1 183 ? -4.552  -8.871  8.275   1.00 94.24  ? 196 ILE A O   1 
ATOM 1024 C CB  . ILE A 1 183 ? -5.608  -7.329  6.064   1.00 88.05  ? 196 ILE A CB  1 
ATOM 1025 C CG1 . ILE A 1 183 ? -6.368  -6.983  4.781   1.00 83.78  ? 196 ILE A CG1 1 
ATOM 1026 C CG2 . ILE A 1 183 ? -4.661  -6.198  6.439   1.00 78.61  ? 196 ILE A CG2 1 
ATOM 1027 C CD1 . ILE A 1 183 ? -5.476  -6.757  3.586   1.00 82.15  ? 196 ILE A CD1 1 
ATOM 1028 N N   . ASN A 1 184 ? -2.750  -9.231  6.977   1.00 95.87  ? 197 ASN A N   1 
ATOM 1029 C CA  . ASN A 1 184 ? -1.864  -9.529  8.092   1.00 98.01  ? 197 ASN A CA  1 
ATOM 1030 C C   . ASN A 1 184 ? -0.535  -8.801  7.942   1.00 95.69  ? 197 ASN A C   1 
ATOM 1031 O O   . ASN A 1 184 ? -0.399  -7.916  7.100   1.00 92.55  ? 197 ASN A O   1 
ATOM 1032 C CB  . ASN A 1 184 ? -1.639  -11.040 8.205   1.00 102.66 ? 197 ASN A CB  1 
ATOM 1033 C CG  . ASN A 1 184 ? -2.935  -11.813 8.414   1.00 101.68 ? 197 ASN A CG  1 
ATOM 1034 O OD1 . ASN A 1 184 ? -3.821  -11.381 9.157   1.00 94.07  ? 197 ASN A OD1 1 
ATOM 1035 N ND2 . ASN A 1 184 ? -3.047  -12.963 7.760   1.00 103.36 ? 197 ASN A ND2 1 
ATOM 1036 N N   . HIS A 1 185 ? 0.441   -9.175  8.762   1.00 99.95  ? 198 HIS A N   1 
ATOM 1037 C CA  . HIS A 1 185 ? 1.757   -8.552  8.708   1.00 100.10 ? 198 HIS A CA  1 
ATOM 1038 C C   . HIS A 1 185 ? 2.398   -8.782  7.344   1.00 95.74  ? 198 HIS A C   1 
ATOM 1039 O O   . HIS A 1 185 ? 3.248   -8.006  6.906   0.50 94.15  ? 198 HIS A O   1 
ATOM 1040 C CB  . HIS A 1 185 ? 2.657   -9.108  9.814   1.00 104.31 ? 198 HIS A CB  1 
ATOM 1041 C CG  . HIS A 1 185 ? 2.004   -9.152  11.160  1.00 112.68 ? 198 HIS A CG  1 
ATOM 1042 N ND1 . HIS A 1 185 ? 1.373   -10.278 11.642  1.00 115.84 ? 198 HIS A ND1 1 
ATOM 1043 C CD2 . HIS A 1 185 ? 1.879   -8.209  12.123  1.00 115.42 ? 198 HIS A CD2 1 
ATOM 1044 C CE1 . HIS A 1 185 ? 0.889   -10.028 12.847  1.00 115.11 ? 198 HIS A CE1 1 
ATOM 1045 N NE2 . HIS A 1 185 ? 1.183   -8.780  13.161  1.00 123.18 ? 198 HIS A NE2 1 
ATOM 1046 N N   . GLY A 1 186 ? 1.981   -9.853  6.677   1.00 96.45  ? 199 GLY A N   1 
ATOM 1047 C CA  . GLY A 1 186 ? 2.530   -10.214 5.382   1.00 98.06  ? 199 GLY A CA  1 
ATOM 1048 C C   . GLY A 1 186 ? 2.220   -9.212  4.287   1.00 94.68  ? 199 GLY A C   1 
ATOM 1049 O O   . GLY A 1 186 ? 2.985   -9.073  3.331   1.00 88.52  ? 199 GLY A O   1 
ATOM 1050 N N   . ASN A 1 187 ? 1.095   -8.515  4.419   1.00 86.98  ? 200 ASN A N   1 
ATOM 1051 C CA  . ASN A 1 187 ? 0.681   -7.539  3.414   1.00 81.53  ? 200 ASN A CA  1 
ATOM 1052 C C   . ASN A 1 187 ? 0.370   -6.168  3.999   1.00 81.05  ? 200 ASN A C   1 
ATOM 1053 O O   . ASN A 1 187 ? -0.144  -5.288  3.307   1.00 74.43  ? 200 ASN A O   1 
ATOM 1054 C CB  . ASN A 1 187 ? -0.515  -8.053  2.608   1.00 76.28  ? 200 ASN A CB  1 
ATOM 1055 C CG  . ASN A 1 187 ? -1.690  -8.442  3.484   1.00 85.91  ? 200 ASN A CG  1 
ATOM 1056 O OD1 . ASN A 1 187 ? -1.734  -8.122  4.673   1.00 84.51  ? 200 ASN A OD1 1 
ATOM 1057 N ND2 . ASN A 1 187 ? -2.656  -9.139  2.895   1.00 84.59  ? 200 ASN A ND2 1 
ATOM 1058 N N   . SER A 1 188 ? 0.683   -5.994  5.279   1.00 87.10  ? 201 SER A N   1 
ATOM 1059 C CA  . SER A 1 188 ? 0.495   -4.711  5.939   1.00 80.79  ? 201 SER A CA  1 
ATOM 1060 C C   . SER A 1 188 ? 1.302   -3.644  5.210   1.00 79.51  ? 201 SER A C   1 
ATOM 1061 O O   . SER A 1 188 ? 2.406   -3.909  4.735   1.00 83.11  ? 201 SER A O   1 
ATOM 1062 C CB  . SER A 1 188 ? 0.924   -4.798  7.405   1.00 90.17  ? 201 SER A CB  1 
ATOM 1063 O OG  . SER A 1 188 ? 2.240   -5.313  7.522   1.00 97.70  ? 201 SER A OG  1 
ATOM 1064 N N   . GLY A 1 189 ? 0.745   -2.442  5.118   1.00 78.88  ? 202 GLY A N   1 
ATOM 1065 C CA  . GLY A 1 189 ? 1.397   -1.355  4.412   1.00 74.93  ? 202 GLY A CA  1 
ATOM 1066 C C   . GLY A 1 189 ? 1.313   -1.540  2.910   1.00 72.76  ? 202 GLY A C   1 
ATOM 1067 O O   . GLY A 1 189 ? 1.897   -0.771  2.141   1.00 68.79  ? 202 GLY A O   1 
ATOM 1068 N N   . GLY A 1 190 ? 0.579   -2.567  2.492   1.00 67.37  ? 203 GLY A N   1 
ATOM 1069 C CA  . GLY A 1 190 ? 0.421   -2.873  1.082   1.00 66.24  ? 203 GLY A CA  1 
ATOM 1070 C C   . GLY A 1 190 ? -0.745  -2.133  0.458   1.00 61.88  ? 203 GLY A C   1 
ATOM 1071 O O   . GLY A 1 190 ? -1.405  -1.332  1.115   1.00 62.19  ? 203 GLY A O   1 
ATOM 1072 N N   . ALA A 1 191 ? -1.002  -2.405  -0.817  1.00 59.68  ? 204 ALA A N   1 
ATOM 1073 C CA  . ALA A 1 191 ? -2.096  -1.753  -1.522  1.00 54.29  ? 204 ALA A CA  1 
ATOM 1074 C C   . ALA A 1 191 ? -3.379  -2.568  -1.447  1.00 61.85  ? 204 ALA A C   1 
ATOM 1075 O O   . ALA A 1 191 ? -3.356  -3.779  -1.228  1.00 59.07  ? 204 ALA A O   1 
ATOM 1076 C CB  . ALA A 1 191 ? -1.721  -1.499  -2.971  1.00 54.73  ? 204 ALA A CB  1 
ATOM 1077 N N   . LEU A 1 192 ? -4.499  -1.880  -1.622  1.00 55.63  ? 205 LEU A N   1 
ATOM 1078 C CA  . LEU A 1 192 ? -5.799  -2.513  -1.711  1.00 54.23  ? 205 LEU A CA  1 
ATOM 1079 C C   . LEU A 1 192 ? -6.542  -1.844  -2.856  1.00 60.26  ? 205 LEU A C   1 
ATOM 1080 O O   . LEU A 1 192 ? -6.910  -0.676  -2.765  1.00 62.86  ? 205 LEU A O   1 
ATOM 1081 C CB  . LEU A 1 192 ? -6.567  -2.330  -0.408  1.00 61.33  ? 205 LEU A CB  1 
ATOM 1082 C CG  . LEU A 1 192 ? -7.988  -2.891  -0.391  1.00 59.37  ? 205 LEU A CG  1 
ATOM 1083 C CD1 . LEU A 1 192 ? -7.952  -4.412  -0.317  1.00 57.25  ? 205 LEU A CD1 1 
ATOM 1084 C CD2 . LEU A 1 192 ? -8.779  -2.304  0.765   1.00 57.29  ? 205 LEU A CD2 1 
ATOM 1085 N N   . VAL A 1 193 ? -6.750  -2.582  -3.940  1.00 60.82  ? 206 VAL A N   1 
ATOM 1086 C CA  . VAL A 1 193 ? -7.264  -1.991  -5.166  1.00 60.78  ? 206 VAL A CA  1 
ATOM 1087 C C   . VAL A 1 193 ? -8.515  -2.706  -5.657  1.00 63.67  ? 206 VAL A C   1 
ATOM 1088 O O   . VAL A 1 193 ? -8.750  -3.865  -5.319  1.00 61.05  ? 206 VAL A O   1 
ATOM 1089 C CB  . VAL A 1 193 ? -6.199  -2.035  -6.280  1.00 66.60  ? 206 VAL A CB  1 
ATOM 1090 C CG1 . VAL A 1 193 ? -4.854  -1.535  -5.755  1.00 53.30  ? 206 VAL A CG1 1 
ATOM 1091 C CG2 . VAL A 1 193 ? -6.063  -3.449  -6.821  1.00 62.69  ? 206 VAL A CG2 1 
ATOM 1092 N N   . ASN A 1 194 ? -9.319  -2.014  -6.459  1.00 66.57  ? 207 ASN A N   1 
ATOM 1093 C CA  . ASN A 1 194 ? -10.511 -2.628  -7.036  1.00 65.81  ? 207 ASN A CA  1 
ATOM 1094 C C   . ASN A 1 194 ? -10.168 -3.471  -8.257  1.00 61.55  ? 207 ASN A C   1 
ATOM 1095 O O   . ASN A 1 194 ? -8.997  -3.646  -8.583  1.00 61.84  ? 207 ASN A O   1 
ATOM 1096 C CB  . ASN A 1 194 ? -11.573 -1.577  -7.373  1.00 66.25  ? 207 ASN A CB  1 
ATOM 1097 C CG  . ASN A 1 194 ? -11.144 -0.643  -8.485  1.00 69.96  ? 207 ASN A CG  1 
ATOM 1098 O OD1 . ASN A 1 194 ? -10.092 -0.826  -9.099  1.00 72.76  ? 207 ASN A OD1 1 
ATOM 1099 N ND2 . ASN A 1 194 ? -11.961 0.369   -8.753  1.00 71.73  ? 207 ASN A ND2 1 
ATOM 1100 N N   . SER A 1 195 ? -11.190 -3.991  -8.929  1.00 68.70  ? 208 SER A N   1 
ATOM 1101 C CA  . SER A 1 195 ? -10.975 -4.872  -10.072 1.00 69.15  ? 208 SER A CA  1 
ATOM 1102 C C   . SER A 1 195 ? -10.367 -4.115  -11.246 1.00 73.79  ? 208 SER A C   1 
ATOM 1103 O O   . SER A 1 195 ? -9.883  -4.719  -12.203 1.00 76.38  ? 208 SER A O   1 
ATOM 1104 C CB  . SER A 1 195 ? -12.282 -5.543  -10.498 1.00 68.24  ? 208 SER A CB  1 
ATOM 1105 O OG  . SER A 1 195 ? -13.101 -4.658  -11.238 1.00 72.08  ? 208 SER A OG  1 
ATOM 1106 N N   . LEU A 1 196 ? -10.397 -2.790  -11.170 1.00 69.98  ? 209 LEU A N   1 
ATOM 1107 C CA  . LEU A 1 196 ? -9.796  -1.964  -12.208 1.00 71.71  ? 209 LEU A CA  1 
ATOM 1108 C C   . LEU A 1 196 ? -8.336  -1.668  -11.891 1.00 71.08  ? 209 LEU A C   1 
ATOM 1109 O O   . LEU A 1 196 ? -7.584  -1.231  -12.757 1.00 70.99  ? 209 LEU A O   1 
ATOM 1110 C CB  . LEU A 1 196 ? -10.581 -0.665  -12.388 1.00 71.30  ? 209 LEU A CB  1 
ATOM 1111 C CG  . LEU A 1 196 ? -12.010 -0.856  -12.899 1.00 79.91  ? 209 LEU A CG  1 
ATOM 1112 C CD1 . LEU A 1 196 ? -12.664 0.483   -13.199 1.00 81.73  ? 209 LEU A CD1 1 
ATOM 1113 C CD2 . LEU A 1 196 ? -12.015 -1.749  -14.131 1.00 75.67  ? 209 LEU A CD2 1 
ATOM 1114 N N   . GLY A 1 197 ? -7.941  -1.920  -10.648 1.00 71.18  ? 210 GLY A N   1 
ATOM 1115 C CA  . GLY A 1 197 ? -6.574  -1.687  -10.219 1.00 67.90  ? 210 GLY A CA  1 
ATOM 1116 C C   . GLY A 1 197 ? -6.407  -0.364  -9.495  1.00 71.38  ? 210 GLY A C   1 
ATOM 1117 O O   . GLY A 1 197 ? -5.354  -0.087  -8.916  1.00 68.08  ? 210 GLY A O   1 
ATOM 1118 N N   . GLU A 1 198 ? -7.452  0.459   -9.528  1.00 70.25  ? 211 GLU A N   1 
ATOM 1119 C CA  . GLU A 1 198 ? -7.431  1.761   -8.873  1.00 63.83  ? 211 GLU A CA  1 
ATOM 1120 C C   . GLU A 1 198 ? -7.231  1.587   -7.374  1.00 64.01  ? 211 GLU A C   1 
ATOM 1121 O O   . GLU A 1 198 ? -7.859  0.732   -6.753  1.00 69.15  ? 211 GLU A O   1 
ATOM 1122 C CB  . GLU A 1 198 ? -8.735  2.508   -9.146  1.00 69.08  ? 211 GLU A CB  1 
ATOM 1123 C CG  . GLU A 1 198 ? -9.079  2.639   -10.620 1.00 70.79  ? 211 GLU A CG  1 
ATOM 1124 C CD  . GLU A 1 198 ? -10.557 2.904   -10.853 1.00 80.20  ? 211 GLU A CD  1 
ATOM 1125 O OE1 . GLU A 1 198 ? -10.939 3.171   -12.013 1.00 84.41  ? 211 GLU A OE1 1 
ATOM 1126 O OE2 . GLU A 1 198 ? -11.338 2.843   -9.879  1.00 75.29  ? 211 GLU A OE2 1 
ATOM 1127 N N   . LEU A 1 199 ? -6.350  2.397   -6.797  1.00 59.70  ? 212 LEU A N   1 
ATOM 1128 C CA  . LEU A 1 199 ? -6.042  2.303   -5.377  1.00 56.93  ? 212 LEU A CA  1 
ATOM 1129 C C   . LEU A 1 199 ? -7.250  2.661   -4.524  1.00 63.74  ? 212 LEU A C   1 
ATOM 1130 O O   . LEU A 1 199 ? -7.813  3.751   -4.653  1.00 68.24  ? 212 LEU A O   1 
ATOM 1131 C CB  . LEU A 1 199 ? -4.874  3.221   -5.021  1.00 51.36  ? 212 LEU A CB  1 
ATOM 1132 C CG  . LEU A 1 199 ? -4.453  3.216   -3.551  1.00 54.56  ? 212 LEU A CG  1 
ATOM 1133 C CD1 . LEU A 1 199 ? -3.776  1.911   -3.177  1.00 51.01  ? 212 LEU A CD1 1 
ATOM 1134 C CD2 . LEU A 1 199 ? -3.538  4.391   -3.264  1.00 60.65  ? 212 LEU A CD2 1 
ATOM 1135 N N   . MET A 1 200 ? -7.645  1.739   -3.653  1.00 61.37  ? 213 MET A N   1 
ATOM 1136 C CA  . MET A 1 200 ? -8.756  1.979   -2.738  1.00 63.07  ? 213 MET A CA  1 
ATOM 1137 C C   . MET A 1 200 ? -8.233  2.316   -1.350  1.00 60.94  ? 213 MET A C   1 
ATOM 1138 O O   . MET A 1 200 ? -8.820  3.133   -0.638  1.00 60.69  ? 213 MET A O   1 
ATOM 1139 C CB  . MET A 1 200 ? -9.679  0.756   -2.657  1.00 60.12  ? 213 MET A CB  1 
ATOM 1140 C CG  . MET A 1 200 ? -10.265 0.297   -3.986  1.00 63.75  ? 213 MET A CG  1 
ATOM 1141 S SD  . MET A 1 200 ? -11.571 1.364   -4.623  1.00 72.54  ? 213 MET A SD  1 
ATOM 1142 C CE  . MET A 1 200 ? -10.629 2.628   -5.472  1.00 67.95  ? 213 MET A CE  1 
ATOM 1143 N N   . GLY A 1 201 ? -7.127  1.688   -0.961  1.00 58.13  ? 214 GLY A N   1 
ATOM 1144 C CA  . GLY A 1 201 ? -6.583  1.917   0.363   1.00 63.28  ? 214 GLY A CA  1 
ATOM 1145 C C   . GLY A 1 201 ? -5.224  1.312   0.649   1.00 54.58  ? 214 GLY A C   1 
ATOM 1146 O O   . GLY A 1 201 ? -4.673  0.580   -0.166  1.00 61.34  ? 214 GLY A O   1 
ATOM 1147 N N   . ILE A 1 202 ? -4.693  1.629   1.826   1.00 55.27  ? 215 ILE A N   1 
ATOM 1148 C CA  . ILE A 1 202 ? -3.411  1.115   2.285   1.00 60.60  ? 215 ILE A CA  1 
ATOM 1149 C C   . ILE A 1 202 ? -3.638  0.160   3.445   1.00 62.49  ? 215 ILE A C   1 
ATOM 1150 O O   . ILE A 1 202 ? -4.052  0.576   4.525   1.00 65.24  ? 215 ILE A O   1 
ATOM 1151 C CB  . ILE A 1 202 ? -2.495  2.257   2.776   1.00 68.83  ? 215 ILE A CB  1 
ATOM 1152 C CG1 . ILE A 1 202 ? -2.154  3.209   1.629   1.00 66.35  ? 215 ILE A CG1 1 
ATOM 1153 C CG2 . ILE A 1 202 ? -1.220  1.698   3.394   1.00 67.31  ? 215 ILE A CG2 1 
ATOM 1154 C CD1 . ILE A 1 202 ? -1.126  2.659   0.667   1.00 64.95  ? 215 ILE A CD1 1 
ATOM 1155 N N   . ASN A 1 203 ? -3.362  -1.120  3.222   1.00 63.54  ? 216 ASN A N   1 
ATOM 1156 C CA  . ASN A 1 203 ? -3.578  -2.136  4.247   1.00 68.10  ? 216 ASN A CA  1 
ATOM 1157 C C   . ASN A 1 203 ? -2.981  -1.732  5.595   1.00 73.36  ? 216 ASN A C   1 
ATOM 1158 O O   . ASN A 1 203 ? -1.834  -1.298  5.665   1.00 76.24  ? 216 ASN A O   1 
ATOM 1159 C CB  . ASN A 1 203 ? -3.012  -3.481  3.786   1.00 69.74  ? 216 ASN A CB  1 
ATOM 1160 C CG  . ASN A 1 203 ? -3.480  -3.861  2.391   1.00 64.56  ? 216 ASN A CG  1 
ATOM 1161 O OD1 . ASN A 1 203 ? -4.539  -3.425  1.935   1.00 57.04  ? 216 ASN A OD1 1 
ATOM 1162 N ND2 . ASN A 1 203 ? -2.685  -4.670  1.702   1.00 64.80  ? 216 ASN A ND2 1 
ATOM 1163 N N   . THR A 1 204 ? -3.767  -1.871  6.658   1.00 76.10  ? 217 THR A N   1 
ATOM 1164 C CA  . THR A 1 204 ? -3.340  -1.454  7.991   1.00 82.53  ? 217 THR A CA  1 
ATOM 1165 C C   . THR A 1 204 ? -3.705  -2.484  9.055   1.00 88.96  ? 217 THR A C   1 
ATOM 1166 O O   . THR A 1 204 ? -4.435  -3.436  8.786   1.00 86.88  ? 217 THR A O   1 
ATOM 1167 C CB  . THR A 1 204 ? -3.988  -0.115  8.383   1.00 82.62  ? 217 THR A CB  1 
ATOM 1168 O OG1 . THR A 1 204 ? -4.073  0.733   7.232   1.00 86.29  ? 217 THR A OG1 1 
ATOM 1169 C CG2 . THR A 1 204 ? -3.178  0.578   9.469   1.00 89.81  ? 217 THR A CG2 1 
ATOM 1170 N N   . LEU A 1 205 ? -3.188  -2.283  10.262  1.00 95.45  ? 218 LEU A N   1 
ATOM 1171 C CA  . LEU A 1 205 ? -3.536  -3.118  11.405  1.00 96.92  ? 218 LEU A CA  1 
ATOM 1172 C C   . LEU A 1 205 ? -4.030  -2.235  12.546  1.00 107.66 ? 218 LEU A C   1 
ATOM 1173 O O   . LEU A 1 205 ? -3.285  -1.936  13.479  1.00 110.39 ? 218 LEU A O   1 
ATOM 1174 C CB  . LEU A 1 205 ? -2.327  -3.937  11.864  1.00 102.08 ? 218 LEU A CB  1 
ATOM 1175 C CG  . LEU A 1 205 ? -1.595  -4.779  10.815  1.00 98.03  ? 218 LEU A CG  1 
ATOM 1176 C CD1 . LEU A 1 205 ? -0.432  -5.522  11.450  1.00 96.91  ? 218 LEU A CD1 1 
ATOM 1177 C CD2 . LEU A 1 205 ? -2.546  -5.753  10.135  1.00 93.76  ? 218 LEU A CD2 1 
ATOM 1178 N N   . SER A 1 206 ? -5.287  -1.811  12.459  1.00 114.96 ? 219 SER A N   1 
ATOM 1179 C CA  . SER A 1 206 ? -5.869  -0.929  13.466  1.00 119.25 ? 219 SER A CA  1 
ATOM 1180 C C   . SER A 1 206 ? -6.514  -1.722  14.598  1.00 123.91 ? 219 SER A C   1 
ATOM 1181 O O   . SER A 1 206 ? -6.476  -1.310  15.758  1.00 128.78 ? 219 SER A O   1 
ATOM 1182 C CB  . SER A 1 206 ? -6.898  0.009   12.829  1.00 115.41 ? 219 SER A CB  1 
ATOM 1183 O OG  . SER A 1 206 ? -7.525  0.819   13.809  1.00 122.79 ? 219 SER A OG  1 
ATOM 1184 N N   . GLY A 1 218 ? -11.958 -12.142 11.449  1.00 84.20  ? 231 GLY A N   1 
ATOM 1185 C CA  . GLY A 1 218 ? -12.006 -12.562 10.061  1.00 81.64  ? 231 GLY A CA  1 
ATOM 1186 C C   . GLY A 1 218 ? -12.080 -11.358 9.139   1.00 91.34  ? 231 GLY A C   1 
ATOM 1187 O O   . GLY A 1 218 ? -12.304 -11.495 7.935   1.00 85.58  ? 231 GLY A O   1 
ATOM 1188 N N   . ILE A 1 219 ? -11.876 -10.173 9.708   1.00 84.22  ? 232 ILE A N   1 
ATOM 1189 C CA  . ILE A 1 219 ? -12.070 -8.922  8.981   1.00 78.98  ? 232 ILE A CA  1 
ATOM 1190 C C   . ILE A 1 219 ? -10.787 -8.086  8.917   1.00 74.98  ? 232 ILE A C   1 
ATOM 1191 O O   . ILE A 1 219 ? -10.058 -7.965  9.903   1.00 74.29  ? 232 ILE A O   1 
ATOM 1192 C CB  . ILE A 1 219 ? -13.216 -8.090  9.615   1.00 83.51  ? 232 ILE A CB  1 
ATOM 1193 C CG1 . ILE A 1 219 ? -13.862 -7.166  8.580   1.00 78.59  ? 232 ILE A CG1 1 
ATOM 1194 C CG2 . ILE A 1 219 ? -12.724 -7.314  10.830  1.00 85.54  ? 232 ILE A CG2 1 
ATOM 1195 C CD1 . ILE A 1 219 ? -14.808 -7.878  7.637   1.00 68.18  ? 232 ILE A CD1 1 
ATOM 1196 N N   . GLY A 1 220 ? -10.517 -7.512  7.747   1.00 69.92  ? 233 GLY A N   1 
ATOM 1197 C CA  . GLY A 1 220 ? -9.318  -6.717  7.543   1.00 70.39  ? 233 GLY A CA  1 
ATOM 1198 C C   . GLY A 1 220 ? -9.605  -5.243  7.318   1.00 64.90  ? 233 GLY A C   1 
ATOM 1199 O O   . GLY A 1 220 ? -10.692 -4.873  6.876   1.00 65.19  ? 233 GLY A O   1 
ATOM 1200 N N   . PHE A 1 221 ? -8.624  -4.399  7.615   1.00 68.13  ? 234 PHE A N   1 
ATOM 1201 C CA  . PHE A 1 221 ? -8.802  -2.953  7.521   1.00 68.32  ? 234 PHE A CA  1 
ATOM 1202 C C   . PHE A 1 221 ? -7.818  -2.279  6.571   1.00 70.13  ? 234 PHE A C   1 
ATOM 1203 O O   . PHE A 1 221 ? -6.689  -2.738  6.398   1.00 71.69  ? 234 PHE A O   1 
ATOM 1204 C CB  . PHE A 1 221 ? -8.679  -2.314  8.903   1.00 65.89  ? 234 PHE A CB  1 
ATOM 1205 C CG  . PHE A 1 221 ? -9.870  -2.539  9.779   1.00 70.32  ? 234 PHE A CG  1 
ATOM 1206 C CD1 . PHE A 1 221 ? -9.903  -3.603  10.662  1.00 68.48  ? 234 PHE A CD1 1 
ATOM 1207 C CD2 . PHE A 1 221 ? -10.960 -1.686  9.717   1.00 70.14  ? 234 PHE A CD2 1 
ATOM 1208 C CE1 . PHE A 1 221 ? -11.003 -3.812  11.471  1.00 74.98  ? 234 PHE A CE1 1 
ATOM 1209 C CE2 . PHE A 1 221 ? -12.062 -1.886  10.524  1.00 71.57  ? 234 PHE A CE2 1 
ATOM 1210 C CZ  . PHE A 1 221 ? -12.084 -2.951  11.402  1.00 74.17  ? 234 PHE A CZ  1 
ATOM 1211 N N   . ALA A 1 222 ? -8.259  -1.182  5.967   1.00 63.48  ? 235 ALA A N   1 
ATOM 1212 C CA  . ALA A 1 222 ? -7.411  -0.368  5.107   1.00 61.32  ? 235 ALA A CA  1 
ATOM 1213 C C   . ALA A 1 222 ? -7.717  1.108   5.320   1.00 72.78  ? 235 ALA A C   1 
ATOM 1214 O O   . ALA A 1 222 ? -8.796  1.470   5.795   1.00 70.00  ? 235 ALA A O   1 
ATOM 1215 C CB  . ALA A 1 222 ? -7.622  -0.737  3.657   1.00 64.74  ? 235 ALA A CB  1 
ATOM 1216 N N   . ILE A 1 223 ? -6.763  1.959   4.961   1.00 68.78  ? 236 ILE A N   1 
ATOM 1217 C CA  . ILE A 1 223 ? -6.957  3.400   5.052   1.00 61.79  ? 236 ILE A CA  1 
ATOM 1218 C C   . ILE A 1 223 ? -7.338  3.947   3.685   1.00 62.59  ? 236 ILE A C   1 
ATOM 1219 O O   . ILE A 1 223 ? -6.601  3.773   2.717   1.00 60.43  ? 236 ILE A O   1 
ATOM 1220 C CB  . ILE A 1 223 ? -5.690  4.098   5.576   1.00 71.70  ? 236 ILE A CB  1 
ATOM 1221 C CG1 . ILE A 1 223 ? -5.441  3.686   7.028   1.00 70.36  ? 236 ILE A CG1 1 
ATOM 1222 C CG2 . ILE A 1 223 ? -5.814  5.616   5.450   1.00 64.05  ? 236 ILE A CG2 1 
ATOM 1223 C CD1 . ILE A 1 223 ? -4.148  4.192   7.590   1.00 72.04  ? 236 ILE A CD1 1 
ATOM 1224 N N   . PRO A 1 224 ? -8.501  4.608   3.601   1.00 61.75  ? 237 PRO A N   1 
ATOM 1225 C CA  . PRO A 1 224 ? -9.027  5.088   2.319   1.00 65.32  ? 237 PRO A CA  1 
ATOM 1226 C C   . PRO A 1 224 ? -7.993  5.924   1.578   1.00 66.20  ? 237 PRO A C   1 
ATOM 1227 O O   . PRO A 1 224 ? -7.377  6.804   2.177   1.00 64.23  ? 237 PRO A O   1 
ATOM 1228 C CB  . PRO A 1 224 ? -10.218 5.951   2.730   1.00 58.43  ? 237 PRO A CB  1 
ATOM 1229 C CG  . PRO A 1 224 ? -10.636 5.405   4.051   1.00 60.68  ? 237 PRO A CG  1 
ATOM 1230 C CD  . PRO A 1 224 ? -9.370  4.976   4.730   1.00 61.73  ? 237 PRO A CD  1 
ATOM 1231 N N   . PHE A 1 225 ? -7.809  5.646   0.291   1.00 62.53  ? 238 PHE A N   1 
ATOM 1232 C CA  . PHE A 1 225 ? -6.792  6.327   -0.503  1.00 68.87  ? 238 PHE A CA  1 
ATOM 1233 C C   . PHE A 1 225 ? -6.924  7.849   -0.443  1.00 72.87  ? 238 PHE A C   1 
ATOM 1234 O O   . PHE A 1 225 ? -5.924  8.564   -0.504  1.00 76.77  ? 238 PHE A O   1 
ATOM 1235 C CB  . PHE A 1 225 ? -6.819  5.841   -1.955  1.00 69.05  ? 238 PHE A CB  1 
ATOM 1236 C CG  . PHE A 1 225 ? -8.020  6.301   -2.732  1.00 73.92  ? 238 PHE A CG  1 
ATOM 1237 C CD1 . PHE A 1 225 ? -7.922  7.359   -3.624  1.00 72.62  ? 238 PHE A CD1 1 
ATOM 1238 C CD2 . PHE A 1 225 ? -9.245  5.670   -2.579  1.00 70.90  ? 238 PHE A CD2 1 
ATOM 1239 C CE1 . PHE A 1 225 ? -9.023  7.782   -4.342  1.00 77.16  ? 238 PHE A CE1 1 
ATOM 1240 C CE2 . PHE A 1 225 ? -10.353 6.089   -3.294  1.00 70.30  ? 238 PHE A CE2 1 
ATOM 1241 C CZ  . PHE A 1 225 ? -10.243 7.144   -4.178  1.00 75.94  ? 238 PHE A CZ  1 
ATOM 1242 N N   . GLN A 1 226 ? -8.156  8.335   -0.320  1.00 70.87  ? 239 GLN A N   1 
ATOM 1243 C CA  . GLN A 1 226 ? -8.415  9.771   -0.233  1.00 68.55  ? 239 GLN A CA  1 
ATOM 1244 C C   . GLN A 1 226 ? -7.778  10.381  1.013   1.00 66.39  ? 239 GLN A C   1 
ATOM 1245 O O   . GLN A 1 226 ? -7.238  11.484  0.968   1.00 69.51  ? 239 GLN A O   1 
ATOM 1246 C CB  . GLN A 1 226 ? -9.920  10.052  -0.239  1.00 70.15  ? 239 GLN A CB  1 
ATOM 1247 C CG  . GLN A 1 226 ? -10.635 9.667   -1.529  1.00 79.90  ? 239 GLN A CG  1 
ATOM 1248 C CD  . GLN A 1 226 ? -10.296 10.587  -2.691  1.00 83.34  ? 239 GLN A CD  1 
ATOM 1249 O OE1 . GLN A 1 226 ? -9.195  11.131  -2.770  1.00 81.67  ? 239 GLN A OE1 1 
ATOM 1250 N NE2 . GLN A 1 226 ? -11.249 10.765  -3.602  1.00 85.56  ? 239 GLN A NE2 1 
ATOM 1251 N N   . LEU A 1 227 ? -7.848  9.657   2.124   1.00 63.35  ? 240 LEU A N   1 
ATOM 1252 C CA  . LEU A 1 227 ? -7.235  10.104  3.370   1.00 64.03  ? 240 LEU A CA  1 
ATOM 1253 C C   . LEU A 1 227 ? -5.721  9.898   3.360   1.00 70.27  ? 240 LEU A C   1 
ATOM 1254 O O   . LEU A 1 227 ? -4.961  10.773  3.778   1.00 69.53  ? 240 LEU A O   1 
ATOM 1255 C CB  . LEU A 1 227 ? -7.853  9.366   4.558   1.00 60.34  ? 240 LEU A CB  1 
ATOM 1256 C CG  . LEU A 1 227 ? -7.206  9.615   5.920   1.00 64.34  ? 240 LEU A CG  1 
ATOM 1257 C CD1 . LEU A 1 227 ? -7.335  11.081  6.313   1.00 64.75  ? 240 LEU A CD1 1 
ATOM 1258 C CD2 . LEU A 1 227 ? -7.825  8.719   6.978   1.00 62.48  ? 240 LEU A CD2 1 
ATOM 1259 N N   . ALA A 1 228 ? -5.291  8.732   2.885   1.00 71.73  ? 241 ALA A N   1 
ATOM 1260 C CA  . ALA A 1 228 ? -3.872  8.399   2.817   1.00 68.06  ? 241 ALA A CA  1 
ATOM 1261 C C   . ALA A 1 228 ? -3.098  9.424   1.998   1.00 67.57  ? 241 ALA A C   1 
ATOM 1262 O O   . ALA A 1 228 ? -1.963  9.765   2.324   1.00 61.01  ? 241 ALA A O   1 
ATOM 1263 C CB  . ALA A 1 228 ? -3.684  7.012   2.240   1.00 67.70  ? 241 ALA A CB  1 
ATOM 1264 N N   . THR A 1 229 ? -3.720  9.907   0.928   1.00 69.56  ? 242 THR A N   1 
ATOM 1265 C CA  . THR A 1 229 ? -3.139  10.971  0.122   1.00 74.33  ? 242 THR A CA  1 
ATOM 1266 C C   . THR A 1 229 ? -2.872  12.209  0.975   1.00 74.48  ? 242 THR A C   1 
ATOM 1267 O O   . THR A 1 229 ? -1.734  12.670  1.085   1.00 71.42  ? 242 THR A O   1 
ATOM 1268 C CB  . THR A 1 229 ? -4.071  11.367  -1.037  1.00 80.07  ? 242 THR A CB  1 
ATOM 1269 O OG1 . THR A 1 229 ? -3.940  10.416  -2.099  1.00 70.95  ? 242 THR A OG1 1 
ATOM 1270 C CG2 . THR A 1 229 ? -3.716  12.759  -1.557  1.00 83.54  ? 242 THR A CG2 1 
ATOM 1271 N N   . LYS A 1 230 ? -3.930  12.743  1.575   1.00 65.28  ? 243 LYS A N   1 
ATOM 1272 C CA  . LYS A 1 230 ? -3.810  13.927  2.413   1.00 72.49  ? 243 LYS A CA  1 
ATOM 1273 C C   . LYS A 1 230 ? -2.711  13.762  3.456   1.00 75.02  ? 243 LYS A C   1 
ATOM 1274 O O   . LYS A 1 230 ? -1.886  14.657  3.649   1.00 73.97  ? 243 LYS A O   1 
ATOM 1275 C CB  . LYS A 1 230 ? -5.143  14.244  3.092   1.00 69.35  ? 243 LYS A CB  1 
ATOM 1276 C CG  . LYS A 1 230 ? -6.201  14.801  2.154   1.00 70.76  ? 243 LYS A CG  1 
ATOM 1277 C CD  . LYS A 1 230 ? -7.453  15.199  2.920   1.00 86.30  ? 243 LYS A CD  1 
ATOM 1278 C CE  . LYS A 1 230 ? -8.549  15.694  1.986   1.00 94.60  ? 243 LYS A CE  1 
ATOM 1279 N NZ  . LYS A 1 230 ? -9.821  15.987  2.709   1.00 83.58  ? 243 LYS A NZ  1 
ATOM 1280 N N   . ILE A 1 231 ? -2.703  12.614  4.123   1.00 70.62  ? 244 ILE A N   1 
ATOM 1281 C CA  . ILE A 1 231 ? -1.713  12.337  5.156   1.00 73.42  ? 244 ILE A CA  1 
ATOM 1282 C C   . ILE A 1 231 ? -0.295  12.334  4.587   1.00 75.21  ? 244 ILE A C   1 
ATOM 1283 O O   . ILE A 1 231 ? 0.635   12.845  5.212   1.00 78.13  ? 244 ILE A O   1 
ATOM 1284 C CB  . ILE A 1 231 ? -1.997  10.996  5.857   1.00 76.67  ? 244 ILE A CB  1 
ATOM 1285 C CG1 . ILE A 1 231 ? -3.344  11.054  6.580   1.00 68.77  ? 244 ILE A CG1 1 
ATOM 1286 C CG2 . ILE A 1 231 ? -0.880  10.651  6.833   1.00 74.43  ? 244 ILE A CG2 1 
ATOM 1287 C CD1 . ILE A 1 231 ? -3.748  9.749   7.219   1.00 75.00  ? 244 ILE A CD1 1 
ATOM 1288 N N   . MET A 1 232 ? -0.132  11.761  3.400   1.00 73.20  ? 245 MET A N   1 
ATOM 1289 C CA  . MET A 1 232 ? 1.174   11.731  2.756   1.00 71.12  ? 245 MET A CA  1 
ATOM 1290 C C   . MET A 1 232 ? 1.634   13.154  2.483   1.00 76.55  ? 245 MET A C   1 
ATOM 1291 O O   . MET A 1 232 ? 2.748   13.535  2.838   1.00 77.63  ? 245 MET A O   1 
ATOM 1292 C CB  . MET A 1 232 ? 1.120   10.942  1.447   1.00 66.27  ? 245 MET A CB  1 
ATOM 1293 C CG  . MET A 1 232 ? 2.481   10.689  0.820   1.00 73.25  ? 245 MET A CG  1 
ATOM 1294 S SD  . MET A 1 232 ? 2.379   10.100  -0.881  1.00 81.07  ? 245 MET A SD  1 
ATOM 1295 C CE  . MET A 1 232 ? 1.452   11.426  -1.648  1.00 80.22  ? 245 MET A CE  1 
ATOM 1296 N N   . ASP A 1 233 ? 0.759   13.936  1.860   1.00 76.23  ? 246 ASP A N   1 
ATOM 1297 C CA  . ASP A 1 233 ? 1.067   15.316  1.502   1.00 71.91  ? 246 ASP A CA  1 
ATOM 1298 C C   . ASP A 1 233 ? 1.526   16.140  2.701   1.00 71.32  ? 246 ASP A C   1 
ATOM 1299 O O   . ASP A 1 233 ? 2.477   16.913  2.601   1.00 75.82  ? 246 ASP A O   1 
ATOM 1300 C CB  . ASP A 1 233 ? -0.142  15.979  0.839   1.00 69.29  ? 246 ASP A CB  1 
ATOM 1301 C CG  . ASP A 1 233 ? -0.489  15.356  -0.501  1.00 73.91  ? 246 ASP A CG  1 
ATOM 1302 O OD1 . ASP A 1 233 ? 0.163   14.359  -0.885  1.00 74.82  ? 246 ASP A OD1 1 
ATOM 1303 O OD2 . ASP A 1 233 ? -1.412  15.864  -1.173  1.00 68.20  ? 246 ASP A OD2 1 
ATOM 1304 N N   . LYS A 1 234 ? 0.854   15.970  3.833   1.00 75.57  ? 247 LYS A N   1 
ATOM 1305 C CA  . LYS A 1 234 ? 1.190   16.741  5.026   1.00 79.35  ? 247 LYS A CA  1 
ATOM 1306 C C   . LYS A 1 234 ? 2.533   16.315  5.611   1.00 75.33  ? 247 LYS A C   1 
ATOM 1307 O O   . LYS A 1 234 ? 3.278   17.140  6.129   1.00 74.09  ? 247 LYS A O   1 
ATOM 1308 C CB  . LYS A 1 234 ? 0.088   16.634  6.086   1.00 72.59  ? 247 LYS A CB  1 
ATOM 1309 C CG  . LYS A 1 234 ? 0.335   17.506  7.310   1.00 80.29  ? 247 LYS A CG  1 
ATOM 1310 C CD  . LYS A 1 234 ? -0.907  17.623  8.175   1.00 96.89  ? 247 LYS A CD  1 
ATOM 1311 C CE  . LYS A 1 234 ? -0.740  18.695  9.247   1.00 92.32  ? 247 LYS A CE  1 
ATOM 1312 N NZ  . LYS A 1 234 ? 0.298   18.323  10.251  1.00 89.06  ? 247 LYS A NZ  1 
ATOM 1313 N N   . LEU A 1 235 ? 2.835   15.023  5.530   1.00 76.65  ? 248 LEU A N   1 
ATOM 1314 C CA  . LEU A 1 235 ? 4.091   14.505  6.064   1.00 80.13  ? 248 LEU A CA  1 
ATOM 1315 C C   . LEU A 1 235 ? 5.297   15.034  5.293   1.00 77.05  ? 248 LEU A C   1 
ATOM 1316 O O   . LEU A 1 235 ? 6.418   15.041  5.804   1.00 69.56  ? 248 LEU A O   1 
ATOM 1317 C CB  . LEU A 1 235 ? 4.092   12.977  6.063   1.00 74.73  ? 248 LEU A CB  1 
ATOM 1318 C CG  . LEU A 1 235 ? 3.251   12.347  7.171   1.00 80.69  ? 248 LEU A CG  1 
ATOM 1319 C CD1 . LEU A 1 235 ? 3.321   10.826  7.105   1.00 78.14  ? 248 LEU A CD1 1 
ATOM 1320 C CD2 . LEU A 1 235 ? 3.711   12.858  8.528   1.00 72.14  ? 248 LEU A CD2 1 
ATOM 1321 N N   . ILE A 1 236 ? 5.056   15.476  4.062   1.00 74.05  ? 249 ILE A N   1 
ATOM 1322 C CA  . ILE A 1 236 ? 6.110   16.045  3.234   1.00 78.98  ? 249 ILE A CA  1 
ATOM 1323 C C   . ILE A 1 236 ? 6.495   17.436  3.747   1.00 82.36  ? 249 ILE A C   1 
ATOM 1324 O O   . ILE A 1 236 ? 7.333   18.117  3.154   1.00 81.55  ? 249 ILE A O   1 
ATOM 1325 C CB  . ILE A 1 236 ? 5.686   16.130  1.751   1.00 77.70  ? 249 ILE A CB  1 
ATOM 1326 C CG1 . ILE A 1 236 ? 4.879   14.896  1.346   1.00 77.17  ? 249 ILE A CG1 1 
ATOM 1327 C CG2 . ILE A 1 236 ? 6.900   16.265  0.851   1.00 74.14  ? 249 ILE A CG2 1 
ATOM 1328 C CD1 . ILE A 1 236 ? 5.695   13.625  1.258   1.00 71.20  ? 249 ILE A CD1 1 
ATOM 1329 N N   . ARG A 1 237 ? 5.876   17.848  4.851   1.00 83.93  ? 250 ARG A N   1 
ATOM 1330 C CA  . ARG A 1 237 ? 6.181   19.130  5.479   1.00 77.37  ? 250 ARG A CA  1 
ATOM 1331 C C   . ARG A 1 237 ? 7.511   19.073  6.219   1.00 89.37  ? 250 ARG A C   1 
ATOM 1332 O O   . ARG A 1 237 ? 7.871   18.046  6.796   1.00 90.14  ? 250 ARG A O   1 
ATOM 1333 C CB  . ARG A 1 237 ? 5.077   19.534  6.445   1.00 86.53  ? 250 ARG A CB  1 
ATOM 1334 C CG  . ARG A 1 237 ? 5.062   18.740  7.738   1.00 88.35  ? 250 ARG A CG  1 
ATOM 1335 C CD  . ARG A 1 237 ? 3.985   19.261  8.677   1.00 89.50  ? 250 ARG A CD  1 
ATOM 1336 N NE  . ARG A 1 237 ? 2.766   19.626  7.959   1.00 88.83  ? 250 ARG A NE  1 
ATOM 1337 C CZ  . ARG A 1 237 ? 2.490   20.855  7.532   1.00 93.90  ? 250 ARG A CZ  1 
ATOM 1338 N NH1 . ARG A 1 237 ? 3.349   21.843  7.750   1.00 101.91 ? 250 ARG A NH1 1 
ATOM 1339 N NH2 . ARG A 1 237 ? 1.358   21.096  6.884   1.00 92.07  ? 250 ARG A NH2 1 
ATOM 1340 N N   . ASP A 1 238 ? 8.230   20.191  6.214   1.00 97.73  ? 251 ASP A N   1 
ATOM 1341 C CA  . ASP A 1 238 ? 9.609   20.214  6.688   1.00 97.98  ? 251 ASP A CA  1 
ATOM 1342 C C   . ASP A 1 238 ? 9.939   21.456  7.521   1.00 89.56  ? 251 ASP A C   1 
ATOM 1343 O O   . ASP A 1 238 ? 10.782  22.268  7.134   1.00 73.79  ? 251 ASP A O   1 
ATOM 1344 C CB  . ASP A 1 238 ? 10.553  20.123  5.488   1.00 90.80  ? 251 ASP A CB  1 
ATOM 1345 C CG  . ASP A 1 238 ? 10.148  21.061  4.364   1.00 95.80  ? 251 ASP A CG  1 
ATOM 1346 O OD1 . ASP A 1 238 ? 10.121  22.290  4.597   1.00 95.63  ? 251 ASP A OD1 1 
ATOM 1347 O OD2 . ASP A 1 238 ? 9.850   20.575  3.253   1.00 92.35  ? 251 ASP A OD2 1 
ATOM 1348 N N   . GLY A 1 239 ? 9.278   21.596  8.667   1.00 91.92  ? 252 GLY A N   1 
ATOM 1349 C CA  . GLY A 1 239 ? 9.569   22.685  9.581   1.00 89.70  ? 252 GLY A CA  1 
ATOM 1350 C C   . GLY A 1 239 ? 11.058  22.792  9.865   1.00 94.50  ? 252 GLY A C   1 
ATOM 1351 O O   . GLY A 1 239 ? 11.801  21.825  9.678   1.00 78.53  ? 252 GLY A O   1 
# 
